data_3ZOR
# 
_entry.id   3ZOR 
# 
_audit_conform.dict_name       mmcif_pdbx.dic 
_audit_conform.dict_version    5.398 
_audit_conform.dict_location   http://mmcif.pdb.org/dictionaries/ascii/mmcif_pdbx.dic 
# 
loop_
_database_2.database_id 
_database_2.database_code 
_database_2.pdbx_database_accession 
_database_2.pdbx_DOI 
PDB   3ZOR         pdb_00003zor 10.2210/pdb3zor/pdb 
PDBE  EBI-55935    ?            ?                   
WWPDB D_1290055935 ?            ?                   
# 
loop_
_pdbx_audit_revision_history.ordinal 
_pdbx_audit_revision_history.data_content_type 
_pdbx_audit_revision_history.major_revision 
_pdbx_audit_revision_history.minor_revision 
_pdbx_audit_revision_history.revision_date 
1 'Structure model' 1 0 2013-05-22 
2 'Structure model' 1 1 2013-05-29 
3 'Structure model' 1 2 2013-07-31 
4 'Structure model' 1 3 2019-05-22 
5 'Structure model' 1 4 2023-12-20 
6 'Structure model' 1 5 2024-11-13 
# 
_pdbx_audit_revision_details.ordinal             1 
_pdbx_audit_revision_details.revision_ordinal    1 
_pdbx_audit_revision_details.data_content_type   'Structure model' 
_pdbx_audit_revision_details.provider            repository 
_pdbx_audit_revision_details.type                'Initial release' 
_pdbx_audit_revision_details.description         ? 
_pdbx_audit_revision_details.details             ? 
# 
loop_
_pdbx_audit_revision_group.ordinal 
_pdbx_audit_revision_group.revision_ordinal 
_pdbx_audit_revision_group.data_content_type 
_pdbx_audit_revision_group.group 
1  2 'Structure model' 'Database references'      
2  3 'Structure model' 'Database references'      
3  4 'Structure model' 'Data collection'          
4  4 'Structure model' 'Experimental preparation' 
5  4 'Structure model' Other                      
6  5 'Structure model' 'Data collection'          
7  5 'Structure model' 'Database references'      
8  5 'Structure model' Other                      
9  5 'Structure model' 'Refinement description'   
10 6 'Structure model' 'Structure summary'        
# 
loop_
_pdbx_audit_revision_category.ordinal 
_pdbx_audit_revision_category.revision_ordinal 
_pdbx_audit_revision_category.data_content_type 
_pdbx_audit_revision_category.category 
1  4 'Structure model' exptl_crystal_grow            
2  4 'Structure model' pdbx_database_proc            
3  4 'Structure model' pdbx_database_status          
4  5 'Structure model' chem_comp_atom                
5  5 'Structure model' chem_comp_bond                
6  5 'Structure model' database_2                    
7  5 'Structure model' pdbx_database_status          
8  5 'Structure model' pdbx_initial_refinement_model 
9  6 'Structure model' pdbx_entry_details            
10 6 'Structure model' pdbx_modification_feature     
# 
loop_
_pdbx_audit_revision_item.ordinal 
_pdbx_audit_revision_item.revision_ordinal 
_pdbx_audit_revision_item.data_content_type 
_pdbx_audit_revision_item.item 
1 4 'Structure model' '_exptl_crystal_grow.temp'                    
2 4 'Structure model' '_pdbx_database_status.recvd_author_approval' 
3 5 'Structure model' '_database_2.pdbx_DOI'                        
4 5 'Structure model' '_database_2.pdbx_database_accession'         
5 5 'Structure model' '_pdbx_database_status.status_code_sf'        
# 
_pdbx_database_status.status_code                     REL 
_pdbx_database_status.entry_id                        3ZOR 
_pdbx_database_status.deposit_site                    PDBE 
_pdbx_database_status.process_site                    PDBE 
_pdbx_database_status.SG_entry                        . 
_pdbx_database_status.recvd_initial_deposition_date   2013-02-22 
_pdbx_database_status.pdb_format_compatible           Y 
_pdbx_database_status.status_code_sf                  REL 
_pdbx_database_status.status_code_mr                  ? 
_pdbx_database_status.status_code_cs                  ? 
_pdbx_database_status.methods_development_category    ? 
_pdbx_database_status.status_code_nmr_data            ? 
# 
_pdbx_database_related.db_name        PDB 
_pdbx_database_related.db_id          3ZOQ 
_pdbx_database_related.content_type   unspecified 
_pdbx_database_related.details        'STRUCTURE OF BSUDG-P56 COMPLEX' 
# 
loop_
_audit_author.name 
_audit_author.pdbx_ordinal 
'Banos-Sanz, J.I.'  1 
'Mojardin, L.'      2 
'Sanz-Aparicio, J.' 3 
'Gonzalez, B.'      4 
'Salas, M.'         5 
# 
_citation.id                        primary 
_citation.title                     
'Crystal Structure and Functional Insights Into Uracil-DNA Glycosylase Inhibition by Phage Phi29 DNA Mimic Protein P56' 
_citation.journal_abbrev            'Nucleic Acids Res.' 
_citation.journal_volume            41 
_citation.page_first                6761 
_citation.page_last                 ? 
_citation.year                      2013 
_citation.journal_id_ASTM           NARHAD 
_citation.country                   UK 
_citation.journal_id_ISSN           0305-1048 
_citation.journal_id_CSD            0389 
_citation.book_publisher            ? 
_citation.pdbx_database_id_PubMed   23671337 
_citation.pdbx_database_id_DOI      10.1093/NAR/GKT395 
# 
loop_
_citation_author.citation_id 
_citation_author.name 
_citation_author.ordinal 
_citation_author.identifier_ORCID 
primary 'Banos-Sanz, J.I.'  1 ? 
primary 'Mojardin, L.'      2 ? 
primary 'Sanz-Aparicio, J.' 3 ? 
primary 'Lazaro, J.M.'      4 ? 
primary 'Villar, L.'        5 ? 
primary 'Serrano-Heras, G.' 6 ? 
primary 'Gonzalez, B.'      7 ? 
primary 'Salas, M.'         8 ? 
# 
_entity.id                         1 
_entity.type                       polymer 
_entity.src_method                 man 
_entity.pdbx_description           'URACIL-DNA GLYCOSYLASE' 
_entity.formula_weight             26083.721 
_entity.pdbx_number_of_molecules   1 
_entity.pdbx_ec                    3.2.2.27 
_entity.pdbx_mutation              ? 
_entity.pdbx_fragment              ? 
_entity.details                    ? 
# 
_entity_name_com.entity_id   1 
_entity_name_com.name        UDG 
# 
_entity_poly.entity_id                      1 
_entity_poly.type                           'polypeptide(L)' 
_entity_poly.nstd_linkage                   no 
_entity_poly.nstd_monomer                   no 
_entity_poly.pdbx_seq_one_letter_code       
;MKQLLQDSWWNQLKEEFEKPYYQELREMLKREYAEQTIYPDSRDIFNALHYTSYDDVKVVILGQDPYHGPGQAQGLSFSV
KPGVKQPPSLKNIFLELQQDIGCSIPNHGSLVSWAKQGVLLLNTVLTVRRGQANSHKGKGWERLTDRIIDVLSERERPVI
FILWGRHAQMKKERIDTSKHFIIESTHPSPFSARNGFFGSRPFSRANAYLEKMGEAPIDWCIKDL
;
_entity_poly.pdbx_seq_one_letter_code_can   
;MKQLLQDSWWNQLKEEFEKPYYQELREMLKREYAEQTIYPDSRDIFNALHYTSYDDVKVVILGQDPYHGPGQAQGLSFSV
KPGVKQPPSLKNIFLELQQDIGCSIPNHGSLVSWAKQGVLLLNTVLTVRRGQANSHKGKGWERLTDRIIDVLSERERPVI
FILWGRHAQMKKERIDTSKHFIIESTHPSPFSARNGFFGSRPFSRANAYLEKMGEAPIDWCIKDL
;
_entity_poly.pdbx_strand_id                 A 
_entity_poly.pdbx_target_identifier         ? 
# 
loop_
_entity_poly_seq.entity_id 
_entity_poly_seq.num 
_entity_poly_seq.mon_id 
_entity_poly_seq.hetero 
1 1   MET n 
1 2   LYS n 
1 3   GLN n 
1 4   LEU n 
1 5   LEU n 
1 6   GLN n 
1 7   ASP n 
1 8   SER n 
1 9   TRP n 
1 10  TRP n 
1 11  ASN n 
1 12  GLN n 
1 13  LEU n 
1 14  LYS n 
1 15  GLU n 
1 16  GLU n 
1 17  PHE n 
1 18  GLU n 
1 19  LYS n 
1 20  PRO n 
1 21  TYR n 
1 22  TYR n 
1 23  GLN n 
1 24  GLU n 
1 25  LEU n 
1 26  ARG n 
1 27  GLU n 
1 28  MET n 
1 29  LEU n 
1 30  LYS n 
1 31  ARG n 
1 32  GLU n 
1 33  TYR n 
1 34  ALA n 
1 35  GLU n 
1 36  GLN n 
1 37  THR n 
1 38  ILE n 
1 39  TYR n 
1 40  PRO n 
1 41  ASP n 
1 42  SER n 
1 43  ARG n 
1 44  ASP n 
1 45  ILE n 
1 46  PHE n 
1 47  ASN n 
1 48  ALA n 
1 49  LEU n 
1 50  HIS n 
1 51  TYR n 
1 52  THR n 
1 53  SER n 
1 54  TYR n 
1 55  ASP n 
1 56  ASP n 
1 57  VAL n 
1 58  LYS n 
1 59  VAL n 
1 60  VAL n 
1 61  ILE n 
1 62  LEU n 
1 63  GLY n 
1 64  GLN n 
1 65  ASP n 
1 66  PRO n 
1 67  TYR n 
1 68  HIS n 
1 69  GLY n 
1 70  PRO n 
1 71  GLY n 
1 72  GLN n 
1 73  ALA n 
1 74  GLN n 
1 75  GLY n 
1 76  LEU n 
1 77  SER n 
1 78  PHE n 
1 79  SER n 
1 80  VAL n 
1 81  LYS n 
1 82  PRO n 
1 83  GLY n 
1 84  VAL n 
1 85  LYS n 
1 86  GLN n 
1 87  PRO n 
1 88  PRO n 
1 89  SER n 
1 90  LEU n 
1 91  LYS n 
1 92  ASN n 
1 93  ILE n 
1 94  PHE n 
1 95  LEU n 
1 96  GLU n 
1 97  LEU n 
1 98  GLN n 
1 99  GLN n 
1 100 ASP n 
1 101 ILE n 
1 102 GLY n 
1 103 CYS n 
1 104 SER n 
1 105 ILE n 
1 106 PRO n 
1 107 ASN n 
1 108 HIS n 
1 109 GLY n 
1 110 SER n 
1 111 LEU n 
1 112 VAL n 
1 113 SER n 
1 114 TRP n 
1 115 ALA n 
1 116 LYS n 
1 117 GLN n 
1 118 GLY n 
1 119 VAL n 
1 120 LEU n 
1 121 LEU n 
1 122 LEU n 
1 123 ASN n 
1 124 THR n 
1 125 VAL n 
1 126 LEU n 
1 127 THR n 
1 128 VAL n 
1 129 ARG n 
1 130 ARG n 
1 131 GLY n 
1 132 GLN n 
1 133 ALA n 
1 134 ASN n 
1 135 SER n 
1 136 HIS n 
1 137 LYS n 
1 138 GLY n 
1 139 LYS n 
1 140 GLY n 
1 141 TRP n 
1 142 GLU n 
1 143 ARG n 
1 144 LEU n 
1 145 THR n 
1 146 ASP n 
1 147 ARG n 
1 148 ILE n 
1 149 ILE n 
1 150 ASP n 
1 151 VAL n 
1 152 LEU n 
1 153 SER n 
1 154 GLU n 
1 155 ARG n 
1 156 GLU n 
1 157 ARG n 
1 158 PRO n 
1 159 VAL n 
1 160 ILE n 
1 161 PHE n 
1 162 ILE n 
1 163 LEU n 
1 164 TRP n 
1 165 GLY n 
1 166 ARG n 
1 167 HIS n 
1 168 ALA n 
1 169 GLN n 
1 170 MET n 
1 171 LYS n 
1 172 LYS n 
1 173 GLU n 
1 174 ARG n 
1 175 ILE n 
1 176 ASP n 
1 177 THR n 
1 178 SER n 
1 179 LYS n 
1 180 HIS n 
1 181 PHE n 
1 182 ILE n 
1 183 ILE n 
1 184 GLU n 
1 185 SER n 
1 186 THR n 
1 187 HIS n 
1 188 PRO n 
1 189 SER n 
1 190 PRO n 
1 191 PHE n 
1 192 SER n 
1 193 ALA n 
1 194 ARG n 
1 195 ASN n 
1 196 GLY n 
1 197 PHE n 
1 198 PHE n 
1 199 GLY n 
1 200 SER n 
1 201 ARG n 
1 202 PRO n 
1 203 PHE n 
1 204 SER n 
1 205 ARG n 
1 206 ALA n 
1 207 ASN n 
1 208 ALA n 
1 209 TYR n 
1 210 LEU n 
1 211 GLU n 
1 212 LYS n 
1 213 MET n 
1 214 GLY n 
1 215 GLU n 
1 216 ALA n 
1 217 PRO n 
1 218 ILE n 
1 219 ASP n 
1 220 TRP n 
1 221 CYS n 
1 222 ILE n 
1 223 LYS n 
1 224 ASP n 
1 225 LEU n 
# 
_entity_src_gen.entity_id                          1 
_entity_src_gen.pdbx_src_id                        1 
_entity_src_gen.pdbx_alt_source_flag               sample 
_entity_src_gen.pdbx_seq_type                      ? 
_entity_src_gen.pdbx_beg_seq_num                   ? 
_entity_src_gen.pdbx_end_seq_num                   ? 
_entity_src_gen.gene_src_common_name               ? 
_entity_src_gen.gene_src_genus                     ? 
_entity_src_gen.pdbx_gene_src_gene                 ? 
_entity_src_gen.gene_src_species                   ? 
_entity_src_gen.gene_src_strain                    ? 
_entity_src_gen.gene_src_tissue                    ? 
_entity_src_gen.gene_src_tissue_fraction           ? 
_entity_src_gen.gene_src_details                   ? 
_entity_src_gen.pdbx_gene_src_fragment             ? 
_entity_src_gen.pdbx_gene_src_scientific_name      'BACILLUS SUBTILIS SUBSP. SUBTILIS STR. 168' 
_entity_src_gen.pdbx_gene_src_ncbi_taxonomy_id     224308 
_entity_src_gen.pdbx_gene_src_variant              ? 
_entity_src_gen.pdbx_gene_src_cell_line            ? 
_entity_src_gen.pdbx_gene_src_atcc                 ? 
_entity_src_gen.pdbx_gene_src_organ                ? 
_entity_src_gen.pdbx_gene_src_organelle            ? 
_entity_src_gen.pdbx_gene_src_cell                 ? 
_entity_src_gen.pdbx_gene_src_cellular_location    ? 
_entity_src_gen.host_org_common_name               ? 
_entity_src_gen.pdbx_host_org_scientific_name      'ESCHERICHIA COLI' 
_entity_src_gen.pdbx_host_org_ncbi_taxonomy_id     469008 
_entity_src_gen.host_org_genus                     ? 
_entity_src_gen.pdbx_host_org_gene                 ? 
_entity_src_gen.pdbx_host_org_organ                ? 
_entity_src_gen.host_org_species                   ? 
_entity_src_gen.pdbx_host_org_tissue               ? 
_entity_src_gen.pdbx_host_org_tissue_fraction      ? 
_entity_src_gen.pdbx_host_org_strain               'BL21(DE3)' 
_entity_src_gen.pdbx_host_org_variant              ? 
_entity_src_gen.pdbx_host_org_cell_line            ? 
_entity_src_gen.pdbx_host_org_atcc                 ? 
_entity_src_gen.pdbx_host_org_culture_collection   ? 
_entity_src_gen.pdbx_host_org_cell                 ? 
_entity_src_gen.pdbx_host_org_organelle            ? 
_entity_src_gen.pdbx_host_org_cellular_location    ? 
_entity_src_gen.pdbx_host_org_vector_type          PLASMID 
_entity_src_gen.pdbx_host_org_vector               PT7-4 
_entity_src_gen.host_org_details                   ? 
_entity_src_gen.expression_system_id               ? 
_entity_src_gen.plasmid_name                       PT7-4-UDG-WT 
_entity_src_gen.plasmid_details                    ? 
_entity_src_gen.pdbx_description                   ? 
# 
loop_
_chem_comp.id 
_chem_comp.type 
_chem_comp.mon_nstd_flag 
_chem_comp.name 
_chem_comp.pdbx_synonyms 
_chem_comp.formula 
_chem_comp.formula_weight 
ALA 'L-peptide linking' y ALANINE         ? 'C3 H7 N O2'     89.093  
ARG 'L-peptide linking' y ARGININE        ? 'C6 H15 N4 O2 1' 175.209 
ASN 'L-peptide linking' y ASPARAGINE      ? 'C4 H8 N2 O3'    132.118 
ASP 'L-peptide linking' y 'ASPARTIC ACID' ? 'C4 H7 N O4'     133.103 
CYS 'L-peptide linking' y CYSTEINE        ? 'C3 H7 N O2 S'   121.158 
GLN 'L-peptide linking' y GLUTAMINE       ? 'C5 H10 N2 O3'   146.144 
GLU 'L-peptide linking' y 'GLUTAMIC ACID' ? 'C5 H9 N O4'     147.129 
GLY 'peptide linking'   y GLYCINE         ? 'C2 H5 N O2'     75.067  
HIS 'L-peptide linking' y HISTIDINE       ? 'C6 H10 N3 O2 1' 156.162 
ILE 'L-peptide linking' y ISOLEUCINE      ? 'C6 H13 N O2'    131.173 
LEU 'L-peptide linking' y LEUCINE         ? 'C6 H13 N O2'    131.173 
LYS 'L-peptide linking' y LYSINE          ? 'C6 H15 N2 O2 1' 147.195 
MET 'L-peptide linking' y METHIONINE      ? 'C5 H11 N O2 S'  149.211 
PHE 'L-peptide linking' y PHENYLALANINE   ? 'C9 H11 N O2'    165.189 
PRO 'L-peptide linking' y PROLINE         ? 'C5 H9 N O2'     115.130 
SER 'L-peptide linking' y SERINE          ? 'C3 H7 N O3'     105.093 
THR 'L-peptide linking' y THREONINE       ? 'C4 H9 N O3'     119.119 
TRP 'L-peptide linking' y TRYPTOPHAN      ? 'C11 H12 N2 O2'  204.225 
TYR 'L-peptide linking' y TYROSINE        ? 'C9 H11 N O3'    181.189 
VAL 'L-peptide linking' y VALINE          ? 'C5 H11 N O2'    117.146 
# 
loop_
_pdbx_poly_seq_scheme.asym_id 
_pdbx_poly_seq_scheme.entity_id 
_pdbx_poly_seq_scheme.seq_id 
_pdbx_poly_seq_scheme.mon_id 
_pdbx_poly_seq_scheme.ndb_seq_num 
_pdbx_poly_seq_scheme.pdb_seq_num 
_pdbx_poly_seq_scheme.auth_seq_num 
_pdbx_poly_seq_scheme.pdb_mon_id 
_pdbx_poly_seq_scheme.auth_mon_id 
_pdbx_poly_seq_scheme.pdb_strand_id 
_pdbx_poly_seq_scheme.pdb_ins_code 
_pdbx_poly_seq_scheme.hetero 
A 1 1   MET 1   1   ?   ?   ?   A . n 
A 1 2   LYS 2   2   ?   ?   ?   A . n 
A 1 3   GLN 3   3   3   GLN GLN A . n 
A 1 4   LEU 4   4   4   LEU LEU A . n 
A 1 5   LEU 5   5   5   LEU LEU A . n 
A 1 6   GLN 6   6   6   GLN GLN A . n 
A 1 7   ASP 7   7   7   ASP ASP A . n 
A 1 8   SER 8   8   8   SER SER A . n 
A 1 9   TRP 9   9   9   TRP TRP A . n 
A 1 10  TRP 10  10  10  TRP TRP A . n 
A 1 11  ASN 11  11  11  ASN ASN A . n 
A 1 12  GLN 12  12  12  GLN GLN A . n 
A 1 13  LEU 13  13  13  LEU LEU A . n 
A 1 14  LYS 14  14  14  LYS LYS A . n 
A 1 15  GLU 15  15  15  GLU GLU A . n 
A 1 16  GLU 16  16  16  GLU GLU A . n 
A 1 17  PHE 17  17  17  PHE PHE A . n 
A 1 18  GLU 18  18  18  GLU GLU A . n 
A 1 19  LYS 19  19  19  LYS LYS A . n 
A 1 20  PRO 20  20  20  PRO PRO A . n 
A 1 21  TYR 21  21  21  TYR TYR A . n 
A 1 22  TYR 22  22  22  TYR TYR A . n 
A 1 23  GLN 23  23  23  GLN GLN A . n 
A 1 24  GLU 24  24  24  GLU GLU A . n 
A 1 25  LEU 25  25  25  LEU LEU A . n 
A 1 26  ARG 26  26  26  ARG ARG A . n 
A 1 27  GLU 27  27  27  GLU GLU A . n 
A 1 28  MET 28  28  28  MET MET A . n 
A 1 29  LEU 29  29  29  LEU LEU A . n 
A 1 30  LYS 30  30  30  LYS LYS A . n 
A 1 31  ARG 31  31  31  ARG ARG A . n 
A 1 32  GLU 32  32  32  GLU GLU A . n 
A 1 33  TYR 33  33  33  TYR TYR A . n 
A 1 34  ALA 34  34  34  ALA ALA A . n 
A 1 35  GLU 35  35  35  GLU GLU A . n 
A 1 36  GLN 36  36  36  GLN GLN A . n 
A 1 37  THR 37  37  37  THR THR A . n 
A 1 38  ILE 38  38  38  ILE ILE A . n 
A 1 39  TYR 39  39  39  TYR TYR A . n 
A 1 40  PRO 40  40  40  PRO PRO A . n 
A 1 41  ASP 41  41  41  ASP ASP A . n 
A 1 42  SER 42  42  42  SER SER A . n 
A 1 43  ARG 43  43  43  ARG ARG A . n 
A 1 44  ASP 44  44  44  ASP ASP A . n 
A 1 45  ILE 45  45  45  ILE ILE A . n 
A 1 46  PHE 46  46  46  PHE PHE A . n 
A 1 47  ASN 47  47  47  ASN ASN A . n 
A 1 48  ALA 48  48  48  ALA ALA A . n 
A 1 49  LEU 49  49  49  LEU LEU A . n 
A 1 50  HIS 50  50  50  HIS HIS A . n 
A 1 51  TYR 51  51  51  TYR TYR A . n 
A 1 52  THR 52  52  52  THR THR A . n 
A 1 53  SER 53  53  53  SER SER A . n 
A 1 54  TYR 54  54  54  TYR TYR A . n 
A 1 55  ASP 55  55  55  ASP ASP A . n 
A 1 56  ASP 56  56  56  ASP ASP A . n 
A 1 57  VAL 57  57  57  VAL VAL A . n 
A 1 58  LYS 58  58  58  LYS LYS A . n 
A 1 59  VAL 59  59  59  VAL VAL A . n 
A 1 60  VAL 60  60  60  VAL VAL A . n 
A 1 61  ILE 61  61  61  ILE ILE A . n 
A 1 62  LEU 62  62  62  LEU LEU A . n 
A 1 63  GLY 63  63  63  GLY GLY A . n 
A 1 64  GLN 64  64  64  GLN GLN A . n 
A 1 65  ASP 65  65  65  ASP ASP A . n 
A 1 66  PRO 66  66  66  PRO PRO A . n 
A 1 67  TYR 67  67  67  TYR TYR A . n 
A 1 68  HIS 68  68  68  HIS HIS A . n 
A 1 69  GLY 69  69  69  GLY GLY A . n 
A 1 70  PRO 70  70  70  PRO PRO A . n 
A 1 71  GLY 71  71  71  GLY GLY A . n 
A 1 72  GLN 72  72  72  GLN GLN A . n 
A 1 73  ALA 73  73  73  ALA ALA A . n 
A 1 74  GLN 74  74  74  GLN GLN A . n 
A 1 75  GLY 75  75  75  GLY GLY A . n 
A 1 76  LEU 76  76  76  LEU LEU A . n 
A 1 77  SER 77  77  77  SER SER A . n 
A 1 78  PHE 78  78  78  PHE PHE A . n 
A 1 79  SER 79  79  79  SER SER A . n 
A 1 80  VAL 80  80  80  VAL VAL A . n 
A 1 81  LYS 81  81  81  LYS LYS A . n 
A 1 82  PRO 82  82  82  PRO PRO A . n 
A 1 83  GLY 83  83  83  GLY GLY A . n 
A 1 84  VAL 84  84  84  VAL VAL A . n 
A 1 85  LYS 85  85  85  LYS LYS A . n 
A 1 86  GLN 86  86  86  GLN GLN A . n 
A 1 87  PRO 87  87  87  PRO PRO A . n 
A 1 88  PRO 88  88  88  PRO PRO A . n 
A 1 89  SER 89  89  89  SER SER A . n 
A 1 90  LEU 90  90  90  LEU LEU A . n 
A 1 91  LYS 91  91  91  LYS LYS A . n 
A 1 92  ASN 92  92  92  ASN ASN A . n 
A 1 93  ILE 93  93  93  ILE ILE A . n 
A 1 94  PHE 94  94  94  PHE PHE A . n 
A 1 95  LEU 95  95  95  LEU LEU A . n 
A 1 96  GLU 96  96  96  GLU GLU A . n 
A 1 97  LEU 97  97  97  LEU LEU A . n 
A 1 98  GLN 98  98  98  GLN GLN A . n 
A 1 99  GLN 99  99  99  GLN GLN A . n 
A 1 100 ASP 100 100 100 ASP ASP A . n 
A 1 101 ILE 101 101 101 ILE ILE A . n 
A 1 102 GLY 102 102 102 GLY GLY A . n 
A 1 103 CYS 103 103 103 CYS CYS A . n 
A 1 104 SER 104 104 104 SER SER A . n 
A 1 105 ILE 105 105 105 ILE ILE A . n 
A 1 106 PRO 106 106 106 PRO PRO A . n 
A 1 107 ASN 107 107 107 ASN ASN A . n 
A 1 108 HIS 108 108 108 HIS HIS A . n 
A 1 109 GLY 109 109 109 GLY GLY A . n 
A 1 110 SER 110 110 110 SER SER A . n 
A 1 111 LEU 111 111 111 LEU LEU A . n 
A 1 112 VAL 112 112 112 VAL VAL A . n 
A 1 113 SER 113 113 113 SER SER A . n 
A 1 114 TRP 114 114 114 TRP TRP A . n 
A 1 115 ALA 115 115 115 ALA ALA A . n 
A 1 116 LYS 116 116 116 LYS LYS A . n 
A 1 117 GLN 117 117 117 GLN GLN A . n 
A 1 118 GLY 118 118 118 GLY GLY A . n 
A 1 119 VAL 119 119 119 VAL VAL A . n 
A 1 120 LEU 120 120 120 LEU LEU A . n 
A 1 121 LEU 121 121 121 LEU LEU A . n 
A 1 122 LEU 122 122 122 LEU LEU A . n 
A 1 123 ASN 123 123 123 ASN ASN A . n 
A 1 124 THR 124 124 124 THR THR A . n 
A 1 125 VAL 125 125 125 VAL VAL A . n 
A 1 126 LEU 126 126 126 LEU LEU A . n 
A 1 127 THR 127 127 127 THR THR A . n 
A 1 128 VAL 128 128 128 VAL VAL A . n 
A 1 129 ARG 129 129 129 ARG ARG A . n 
A 1 130 ARG 130 130 130 ARG ARG A . n 
A 1 131 GLY 131 131 131 GLY GLY A . n 
A 1 132 GLN 132 132 132 GLN GLN A . n 
A 1 133 ALA 133 133 133 ALA ALA A . n 
A 1 134 ASN 134 134 134 ASN ASN A . n 
A 1 135 SER 135 135 135 SER SER A . n 
A 1 136 HIS 136 136 136 HIS HIS A . n 
A 1 137 LYS 137 137 137 LYS LYS A . n 
A 1 138 GLY 138 138 138 GLY GLY A . n 
A 1 139 LYS 139 139 139 LYS LYS A . n 
A 1 140 GLY 140 140 140 GLY GLY A . n 
A 1 141 TRP 141 141 141 TRP TRP A . n 
A 1 142 GLU 142 142 142 GLU GLU A . n 
A 1 143 ARG 143 143 143 ARG ARG A . n 
A 1 144 LEU 144 144 144 LEU LEU A . n 
A 1 145 THR 145 145 145 THR THR A . n 
A 1 146 ASP 146 146 146 ASP ASP A . n 
A 1 147 ARG 147 147 147 ARG ARG A . n 
A 1 148 ILE 148 148 148 ILE ILE A . n 
A 1 149 ILE 149 149 149 ILE ILE A . n 
A 1 150 ASP 150 150 150 ASP ASP A . n 
A 1 151 VAL 151 151 151 VAL VAL A . n 
A 1 152 LEU 152 152 152 LEU LEU A . n 
A 1 153 SER 153 153 153 SER SER A . n 
A 1 154 GLU 154 154 154 GLU GLU A . n 
A 1 155 ARG 155 155 155 ARG ARG A . n 
A 1 156 GLU 156 156 156 GLU GLU A . n 
A 1 157 ARG 157 157 157 ARG ARG A . n 
A 1 158 PRO 158 158 158 PRO PRO A . n 
A 1 159 VAL 159 159 159 VAL VAL A . n 
A 1 160 ILE 160 160 160 ILE ILE A . n 
A 1 161 PHE 161 161 161 PHE PHE A . n 
A 1 162 ILE 162 162 162 ILE ILE A . n 
A 1 163 LEU 163 163 163 LEU LEU A . n 
A 1 164 TRP 164 164 164 TRP TRP A . n 
A 1 165 GLY 165 165 165 GLY GLY A . n 
A 1 166 ARG 166 166 166 ARG ARG A . n 
A 1 167 HIS 167 167 167 HIS HIS A . n 
A 1 168 ALA 168 168 168 ALA ALA A . n 
A 1 169 GLN 169 169 169 GLN GLN A . n 
A 1 170 MET 170 170 170 MET MET A . n 
A 1 171 LYS 171 171 171 LYS LYS A . n 
A 1 172 LYS 172 172 172 LYS LYS A . n 
A 1 173 GLU 173 173 173 GLU GLU A . n 
A 1 174 ARG 174 174 174 ARG ARG A . n 
A 1 175 ILE 175 175 175 ILE ILE A . n 
A 1 176 ASP 176 176 176 ASP ASP A . n 
A 1 177 THR 177 177 177 THR THR A . n 
A 1 178 SER 178 178 178 SER SER A . n 
A 1 179 LYS 179 179 179 LYS LYS A . n 
A 1 180 HIS 180 180 180 HIS HIS A . n 
A 1 181 PHE 181 181 181 PHE PHE A . n 
A 1 182 ILE 182 182 182 ILE ILE A . n 
A 1 183 ILE 183 183 183 ILE ILE A . n 
A 1 184 GLU 184 184 184 GLU GLU A . n 
A 1 185 SER 185 185 185 SER SER A . n 
A 1 186 THR 186 186 186 THR THR A . n 
A 1 187 HIS 187 187 187 HIS HIS A . n 
A 1 188 PRO 188 188 188 PRO PRO A . n 
A 1 189 SER 189 189 189 SER SER A . n 
A 1 190 PRO 190 190 190 PRO PRO A . n 
A 1 191 PHE 191 191 191 PHE PHE A . n 
A 1 192 SER 192 192 192 SER SER A . n 
A 1 193 ALA 193 193 193 ALA ALA A . n 
A 1 194 ARG 194 194 194 ARG ARG A . n 
A 1 195 ASN 195 195 195 ASN ASN A . n 
A 1 196 GLY 196 196 196 GLY GLY A . n 
A 1 197 PHE 197 197 197 PHE PHE A . n 
A 1 198 PHE 198 198 198 PHE PHE A . n 
A 1 199 GLY 199 199 199 GLY GLY A . n 
A 1 200 SER 200 200 200 SER SER A . n 
A 1 201 ARG 201 201 201 ARG ARG A . n 
A 1 202 PRO 202 202 202 PRO PRO A . n 
A 1 203 PHE 203 203 203 PHE PHE A . n 
A 1 204 SER 204 204 204 SER SER A . n 
A 1 205 ARG 205 205 205 ARG ARG A . n 
A 1 206 ALA 206 206 206 ALA ALA A . n 
A 1 207 ASN 207 207 207 ASN ASN A . n 
A 1 208 ALA 208 208 208 ALA ALA A . n 
A 1 209 TYR 209 209 209 TYR TYR A . n 
A 1 210 LEU 210 210 210 LEU LEU A . n 
A 1 211 GLU 211 211 211 GLU GLU A . n 
A 1 212 LYS 212 212 212 LYS LYS A . n 
A 1 213 MET 213 213 213 MET MET A . n 
A 1 214 GLY 214 214 214 GLY GLY A . n 
A 1 215 GLU 215 215 215 GLU GLU A . n 
A 1 216 ALA 216 216 216 ALA ALA A . n 
A 1 217 PRO 217 217 217 PRO PRO A . n 
A 1 218 ILE 218 218 218 ILE ILE A . n 
A 1 219 ASP 219 219 219 ASP ASP A . n 
A 1 220 TRP 220 220 220 TRP TRP A . n 
A 1 221 CYS 221 221 221 CYS CYS A . n 
A 1 222 ILE 222 222 222 ILE ILE A . n 
A 1 223 LYS 223 223 223 LYS LYS A . n 
A 1 224 ASP 224 224 224 ASP ASP A . n 
A 1 225 LEU 225 225 225 LEU LEU A . n 
# 
loop_
_software.name 
_software.classification 
_software.version 
_software.citation_id 
_software.pdbx_ordinal 
REFMAC refinement       5.7.0029 ? 1 
XDS    'data reduction' .        ? 2 
SCALA  'data scaling'   .        ? 3 
PHASER phasing          .        ? 4 
# 
_cell.entry_id           3ZOR 
_cell.length_a           65.305 
_cell.length_b           79.795 
_cell.length_c           97.362 
_cell.angle_alpha        90.00 
_cell.angle_beta         90.00 
_cell.angle_gamma        90.00 
_cell.Z_PDB              8 
_cell.pdbx_unique_axis   ? 
# 
_symmetry.entry_id                         3ZOR 
_symmetry.space_group_name_H-M             'I 2 2 2' 
_symmetry.pdbx_full_space_group_name_H-M   ? 
_symmetry.cell_setting                     ? 
_symmetry.Int_Tables_number                23 
# 
_exptl.entry_id          3ZOR 
_exptl.method            'X-RAY DIFFRACTION' 
_exptl.crystals_number   1 
# 
_exptl_crystal.id                    1 
_exptl_crystal.density_meas          ? 
_exptl_crystal.density_Matthews      2.51 
_exptl_crystal.density_percent_sol   50.94 
_exptl_crystal.description           NONE 
# 
_exptl_crystal_grow.crystal_id      1 
_exptl_crystal_grow.method          ? 
_exptl_crystal_grow.temp            291 
_exptl_crystal_grow.temp_details    ? 
_exptl_crystal_grow.pH              7.5 
_exptl_crystal_grow.pdbx_pH_range   ? 
_exptl_crystal_grow.pdbx_details    '0.2 M SODIUM FLUORIDE AND 20% PEG 3350 AT 291 K, pH 7.5' 
# 
_diffrn.id                     1 
_diffrn.ambient_temp           100 
_diffrn.ambient_temp_details   ? 
_diffrn.crystal_id             1 
# 
_diffrn_detector.diffrn_id              1 
_diffrn_detector.detector               PIXEL 
_diffrn_detector.type                   'DECTRIS PILATUS 6M' 
_diffrn_detector.pdbx_collection_date   2010-06-05 
_diffrn_detector.details                MIRRORS 
# 
_diffrn_radiation.diffrn_id                        1 
_diffrn_radiation.wavelength_id                    1 
_diffrn_radiation.pdbx_monochromatic_or_laue_m_l   M 
_diffrn_radiation.monochromator                    'SI(111) MONOCHROMATOR' 
_diffrn_radiation.pdbx_diffrn_protocol             'SINGLE WAVELENGTH' 
_diffrn_radiation.pdbx_scattering_type             x-ray 
# 
_diffrn_radiation_wavelength.id           1 
_diffrn_radiation_wavelength.wavelength   0.9791 
_diffrn_radiation_wavelength.wt           1.0 
# 
_diffrn_source.diffrn_id                   1 
_diffrn_source.source                      SYNCHROTRON 
_diffrn_source.type                        'ESRF BEAMLINE ID29' 
_diffrn_source.pdbx_synchrotron_site       ESRF 
_diffrn_source.pdbx_synchrotron_beamline   ID29 
_diffrn_source.pdbx_wavelength             0.9791 
_diffrn_source.pdbx_wavelength_list        ? 
# 
_reflns.pdbx_diffrn_id               1 
_reflns.pdbx_ordinal                 1 
_reflns.entry_id                     3ZOR 
_reflns.observed_criterion_sigma_I   2.0 
_reflns.observed_criterion_sigma_F   ? 
_reflns.d_resolution_low             48.98 
_reflns.d_resolution_high            2.95 
_reflns.number_obs                   5596 
_reflns.number_all                   ? 
_reflns.percent_possible_obs         99.9 
_reflns.pdbx_Rmerge_I_obs            0.16 
_reflns.pdbx_Rsym_value              ? 
_reflns.pdbx_netI_over_sigmaI        8.50 
_reflns.B_iso_Wilson_estimate        ? 
_reflns.pdbx_redundancy              6.1 
# 
_reflns_shell.pdbx_diffrn_id         1 
_reflns_shell.pdbx_ordinal           1 
_reflns_shell.d_res_high             2.95 
_reflns_shell.d_res_low              3.11 
_reflns_shell.percent_possible_all   99.9 
_reflns_shell.Rmerge_I_obs           0.46 
_reflns_shell.pdbx_Rsym_value        ? 
_reflns_shell.meanI_over_sigI_obs    3.40 
_reflns_shell.pdbx_redundancy        6.2 
# 
_refine.pdbx_refine_id                           'X-RAY DIFFRACTION' 
_refine.entry_id                                 3ZOR 
_refine.pdbx_diffrn_id                           1 
_refine.pdbx_TLS_residual_ADP_flag               ? 
_refine.ls_number_reflns_obs                     5313 
_refine.ls_number_reflns_all                     ? 
_refine.pdbx_ls_sigma_I                          ? 
_refine.pdbx_ls_sigma_F                          . 
_refine.pdbx_data_cutoff_high_absF               ? 
_refine.pdbx_data_cutoff_low_absF                ? 
_refine.pdbx_data_cutoff_high_rms_absF           ? 
_refine.ls_d_res_low                             48.73 
_refine.ls_d_res_high                            2.95 
_refine.ls_percent_reflns_obs                    99.30 
_refine.ls_R_factor_obs                          0.24045 
_refine.ls_R_factor_all                          ? 
_refine.ls_R_factor_R_work                       0.23779 
_refine.ls_R_factor_R_free                       0.29516 
_refine.ls_R_factor_R_free_error                 ? 
_refine.ls_R_factor_R_free_error_details         ? 
_refine.ls_percent_reflns_R_free                 4.5 
_refine.ls_number_reflns_R_free                  252 
_refine.ls_number_parameters                     ? 
_refine.ls_number_restraints                     ? 
_refine.occupancy_min                            ? 
_refine.occupancy_max                            ? 
_refine.correlation_coeff_Fo_to_Fc               0.890 
_refine.correlation_coeff_Fo_to_Fc_free          0.840 
_refine.B_iso_mean                               35.877 
_refine.aniso_B[1][1]                            -2.58 
_refine.aniso_B[2][2]                            -1.96 
_refine.aniso_B[3][3]                            4.54 
_refine.aniso_B[1][2]                            0.00 
_refine.aniso_B[1][3]                            0.00 
_refine.aniso_B[2][3]                            0.00 
_refine.solvent_model_details                    MASK 
_refine.solvent_model_param_ksol                 ? 
_refine.solvent_model_param_bsol                 ? 
_refine.pdbx_solvent_vdw_probe_radii             1.20 
_refine.pdbx_solvent_ion_probe_radii             0.80 
_refine.pdbx_solvent_shrinkage_radii             0.80 
_refine.pdbx_ls_cross_valid_method               THROUGHOUT 
_refine.details                                  'HYDROGENS HAVE BEEN ADDED IN THE RIDING POSITIONS.' 
_refine.pdbx_starting_model                      'PDB ENTRY 3ZOQ, CHAIN A' 
_refine.pdbx_method_to_determine_struct          'MOLECULAR REPLACEMENT' 
_refine.pdbx_isotropic_thermal_model             ? 
_refine.pdbx_stereochemistry_target_values       'MAXIMUM LIKELIHOOD' 
_refine.pdbx_stereochem_target_val_spec_case     ? 
_refine.pdbx_R_Free_selection_details            RANDOM 
_refine.pdbx_overall_ESU_R                       ? 
_refine.pdbx_overall_ESU_R_Free                  0.519 
_refine.overall_SU_ML                            0.479 
_refine.pdbx_overall_phase_error                 ? 
_refine.overall_SU_B                             24.305 
_refine.overall_SU_R_Cruickshank_DPI             ? 
_refine.pdbx_overall_SU_R_free_Cruickshank_DPI   ? 
_refine.pdbx_overall_SU_R_Blow_DPI               ? 
_refine.pdbx_overall_SU_R_free_Blow_DPI          ? 
# 
_refine_hist.pdbx_refine_id                   'X-RAY DIFFRACTION' 
_refine_hist.cycle_id                         LAST 
_refine_hist.pdbx_number_atoms_protein        1823 
_refine_hist.pdbx_number_atoms_nucleic_acid   0 
_refine_hist.pdbx_number_atoms_ligand         0 
_refine_hist.number_atoms_solvent             0 
_refine_hist.number_atoms_total               1823 
_refine_hist.d_res_high                       2.95 
_refine_hist.d_res_low                        48.73 
# 
loop_
_refine_ls_restr.type 
_refine_ls_restr.dev_ideal 
_refine_ls_restr.dev_ideal_target 
_refine_ls_restr.weight 
_refine_ls_restr.number 
_refine_ls_restr.pdbx_refine_id 
_refine_ls_restr.pdbx_restraint_function 
r_bond_refined_d             0.016  0.019  ? 1873 'X-RAY DIFFRACTION' ? 
r_bond_other_d               ?      ?      ? ?    'X-RAY DIFFRACTION' ? 
r_angle_refined_deg          1.739  1.948  ? 2534 'X-RAY DIFFRACTION' ? 
r_angle_other_deg            ?      ?      ? ?    'X-RAY DIFFRACTION' ? 
r_dihedral_angle_1_deg       6.334  5.000  ? 222  'X-RAY DIFFRACTION' ? 
r_dihedral_angle_2_deg       31.684 23.723 ? 94   'X-RAY DIFFRACTION' ? 
r_dihedral_angle_3_deg       17.107 15.000 ? 329  'X-RAY DIFFRACTION' ? 
r_dihedral_angle_4_deg       20.774 15.000 ? 14   'X-RAY DIFFRACTION' ? 
r_chiral_restr               0.107  0.200  ? 262  'X-RAY DIFFRACTION' ? 
r_gen_planes_refined         0.010  0.021  ? 1442 'X-RAY DIFFRACTION' ? 
r_gen_planes_other           ?      ?      ? ?    'X-RAY DIFFRACTION' ? 
r_nbd_refined                ?      ?      ? ?    'X-RAY DIFFRACTION' ? 
r_nbd_other                  ?      ?      ? ?    'X-RAY DIFFRACTION' ? 
r_nbtor_refined              ?      ?      ? ?    'X-RAY DIFFRACTION' ? 
r_nbtor_other                ?      ?      ? ?    'X-RAY DIFFRACTION' ? 
r_xyhbond_nbd_refined        ?      ?      ? ?    'X-RAY DIFFRACTION' ? 
r_xyhbond_nbd_other          ?      ?      ? ?    'X-RAY DIFFRACTION' ? 
r_metal_ion_refined          ?      ?      ? ?    'X-RAY DIFFRACTION' ? 
r_metal_ion_other            ?      ?      ? ?    'X-RAY DIFFRACTION' ? 
r_symmetry_vdw_refined       ?      ?      ? ?    'X-RAY DIFFRACTION' ? 
r_symmetry_vdw_other         ?      ?      ? ?    'X-RAY DIFFRACTION' ? 
r_symmetry_hbond_refined     ?      ?      ? ?    'X-RAY DIFFRACTION' ? 
r_symmetry_hbond_other       ?      ?      ? ?    'X-RAY DIFFRACTION' ? 
r_symmetry_metal_ion_refined ?      ?      ? ?    'X-RAY DIFFRACTION' ? 
r_symmetry_metal_ion_other   ?      ?      ? ?    'X-RAY DIFFRACTION' ? 
r_mcbond_it                  ?      ?      ? ?    'X-RAY DIFFRACTION' ? 
r_mcbond_other               ?      ?      ? ?    'X-RAY DIFFRACTION' ? 
r_mcangle_it                 ?      ?      ? ?    'X-RAY DIFFRACTION' ? 
r_mcangle_other              ?      ?      ? ?    'X-RAY DIFFRACTION' ? 
r_scbond_it                  ?      ?      ? ?    'X-RAY DIFFRACTION' ? 
r_scbond_other               ?      ?      ? ?    'X-RAY DIFFRACTION' ? 
r_scangle_it                 ?      ?      ? ?    'X-RAY DIFFRACTION' ? 
r_scangle_other              ?      ?      ? ?    'X-RAY DIFFRACTION' ? 
r_long_range_B_refined       ?      ?      ? ?    'X-RAY DIFFRACTION' ? 
r_long_range_B_other         ?      ?      ? ?    'X-RAY DIFFRACTION' ? 
r_rigid_bond_restr           ?      ?      ? ?    'X-RAY DIFFRACTION' ? 
r_sphericity_free            ?      ?      ? ?    'X-RAY DIFFRACTION' ? 
r_sphericity_bonded          ?      ?      ? ?    'X-RAY DIFFRACTION' ? 
# 
_refine_ls_shell.pdbx_refine_id                   'X-RAY DIFFRACTION' 
_refine_ls_shell.pdbx_total_number_of_bins_used   20 
_refine_ls_shell.d_res_high                       2.950 
_refine_ls_shell.d_res_low                        3.027 
_refine_ls_shell.number_reflns_R_work             368 
_refine_ls_shell.R_factor_R_work                  0.250 
_refine_ls_shell.percent_reflns_obs               99.74 
_refine_ls_shell.R_factor_R_free                  0.292 
_refine_ls_shell.R_factor_R_free_error            ? 
_refine_ls_shell.percent_reflns_R_free            ? 
_refine_ls_shell.number_reflns_R_free             14 
_refine_ls_shell.number_reflns_all                ? 
_refine_ls_shell.R_factor_all                     ? 
# 
_struct.entry_id                  3ZOR 
_struct.title                     'Structure of BsUDG' 
_struct.pdbx_model_details        ? 
_struct.pdbx_CASP_flag            ? 
_struct.pdbx_model_type_details   ? 
# 
_struct_keywords.entry_id        3ZOR 
_struct_keywords.pdbx_keywords   HYDROLASE 
_struct_keywords.text            HYDROLASE 
# 
_struct_asym.id                            A 
_struct_asym.pdbx_blank_PDB_chainid_flag   N 
_struct_asym.pdbx_modified                 N 
_struct_asym.entity_id                     1 
_struct_asym.details                       ? 
# 
_struct_ref.id                         1 
_struct_ref.db_name                    UNP 
_struct_ref.db_code                    UNG_BACSU 
_struct_ref.entity_id                  1 
_struct_ref.pdbx_seq_one_letter_code   ? 
_struct_ref.pdbx_align_begin           ? 
_struct_ref.pdbx_db_accession          P39615 
_struct_ref.pdbx_db_isoform            ? 
# 
_struct_ref_seq.align_id                      1 
_struct_ref_seq.ref_id                        1 
_struct_ref_seq.pdbx_PDB_id_code              3ZOR 
_struct_ref_seq.pdbx_strand_id                A 
_struct_ref_seq.seq_align_beg                 1 
_struct_ref_seq.pdbx_seq_align_beg_ins_code   ? 
_struct_ref_seq.seq_align_end                 225 
_struct_ref_seq.pdbx_seq_align_end_ins_code   ? 
_struct_ref_seq.pdbx_db_accession             P39615 
_struct_ref_seq.db_align_beg                  1 
_struct_ref_seq.pdbx_db_align_beg_ins_code    ? 
_struct_ref_seq.db_align_end                  225 
_struct_ref_seq.pdbx_db_align_end_ins_code    ? 
_struct_ref_seq.pdbx_auth_seq_align_beg       1 
_struct_ref_seq.pdbx_auth_seq_align_end       225 
# 
_pdbx_struct_assembly.id                   1 
_pdbx_struct_assembly.details              author_and_software_defined_assembly 
_pdbx_struct_assembly.method_details       PISA 
_pdbx_struct_assembly.oligomeric_details   monomeric 
_pdbx_struct_assembly.oligomeric_count     1 
# 
_pdbx_struct_assembly_gen.assembly_id       1 
_pdbx_struct_assembly_gen.oper_expression   1 
_pdbx_struct_assembly_gen.asym_id_list      A 
# 
_pdbx_struct_oper_list.id                   1 
_pdbx_struct_oper_list.type                 'identity operation' 
_pdbx_struct_oper_list.name                 1_555 
_pdbx_struct_oper_list.symmetry_operation   x,y,z 
_pdbx_struct_oper_list.matrix[1][1]         1.0000000000 
_pdbx_struct_oper_list.matrix[1][2]         0.0000000000 
_pdbx_struct_oper_list.matrix[1][3]         0.0000000000 
_pdbx_struct_oper_list.vector[1]            0.0000000000 
_pdbx_struct_oper_list.matrix[2][1]         0.0000000000 
_pdbx_struct_oper_list.matrix[2][2]         1.0000000000 
_pdbx_struct_oper_list.matrix[2][3]         0.0000000000 
_pdbx_struct_oper_list.vector[2]            0.0000000000 
_pdbx_struct_oper_list.matrix[3][1]         0.0000000000 
_pdbx_struct_oper_list.matrix[3][2]         0.0000000000 
_pdbx_struct_oper_list.matrix[3][3]         1.0000000000 
_pdbx_struct_oper_list.vector[3]            0.0000000000 
# 
_struct_biol.id   1 
# 
loop_
_struct_conf.conf_type_id 
_struct_conf.id 
_struct_conf.pdbx_PDB_helix_id 
_struct_conf.beg_label_comp_id 
_struct_conf.beg_label_asym_id 
_struct_conf.beg_label_seq_id 
_struct_conf.pdbx_beg_PDB_ins_code 
_struct_conf.end_label_comp_id 
_struct_conf.end_label_asym_id 
_struct_conf.end_label_seq_id 
_struct_conf.pdbx_end_PDB_ins_code 
_struct_conf.beg_auth_comp_id 
_struct_conf.beg_auth_asym_id 
_struct_conf.beg_auth_seq_id 
_struct_conf.end_auth_comp_id 
_struct_conf.end_auth_asym_id 
_struct_conf.end_auth_seq_id 
_struct_conf.pdbx_PDB_helix_class 
_struct_conf.details 
_struct_conf.pdbx_PDB_helix_length 
HELX_P HELX_P1  1  GLN A 6   ? GLU A 18  ? GLN A 6   GLU A 18  1 ? 13 
HELX_P HELX_P2  2  LYS A 19  ? GLN A 36  ? LYS A 19  GLN A 36  1 ? 18 
HELX_P HELX_P3  3  ASP A 41  ? ILE A 45  ? ASP A 41  ILE A 45  5 ? 5  
HELX_P HELX_P4  4  PHE A 46  ? THR A 52  ? PHE A 46  THR A 52  1 ? 7  
HELX_P HELX_P5  5  PRO A 87  ? ILE A 101 ? PRO A 87  ILE A 101 1 ? 15 
HELX_P HELX_P6  6  LEU A 111 ? GLN A 117 ? LEU A 111 GLN A 117 1 ? 7  
HELX_P HELX_P7  7  GLY A 140 ? ARG A 155 ? GLY A 140 ARG A 155 1 ? 16 
HELX_P HELX_P8  8  GLY A 165 ? MET A 170 ? GLY A 165 MET A 170 1 ? 6  
HELX_P HELX_P9  9  LYS A 171 ? ILE A 175 ? LYS A 171 ILE A 175 5 ? 5  
HELX_P HELX_P10 10 SER A 192 ? GLY A 196 ? SER A 192 GLY A 196 5 ? 5  
HELX_P HELX_P11 11 ARG A 201 ? LYS A 212 ? ARG A 201 LYS A 212 1 ? 12 
# 
_struct_conf_type.id          HELX_P 
_struct_conf_type.criteria    ? 
_struct_conf_type.reference   ? 
# 
_struct_conn.id                            disulf1 
_struct_conn.conn_type_id                  disulf 
_struct_conn.pdbx_leaving_atom_flag        ? 
_struct_conn.pdbx_PDB_id                   ? 
_struct_conn.ptnr1_label_asym_id           A 
_struct_conn.ptnr1_label_comp_id           CYS 
_struct_conn.ptnr1_label_seq_id            103 
_struct_conn.ptnr1_label_atom_id           SG 
_struct_conn.pdbx_ptnr1_label_alt_id       ? 
_struct_conn.pdbx_ptnr1_PDB_ins_code       ? 
_struct_conn.pdbx_ptnr1_standard_comp_id   ? 
_struct_conn.ptnr1_symmetry                1_555 
_struct_conn.ptnr2_label_asym_id           A 
_struct_conn.ptnr2_label_comp_id           CYS 
_struct_conn.ptnr2_label_seq_id            221 
_struct_conn.ptnr2_label_atom_id           SG 
_struct_conn.pdbx_ptnr2_label_alt_id       ? 
_struct_conn.pdbx_ptnr2_PDB_ins_code       ? 
_struct_conn.ptnr1_auth_asym_id            A 
_struct_conn.ptnr1_auth_comp_id            CYS 
_struct_conn.ptnr1_auth_seq_id             103 
_struct_conn.ptnr2_auth_asym_id            A 
_struct_conn.ptnr2_auth_comp_id            CYS 
_struct_conn.ptnr2_auth_seq_id             221 
_struct_conn.ptnr2_symmetry                1_555 
_struct_conn.pdbx_ptnr3_label_atom_id      ? 
_struct_conn.pdbx_ptnr3_label_seq_id       ? 
_struct_conn.pdbx_ptnr3_label_comp_id      ? 
_struct_conn.pdbx_ptnr3_label_asym_id      ? 
_struct_conn.pdbx_ptnr3_label_alt_id       ? 
_struct_conn.pdbx_ptnr3_PDB_ins_code       ? 
_struct_conn.details                       ? 
_struct_conn.pdbx_dist_value               2.124 
_struct_conn.pdbx_value_order              ? 
_struct_conn.pdbx_role                     ? 
# 
_struct_conn_type.id          disulf 
_struct_conn_type.criteria    ? 
_struct_conn_type.reference   ? 
# 
_pdbx_modification_feature.ordinal                            1 
_pdbx_modification_feature.label_comp_id                      CYS 
_pdbx_modification_feature.label_asym_id                      A 
_pdbx_modification_feature.label_seq_id                       103 
_pdbx_modification_feature.label_alt_id                       ? 
_pdbx_modification_feature.modified_residue_label_comp_id     CYS 
_pdbx_modification_feature.modified_residue_label_asym_id     A 
_pdbx_modification_feature.modified_residue_label_seq_id      221 
_pdbx_modification_feature.modified_residue_label_alt_id      ? 
_pdbx_modification_feature.auth_comp_id                       CYS 
_pdbx_modification_feature.auth_asym_id                       A 
_pdbx_modification_feature.auth_seq_id                        103 
_pdbx_modification_feature.PDB_ins_code                       ? 
_pdbx_modification_feature.symmetry                           1_555 
_pdbx_modification_feature.modified_residue_auth_comp_id      CYS 
_pdbx_modification_feature.modified_residue_auth_asym_id      A 
_pdbx_modification_feature.modified_residue_auth_seq_id       221 
_pdbx_modification_feature.modified_residue_PDB_ins_code      ? 
_pdbx_modification_feature.modified_residue_symmetry          1_555 
_pdbx_modification_feature.comp_id_linking_atom               SG 
_pdbx_modification_feature.modified_residue_id_linking_atom   SG 
_pdbx_modification_feature.modified_residue_id                . 
_pdbx_modification_feature.ref_pcm_id                         . 
_pdbx_modification_feature.ref_comp_id                        . 
_pdbx_modification_feature.type                               None 
_pdbx_modification_feature.category                           'Disulfide bridge' 
# 
_struct_mon_prot_cis.pdbx_id                1 
_struct_mon_prot_cis.label_comp_id          TYR 
_struct_mon_prot_cis.label_seq_id           39 
_struct_mon_prot_cis.label_asym_id          A 
_struct_mon_prot_cis.label_alt_id           . 
_struct_mon_prot_cis.pdbx_PDB_ins_code      ? 
_struct_mon_prot_cis.auth_comp_id           TYR 
_struct_mon_prot_cis.auth_seq_id            39 
_struct_mon_prot_cis.auth_asym_id           A 
_struct_mon_prot_cis.pdbx_label_comp_id_2   PRO 
_struct_mon_prot_cis.pdbx_label_seq_id_2    40 
_struct_mon_prot_cis.pdbx_label_asym_id_2   A 
_struct_mon_prot_cis.pdbx_PDB_ins_code_2    ? 
_struct_mon_prot_cis.pdbx_auth_comp_id_2    PRO 
_struct_mon_prot_cis.pdbx_auth_seq_id_2     40 
_struct_mon_prot_cis.pdbx_auth_asym_id_2    A 
_struct_mon_prot_cis.pdbx_PDB_model_num     1 
_struct_mon_prot_cis.pdbx_omega_angle       -5.68 
# 
loop_
_struct_sheet.id 
_struct_sheet.type 
_struct_sheet.number_strands 
_struct_sheet.details 
AA ? 2 ? 
AB ? 4 ? 
# 
loop_
_struct_sheet_order.sheet_id 
_struct_sheet_order.range_id_1 
_struct_sheet_order.range_id_2 
_struct_sheet_order.offset 
_struct_sheet_order.sense 
AA 1 2 ? anti-parallel 
AB 1 2 ? parallel      
AB 2 3 ? parallel      
AB 3 4 ? parallel      
# 
loop_
_struct_sheet_range.sheet_id 
_struct_sheet_range.id 
_struct_sheet_range.beg_label_comp_id 
_struct_sheet_range.beg_label_asym_id 
_struct_sheet_range.beg_label_seq_id 
_struct_sheet_range.pdbx_beg_PDB_ins_code 
_struct_sheet_range.end_label_comp_id 
_struct_sheet_range.end_label_asym_id 
_struct_sheet_range.end_label_seq_id 
_struct_sheet_range.pdbx_end_PDB_ins_code 
_struct_sheet_range.beg_auth_comp_id 
_struct_sheet_range.beg_auth_asym_id 
_struct_sheet_range.beg_auth_seq_id 
_struct_sheet_range.end_auth_comp_id 
_struct_sheet_range.end_auth_asym_id 
_struct_sheet_range.end_auth_seq_id 
AA 1 ILE A 38  ? TYR A 39  ? ILE A 38  TYR A 39  
AA 2 VAL A 128 ? ARG A 129 ? VAL A 128 ARG A 129 
AB 1 VAL A 119 ? ASN A 123 ? VAL A 119 ASN A 123 
AB 2 VAL A 59  ? GLY A 63  ? VAL A 59  GLY A 63  
AB 3 ILE A 160 ? TRP A 164 ? ILE A 160 TRP A 164 
AB 4 PHE A 181 ? SER A 185 ? PHE A 181 SER A 185 
# 
loop_
_pdbx_struct_sheet_hbond.sheet_id 
_pdbx_struct_sheet_hbond.range_id_1 
_pdbx_struct_sheet_hbond.range_id_2 
_pdbx_struct_sheet_hbond.range_1_label_atom_id 
_pdbx_struct_sheet_hbond.range_1_label_comp_id 
_pdbx_struct_sheet_hbond.range_1_label_asym_id 
_pdbx_struct_sheet_hbond.range_1_label_seq_id 
_pdbx_struct_sheet_hbond.range_1_PDB_ins_code 
_pdbx_struct_sheet_hbond.range_1_auth_atom_id 
_pdbx_struct_sheet_hbond.range_1_auth_comp_id 
_pdbx_struct_sheet_hbond.range_1_auth_asym_id 
_pdbx_struct_sheet_hbond.range_1_auth_seq_id 
_pdbx_struct_sheet_hbond.range_2_label_atom_id 
_pdbx_struct_sheet_hbond.range_2_label_comp_id 
_pdbx_struct_sheet_hbond.range_2_label_asym_id 
_pdbx_struct_sheet_hbond.range_2_label_seq_id 
_pdbx_struct_sheet_hbond.range_2_PDB_ins_code 
_pdbx_struct_sheet_hbond.range_2_auth_atom_id 
_pdbx_struct_sheet_hbond.range_2_auth_comp_id 
_pdbx_struct_sheet_hbond.range_2_auth_asym_id 
_pdbx_struct_sheet_hbond.range_2_auth_seq_id 
AA 1 2 N TYR A 39  ? N TYR A 39  O VAL A 128 ? O VAL A 128 
AB 1 2 N LEU A 120 ? N LEU A 120 O VAL A 59  ? O VAL A 59  
AB 2 3 N VAL A 60  ? N VAL A 60  O ILE A 160 ? O ILE A 160 
AB 3 4 N PHE A 161 ? N PHE A 161 O PHE A 181 ? O PHE A 181 
# 
_pdbx_entry_details.entry_id                   3ZOR 
_pdbx_entry_details.compound_details           ? 
_pdbx_entry_details.source_details             ? 
_pdbx_entry_details.nonpolymer_details         ? 
_pdbx_entry_details.sequence_details           ? 
_pdbx_entry_details.has_ligand_of_interest     ? 
_pdbx_entry_details.has_protein_modification   Y 
# 
loop_
_pdbx_validate_torsion.id 
_pdbx_validate_torsion.PDB_model_num 
_pdbx_validate_torsion.auth_comp_id 
_pdbx_validate_torsion.auth_asym_id 
_pdbx_validate_torsion.auth_seq_id 
_pdbx_validate_torsion.PDB_ins_code 
_pdbx_validate_torsion.label_alt_id 
_pdbx_validate_torsion.phi 
_pdbx_validate_torsion.psi 
1 1 GLN A 64 ? ? -93.56 -97.15 
2 1 GLN A 72 ? ? -92.42 -67.06 
3 1 PHE A 78 ? ? 68.91  -36.54 
# 
loop_
_pdbx_unobs_or_zero_occ_residues.id 
_pdbx_unobs_or_zero_occ_residues.PDB_model_num 
_pdbx_unobs_or_zero_occ_residues.polymer_flag 
_pdbx_unobs_or_zero_occ_residues.occupancy_flag 
_pdbx_unobs_or_zero_occ_residues.auth_asym_id 
_pdbx_unobs_or_zero_occ_residues.auth_comp_id 
_pdbx_unobs_or_zero_occ_residues.auth_seq_id 
_pdbx_unobs_or_zero_occ_residues.PDB_ins_code 
_pdbx_unobs_or_zero_occ_residues.label_asym_id 
_pdbx_unobs_or_zero_occ_residues.label_comp_id 
_pdbx_unobs_or_zero_occ_residues.label_seq_id 
1 1 Y 1 A MET 1 ? A MET 1 
2 1 Y 1 A LYS 2 ? A LYS 2 
# 
loop_
_chem_comp_atom.comp_id 
_chem_comp_atom.atom_id 
_chem_comp_atom.type_symbol 
_chem_comp_atom.pdbx_aromatic_flag 
_chem_comp_atom.pdbx_stereo_config 
_chem_comp_atom.pdbx_ordinal 
ALA N    N N N 1   
ALA CA   C N S 2   
ALA C    C N N 3   
ALA O    O N N 4   
ALA CB   C N N 5   
ALA OXT  O N N 6   
ALA H    H N N 7   
ALA H2   H N N 8   
ALA HA   H N N 9   
ALA HB1  H N N 10  
ALA HB2  H N N 11  
ALA HB3  H N N 12  
ALA HXT  H N N 13  
ARG N    N N N 14  
ARG CA   C N S 15  
ARG C    C N N 16  
ARG O    O N N 17  
ARG CB   C N N 18  
ARG CG   C N N 19  
ARG CD   C N N 20  
ARG NE   N N N 21  
ARG CZ   C N N 22  
ARG NH1  N N N 23  
ARG NH2  N N N 24  
ARG OXT  O N N 25  
ARG H    H N N 26  
ARG H2   H N N 27  
ARG HA   H N N 28  
ARG HB2  H N N 29  
ARG HB3  H N N 30  
ARG HG2  H N N 31  
ARG HG3  H N N 32  
ARG HD2  H N N 33  
ARG HD3  H N N 34  
ARG HE   H N N 35  
ARG HH11 H N N 36  
ARG HH12 H N N 37  
ARG HH21 H N N 38  
ARG HH22 H N N 39  
ARG HXT  H N N 40  
ASN N    N N N 41  
ASN CA   C N S 42  
ASN C    C N N 43  
ASN O    O N N 44  
ASN CB   C N N 45  
ASN CG   C N N 46  
ASN OD1  O N N 47  
ASN ND2  N N N 48  
ASN OXT  O N N 49  
ASN H    H N N 50  
ASN H2   H N N 51  
ASN HA   H N N 52  
ASN HB2  H N N 53  
ASN HB3  H N N 54  
ASN HD21 H N N 55  
ASN HD22 H N N 56  
ASN HXT  H N N 57  
ASP N    N N N 58  
ASP CA   C N S 59  
ASP C    C N N 60  
ASP O    O N N 61  
ASP CB   C N N 62  
ASP CG   C N N 63  
ASP OD1  O N N 64  
ASP OD2  O N N 65  
ASP OXT  O N N 66  
ASP H    H N N 67  
ASP H2   H N N 68  
ASP HA   H N N 69  
ASP HB2  H N N 70  
ASP HB3  H N N 71  
ASP HD2  H N N 72  
ASP HXT  H N N 73  
CYS N    N N N 74  
CYS CA   C N R 75  
CYS C    C N N 76  
CYS O    O N N 77  
CYS CB   C N N 78  
CYS SG   S N N 79  
CYS OXT  O N N 80  
CYS H    H N N 81  
CYS H2   H N N 82  
CYS HA   H N N 83  
CYS HB2  H N N 84  
CYS HB3  H N N 85  
CYS HG   H N N 86  
CYS HXT  H N N 87  
GLN N    N N N 88  
GLN CA   C N S 89  
GLN C    C N N 90  
GLN O    O N N 91  
GLN CB   C N N 92  
GLN CG   C N N 93  
GLN CD   C N N 94  
GLN OE1  O N N 95  
GLN NE2  N N N 96  
GLN OXT  O N N 97  
GLN H    H N N 98  
GLN H2   H N N 99  
GLN HA   H N N 100 
GLN HB2  H N N 101 
GLN HB3  H N N 102 
GLN HG2  H N N 103 
GLN HG3  H N N 104 
GLN HE21 H N N 105 
GLN HE22 H N N 106 
GLN HXT  H N N 107 
GLU N    N N N 108 
GLU CA   C N S 109 
GLU C    C N N 110 
GLU O    O N N 111 
GLU CB   C N N 112 
GLU CG   C N N 113 
GLU CD   C N N 114 
GLU OE1  O N N 115 
GLU OE2  O N N 116 
GLU OXT  O N N 117 
GLU H    H N N 118 
GLU H2   H N N 119 
GLU HA   H N N 120 
GLU HB2  H N N 121 
GLU HB3  H N N 122 
GLU HG2  H N N 123 
GLU HG3  H N N 124 
GLU HE2  H N N 125 
GLU HXT  H N N 126 
GLY N    N N N 127 
GLY CA   C N N 128 
GLY C    C N N 129 
GLY O    O N N 130 
GLY OXT  O N N 131 
GLY H    H N N 132 
GLY H2   H N N 133 
GLY HA2  H N N 134 
GLY HA3  H N N 135 
GLY HXT  H N N 136 
HIS N    N N N 137 
HIS CA   C N S 138 
HIS C    C N N 139 
HIS O    O N N 140 
HIS CB   C N N 141 
HIS CG   C Y N 142 
HIS ND1  N Y N 143 
HIS CD2  C Y N 144 
HIS CE1  C Y N 145 
HIS NE2  N Y N 146 
HIS OXT  O N N 147 
HIS H    H N N 148 
HIS H2   H N N 149 
HIS HA   H N N 150 
HIS HB2  H N N 151 
HIS HB3  H N N 152 
HIS HD1  H N N 153 
HIS HD2  H N N 154 
HIS HE1  H N N 155 
HIS HE2  H N N 156 
HIS HXT  H N N 157 
ILE N    N N N 158 
ILE CA   C N S 159 
ILE C    C N N 160 
ILE O    O N N 161 
ILE CB   C N S 162 
ILE CG1  C N N 163 
ILE CG2  C N N 164 
ILE CD1  C N N 165 
ILE OXT  O N N 166 
ILE H    H N N 167 
ILE H2   H N N 168 
ILE HA   H N N 169 
ILE HB   H N N 170 
ILE HG12 H N N 171 
ILE HG13 H N N 172 
ILE HG21 H N N 173 
ILE HG22 H N N 174 
ILE HG23 H N N 175 
ILE HD11 H N N 176 
ILE HD12 H N N 177 
ILE HD13 H N N 178 
ILE HXT  H N N 179 
LEU N    N N N 180 
LEU CA   C N S 181 
LEU C    C N N 182 
LEU O    O N N 183 
LEU CB   C N N 184 
LEU CG   C N N 185 
LEU CD1  C N N 186 
LEU CD2  C N N 187 
LEU OXT  O N N 188 
LEU H    H N N 189 
LEU H2   H N N 190 
LEU HA   H N N 191 
LEU HB2  H N N 192 
LEU HB3  H N N 193 
LEU HG   H N N 194 
LEU HD11 H N N 195 
LEU HD12 H N N 196 
LEU HD13 H N N 197 
LEU HD21 H N N 198 
LEU HD22 H N N 199 
LEU HD23 H N N 200 
LEU HXT  H N N 201 
LYS N    N N N 202 
LYS CA   C N S 203 
LYS C    C N N 204 
LYS O    O N N 205 
LYS CB   C N N 206 
LYS CG   C N N 207 
LYS CD   C N N 208 
LYS CE   C N N 209 
LYS NZ   N N N 210 
LYS OXT  O N N 211 
LYS H    H N N 212 
LYS H2   H N N 213 
LYS HA   H N N 214 
LYS HB2  H N N 215 
LYS HB3  H N N 216 
LYS HG2  H N N 217 
LYS HG3  H N N 218 
LYS HD2  H N N 219 
LYS HD3  H N N 220 
LYS HE2  H N N 221 
LYS HE3  H N N 222 
LYS HZ1  H N N 223 
LYS HZ2  H N N 224 
LYS HZ3  H N N 225 
LYS HXT  H N N 226 
MET N    N N N 227 
MET CA   C N S 228 
MET C    C N N 229 
MET O    O N N 230 
MET CB   C N N 231 
MET CG   C N N 232 
MET SD   S N N 233 
MET CE   C N N 234 
MET OXT  O N N 235 
MET H    H N N 236 
MET H2   H N N 237 
MET HA   H N N 238 
MET HB2  H N N 239 
MET HB3  H N N 240 
MET HG2  H N N 241 
MET HG3  H N N 242 
MET HE1  H N N 243 
MET HE2  H N N 244 
MET HE3  H N N 245 
MET HXT  H N N 246 
PHE N    N N N 247 
PHE CA   C N S 248 
PHE C    C N N 249 
PHE O    O N N 250 
PHE CB   C N N 251 
PHE CG   C Y N 252 
PHE CD1  C Y N 253 
PHE CD2  C Y N 254 
PHE CE1  C Y N 255 
PHE CE2  C Y N 256 
PHE CZ   C Y N 257 
PHE OXT  O N N 258 
PHE H    H N N 259 
PHE H2   H N N 260 
PHE HA   H N N 261 
PHE HB2  H N N 262 
PHE HB3  H N N 263 
PHE HD1  H N N 264 
PHE HD2  H N N 265 
PHE HE1  H N N 266 
PHE HE2  H N N 267 
PHE HZ   H N N 268 
PHE HXT  H N N 269 
PRO N    N N N 270 
PRO CA   C N S 271 
PRO C    C N N 272 
PRO O    O N N 273 
PRO CB   C N N 274 
PRO CG   C N N 275 
PRO CD   C N N 276 
PRO OXT  O N N 277 
PRO H    H N N 278 
PRO HA   H N N 279 
PRO HB2  H N N 280 
PRO HB3  H N N 281 
PRO HG2  H N N 282 
PRO HG3  H N N 283 
PRO HD2  H N N 284 
PRO HD3  H N N 285 
PRO HXT  H N N 286 
SER N    N N N 287 
SER CA   C N S 288 
SER C    C N N 289 
SER O    O N N 290 
SER CB   C N N 291 
SER OG   O N N 292 
SER OXT  O N N 293 
SER H    H N N 294 
SER H2   H N N 295 
SER HA   H N N 296 
SER HB2  H N N 297 
SER HB3  H N N 298 
SER HG   H N N 299 
SER HXT  H N N 300 
THR N    N N N 301 
THR CA   C N S 302 
THR C    C N N 303 
THR O    O N N 304 
THR CB   C N R 305 
THR OG1  O N N 306 
THR CG2  C N N 307 
THR OXT  O N N 308 
THR H    H N N 309 
THR H2   H N N 310 
THR HA   H N N 311 
THR HB   H N N 312 
THR HG1  H N N 313 
THR HG21 H N N 314 
THR HG22 H N N 315 
THR HG23 H N N 316 
THR HXT  H N N 317 
TRP N    N N N 318 
TRP CA   C N S 319 
TRP C    C N N 320 
TRP O    O N N 321 
TRP CB   C N N 322 
TRP CG   C Y N 323 
TRP CD1  C Y N 324 
TRP CD2  C Y N 325 
TRP NE1  N Y N 326 
TRP CE2  C Y N 327 
TRP CE3  C Y N 328 
TRP CZ2  C Y N 329 
TRP CZ3  C Y N 330 
TRP CH2  C Y N 331 
TRP OXT  O N N 332 
TRP H    H N N 333 
TRP H2   H N N 334 
TRP HA   H N N 335 
TRP HB2  H N N 336 
TRP HB3  H N N 337 
TRP HD1  H N N 338 
TRP HE1  H N N 339 
TRP HE3  H N N 340 
TRP HZ2  H N N 341 
TRP HZ3  H N N 342 
TRP HH2  H N N 343 
TRP HXT  H N N 344 
TYR N    N N N 345 
TYR CA   C N S 346 
TYR C    C N N 347 
TYR O    O N N 348 
TYR CB   C N N 349 
TYR CG   C Y N 350 
TYR CD1  C Y N 351 
TYR CD2  C Y N 352 
TYR CE1  C Y N 353 
TYR CE2  C Y N 354 
TYR CZ   C Y N 355 
TYR OH   O N N 356 
TYR OXT  O N N 357 
TYR H    H N N 358 
TYR H2   H N N 359 
TYR HA   H N N 360 
TYR HB2  H N N 361 
TYR HB3  H N N 362 
TYR HD1  H N N 363 
TYR HD2  H N N 364 
TYR HE1  H N N 365 
TYR HE2  H N N 366 
TYR HH   H N N 367 
TYR HXT  H N N 368 
VAL N    N N N 369 
VAL CA   C N S 370 
VAL C    C N N 371 
VAL O    O N N 372 
VAL CB   C N N 373 
VAL CG1  C N N 374 
VAL CG2  C N N 375 
VAL OXT  O N N 376 
VAL H    H N N 377 
VAL H2   H N N 378 
VAL HA   H N N 379 
VAL HB   H N N 380 
VAL HG11 H N N 381 
VAL HG12 H N N 382 
VAL HG13 H N N 383 
VAL HG21 H N N 384 
VAL HG22 H N N 385 
VAL HG23 H N N 386 
VAL HXT  H N N 387 
# 
loop_
_chem_comp_bond.comp_id 
_chem_comp_bond.atom_id_1 
_chem_comp_bond.atom_id_2 
_chem_comp_bond.value_order 
_chem_comp_bond.pdbx_aromatic_flag 
_chem_comp_bond.pdbx_stereo_config 
_chem_comp_bond.pdbx_ordinal 
ALA N   CA   sing N N 1   
ALA N   H    sing N N 2   
ALA N   H2   sing N N 3   
ALA CA  C    sing N N 4   
ALA CA  CB   sing N N 5   
ALA CA  HA   sing N N 6   
ALA C   O    doub N N 7   
ALA C   OXT  sing N N 8   
ALA CB  HB1  sing N N 9   
ALA CB  HB2  sing N N 10  
ALA CB  HB3  sing N N 11  
ALA OXT HXT  sing N N 12  
ARG N   CA   sing N N 13  
ARG N   H    sing N N 14  
ARG N   H2   sing N N 15  
ARG CA  C    sing N N 16  
ARG CA  CB   sing N N 17  
ARG CA  HA   sing N N 18  
ARG C   O    doub N N 19  
ARG C   OXT  sing N N 20  
ARG CB  CG   sing N N 21  
ARG CB  HB2  sing N N 22  
ARG CB  HB3  sing N N 23  
ARG CG  CD   sing N N 24  
ARG CG  HG2  sing N N 25  
ARG CG  HG3  sing N N 26  
ARG CD  NE   sing N N 27  
ARG CD  HD2  sing N N 28  
ARG CD  HD3  sing N N 29  
ARG NE  CZ   sing N N 30  
ARG NE  HE   sing N N 31  
ARG CZ  NH1  sing N N 32  
ARG CZ  NH2  doub N N 33  
ARG NH1 HH11 sing N N 34  
ARG NH1 HH12 sing N N 35  
ARG NH2 HH21 sing N N 36  
ARG NH2 HH22 sing N N 37  
ARG OXT HXT  sing N N 38  
ASN N   CA   sing N N 39  
ASN N   H    sing N N 40  
ASN N   H2   sing N N 41  
ASN CA  C    sing N N 42  
ASN CA  CB   sing N N 43  
ASN CA  HA   sing N N 44  
ASN C   O    doub N N 45  
ASN C   OXT  sing N N 46  
ASN CB  CG   sing N N 47  
ASN CB  HB2  sing N N 48  
ASN CB  HB3  sing N N 49  
ASN CG  OD1  doub N N 50  
ASN CG  ND2  sing N N 51  
ASN ND2 HD21 sing N N 52  
ASN ND2 HD22 sing N N 53  
ASN OXT HXT  sing N N 54  
ASP N   CA   sing N N 55  
ASP N   H    sing N N 56  
ASP N   H2   sing N N 57  
ASP CA  C    sing N N 58  
ASP CA  CB   sing N N 59  
ASP CA  HA   sing N N 60  
ASP C   O    doub N N 61  
ASP C   OXT  sing N N 62  
ASP CB  CG   sing N N 63  
ASP CB  HB2  sing N N 64  
ASP CB  HB3  sing N N 65  
ASP CG  OD1  doub N N 66  
ASP CG  OD2  sing N N 67  
ASP OD2 HD2  sing N N 68  
ASP OXT HXT  sing N N 69  
CYS N   CA   sing N N 70  
CYS N   H    sing N N 71  
CYS N   H2   sing N N 72  
CYS CA  C    sing N N 73  
CYS CA  CB   sing N N 74  
CYS CA  HA   sing N N 75  
CYS C   O    doub N N 76  
CYS C   OXT  sing N N 77  
CYS CB  SG   sing N N 78  
CYS CB  HB2  sing N N 79  
CYS CB  HB3  sing N N 80  
CYS SG  HG   sing N N 81  
CYS OXT HXT  sing N N 82  
GLN N   CA   sing N N 83  
GLN N   H    sing N N 84  
GLN N   H2   sing N N 85  
GLN CA  C    sing N N 86  
GLN CA  CB   sing N N 87  
GLN CA  HA   sing N N 88  
GLN C   O    doub N N 89  
GLN C   OXT  sing N N 90  
GLN CB  CG   sing N N 91  
GLN CB  HB2  sing N N 92  
GLN CB  HB3  sing N N 93  
GLN CG  CD   sing N N 94  
GLN CG  HG2  sing N N 95  
GLN CG  HG3  sing N N 96  
GLN CD  OE1  doub N N 97  
GLN CD  NE2  sing N N 98  
GLN NE2 HE21 sing N N 99  
GLN NE2 HE22 sing N N 100 
GLN OXT HXT  sing N N 101 
GLU N   CA   sing N N 102 
GLU N   H    sing N N 103 
GLU N   H2   sing N N 104 
GLU CA  C    sing N N 105 
GLU CA  CB   sing N N 106 
GLU CA  HA   sing N N 107 
GLU C   O    doub N N 108 
GLU C   OXT  sing N N 109 
GLU CB  CG   sing N N 110 
GLU CB  HB2  sing N N 111 
GLU CB  HB3  sing N N 112 
GLU CG  CD   sing N N 113 
GLU CG  HG2  sing N N 114 
GLU CG  HG3  sing N N 115 
GLU CD  OE1  doub N N 116 
GLU CD  OE2  sing N N 117 
GLU OE2 HE2  sing N N 118 
GLU OXT HXT  sing N N 119 
GLY N   CA   sing N N 120 
GLY N   H    sing N N 121 
GLY N   H2   sing N N 122 
GLY CA  C    sing N N 123 
GLY CA  HA2  sing N N 124 
GLY CA  HA3  sing N N 125 
GLY C   O    doub N N 126 
GLY C   OXT  sing N N 127 
GLY OXT HXT  sing N N 128 
HIS N   CA   sing N N 129 
HIS N   H    sing N N 130 
HIS N   H2   sing N N 131 
HIS CA  C    sing N N 132 
HIS CA  CB   sing N N 133 
HIS CA  HA   sing N N 134 
HIS C   O    doub N N 135 
HIS C   OXT  sing N N 136 
HIS CB  CG   sing N N 137 
HIS CB  HB2  sing N N 138 
HIS CB  HB3  sing N N 139 
HIS CG  ND1  sing Y N 140 
HIS CG  CD2  doub Y N 141 
HIS ND1 CE1  doub Y N 142 
HIS ND1 HD1  sing N N 143 
HIS CD2 NE2  sing Y N 144 
HIS CD2 HD2  sing N N 145 
HIS CE1 NE2  sing Y N 146 
HIS CE1 HE1  sing N N 147 
HIS NE2 HE2  sing N N 148 
HIS OXT HXT  sing N N 149 
ILE N   CA   sing N N 150 
ILE N   H    sing N N 151 
ILE N   H2   sing N N 152 
ILE CA  C    sing N N 153 
ILE CA  CB   sing N N 154 
ILE CA  HA   sing N N 155 
ILE C   O    doub N N 156 
ILE C   OXT  sing N N 157 
ILE CB  CG1  sing N N 158 
ILE CB  CG2  sing N N 159 
ILE CB  HB   sing N N 160 
ILE CG1 CD1  sing N N 161 
ILE CG1 HG12 sing N N 162 
ILE CG1 HG13 sing N N 163 
ILE CG2 HG21 sing N N 164 
ILE CG2 HG22 sing N N 165 
ILE CG2 HG23 sing N N 166 
ILE CD1 HD11 sing N N 167 
ILE CD1 HD12 sing N N 168 
ILE CD1 HD13 sing N N 169 
ILE OXT HXT  sing N N 170 
LEU N   CA   sing N N 171 
LEU N   H    sing N N 172 
LEU N   H2   sing N N 173 
LEU CA  C    sing N N 174 
LEU CA  CB   sing N N 175 
LEU CA  HA   sing N N 176 
LEU C   O    doub N N 177 
LEU C   OXT  sing N N 178 
LEU CB  CG   sing N N 179 
LEU CB  HB2  sing N N 180 
LEU CB  HB3  sing N N 181 
LEU CG  CD1  sing N N 182 
LEU CG  CD2  sing N N 183 
LEU CG  HG   sing N N 184 
LEU CD1 HD11 sing N N 185 
LEU CD1 HD12 sing N N 186 
LEU CD1 HD13 sing N N 187 
LEU CD2 HD21 sing N N 188 
LEU CD2 HD22 sing N N 189 
LEU CD2 HD23 sing N N 190 
LEU OXT HXT  sing N N 191 
LYS N   CA   sing N N 192 
LYS N   H    sing N N 193 
LYS N   H2   sing N N 194 
LYS CA  C    sing N N 195 
LYS CA  CB   sing N N 196 
LYS CA  HA   sing N N 197 
LYS C   O    doub N N 198 
LYS C   OXT  sing N N 199 
LYS CB  CG   sing N N 200 
LYS CB  HB2  sing N N 201 
LYS CB  HB3  sing N N 202 
LYS CG  CD   sing N N 203 
LYS CG  HG2  sing N N 204 
LYS CG  HG3  sing N N 205 
LYS CD  CE   sing N N 206 
LYS CD  HD2  sing N N 207 
LYS CD  HD3  sing N N 208 
LYS CE  NZ   sing N N 209 
LYS CE  HE2  sing N N 210 
LYS CE  HE3  sing N N 211 
LYS NZ  HZ1  sing N N 212 
LYS NZ  HZ2  sing N N 213 
LYS NZ  HZ3  sing N N 214 
LYS OXT HXT  sing N N 215 
MET N   CA   sing N N 216 
MET N   H    sing N N 217 
MET N   H2   sing N N 218 
MET CA  C    sing N N 219 
MET CA  CB   sing N N 220 
MET CA  HA   sing N N 221 
MET C   O    doub N N 222 
MET C   OXT  sing N N 223 
MET CB  CG   sing N N 224 
MET CB  HB2  sing N N 225 
MET CB  HB3  sing N N 226 
MET CG  SD   sing N N 227 
MET CG  HG2  sing N N 228 
MET CG  HG3  sing N N 229 
MET SD  CE   sing N N 230 
MET CE  HE1  sing N N 231 
MET CE  HE2  sing N N 232 
MET CE  HE3  sing N N 233 
MET OXT HXT  sing N N 234 
PHE N   CA   sing N N 235 
PHE N   H    sing N N 236 
PHE N   H2   sing N N 237 
PHE CA  C    sing N N 238 
PHE CA  CB   sing N N 239 
PHE CA  HA   sing N N 240 
PHE C   O    doub N N 241 
PHE C   OXT  sing N N 242 
PHE CB  CG   sing N N 243 
PHE CB  HB2  sing N N 244 
PHE CB  HB3  sing N N 245 
PHE CG  CD1  doub Y N 246 
PHE CG  CD2  sing Y N 247 
PHE CD1 CE1  sing Y N 248 
PHE CD1 HD1  sing N N 249 
PHE CD2 CE2  doub Y N 250 
PHE CD2 HD2  sing N N 251 
PHE CE1 CZ   doub Y N 252 
PHE CE1 HE1  sing N N 253 
PHE CE2 CZ   sing Y N 254 
PHE CE2 HE2  sing N N 255 
PHE CZ  HZ   sing N N 256 
PHE OXT HXT  sing N N 257 
PRO N   CA   sing N N 258 
PRO N   CD   sing N N 259 
PRO N   H    sing N N 260 
PRO CA  C    sing N N 261 
PRO CA  CB   sing N N 262 
PRO CA  HA   sing N N 263 
PRO C   O    doub N N 264 
PRO C   OXT  sing N N 265 
PRO CB  CG   sing N N 266 
PRO CB  HB2  sing N N 267 
PRO CB  HB3  sing N N 268 
PRO CG  CD   sing N N 269 
PRO CG  HG2  sing N N 270 
PRO CG  HG3  sing N N 271 
PRO CD  HD2  sing N N 272 
PRO CD  HD3  sing N N 273 
PRO OXT HXT  sing N N 274 
SER N   CA   sing N N 275 
SER N   H    sing N N 276 
SER N   H2   sing N N 277 
SER CA  C    sing N N 278 
SER CA  CB   sing N N 279 
SER CA  HA   sing N N 280 
SER C   O    doub N N 281 
SER C   OXT  sing N N 282 
SER CB  OG   sing N N 283 
SER CB  HB2  sing N N 284 
SER CB  HB3  sing N N 285 
SER OG  HG   sing N N 286 
SER OXT HXT  sing N N 287 
THR N   CA   sing N N 288 
THR N   H    sing N N 289 
THR N   H2   sing N N 290 
THR CA  C    sing N N 291 
THR CA  CB   sing N N 292 
THR CA  HA   sing N N 293 
THR C   O    doub N N 294 
THR C   OXT  sing N N 295 
THR CB  OG1  sing N N 296 
THR CB  CG2  sing N N 297 
THR CB  HB   sing N N 298 
THR OG1 HG1  sing N N 299 
THR CG2 HG21 sing N N 300 
THR CG2 HG22 sing N N 301 
THR CG2 HG23 sing N N 302 
THR OXT HXT  sing N N 303 
TRP N   CA   sing N N 304 
TRP N   H    sing N N 305 
TRP N   H2   sing N N 306 
TRP CA  C    sing N N 307 
TRP CA  CB   sing N N 308 
TRP CA  HA   sing N N 309 
TRP C   O    doub N N 310 
TRP C   OXT  sing N N 311 
TRP CB  CG   sing N N 312 
TRP CB  HB2  sing N N 313 
TRP CB  HB3  sing N N 314 
TRP CG  CD1  doub Y N 315 
TRP CG  CD2  sing Y N 316 
TRP CD1 NE1  sing Y N 317 
TRP CD1 HD1  sing N N 318 
TRP CD2 CE2  doub Y N 319 
TRP CD2 CE3  sing Y N 320 
TRP NE1 CE2  sing Y N 321 
TRP NE1 HE1  sing N N 322 
TRP CE2 CZ2  sing Y N 323 
TRP CE3 CZ3  doub Y N 324 
TRP CE3 HE3  sing N N 325 
TRP CZ2 CH2  doub Y N 326 
TRP CZ2 HZ2  sing N N 327 
TRP CZ3 CH2  sing Y N 328 
TRP CZ3 HZ3  sing N N 329 
TRP CH2 HH2  sing N N 330 
TRP OXT HXT  sing N N 331 
TYR N   CA   sing N N 332 
TYR N   H    sing N N 333 
TYR N   H2   sing N N 334 
TYR CA  C    sing N N 335 
TYR CA  CB   sing N N 336 
TYR CA  HA   sing N N 337 
TYR C   O    doub N N 338 
TYR C   OXT  sing N N 339 
TYR CB  CG   sing N N 340 
TYR CB  HB2  sing N N 341 
TYR CB  HB3  sing N N 342 
TYR CG  CD1  doub Y N 343 
TYR CG  CD2  sing Y N 344 
TYR CD1 CE1  sing Y N 345 
TYR CD1 HD1  sing N N 346 
TYR CD2 CE2  doub Y N 347 
TYR CD2 HD2  sing N N 348 
TYR CE1 CZ   doub Y N 349 
TYR CE1 HE1  sing N N 350 
TYR CE2 CZ   sing Y N 351 
TYR CE2 HE2  sing N N 352 
TYR CZ  OH   sing N N 353 
TYR OH  HH   sing N N 354 
TYR OXT HXT  sing N N 355 
VAL N   CA   sing N N 356 
VAL N   H    sing N N 357 
VAL N   H2   sing N N 358 
VAL CA  C    sing N N 359 
VAL CA  CB   sing N N 360 
VAL CA  HA   sing N N 361 
VAL C   O    doub N N 362 
VAL C   OXT  sing N N 363 
VAL CB  CG1  sing N N 364 
VAL CB  CG2  sing N N 365 
VAL CB  HB   sing N N 366 
VAL CG1 HG11 sing N N 367 
VAL CG1 HG12 sing N N 368 
VAL CG1 HG13 sing N N 369 
VAL CG2 HG21 sing N N 370 
VAL CG2 HG22 sing N N 371 
VAL CG2 HG23 sing N N 372 
VAL OXT HXT  sing N N 373 
# 
_pdbx_initial_refinement_model.id               1 
_pdbx_initial_refinement_model.entity_id_list   ? 
_pdbx_initial_refinement_model.type             'experimental model' 
_pdbx_initial_refinement_model.source_name      PDB 
_pdbx_initial_refinement_model.accession_code   3ZOQ 
_pdbx_initial_refinement_model.details          'PDB ENTRY 3ZOQ, CHAIN A' 
# 
_atom_sites.entry_id                    3ZOR 
_atom_sites.fract_transf_matrix[1][1]   -0.01516357 
_atom_sites.fract_transf_matrix[1][2]   -0.00182566 
_atom_sites.fract_transf_matrix[1][3]   -0.00110496 
_atom_sites.fract_transf_matrix[2][1]   -0.00150497 
_atom_sites.fract_transf_matrix[2][2]   0.01244092 
_atom_sites.fract_transf_matrix[2][3]   0.00009769 
_atom_sites.fract_transf_matrix[3][1]   0.00072621 
_atom_sites.fract_transf_matrix[3][2]   0.00016829 
_atom_sites.fract_transf_matrix[3][3]   -0.01024391 
_atom_sites.fract_transf_vector[1]      0.258259 
_atom_sites.fract_transf_vector[2]      0.178650 
_atom_sites.fract_transf_vector[3]      0.252348 
# 
loop_
_atom_type.symbol 
C 
N 
O 
S 
# 
loop_
_atom_site.group_PDB 
_atom_site.id 
_atom_site.type_symbol 
_atom_site.label_atom_id 
_atom_site.label_alt_id 
_atom_site.label_comp_id 
_atom_site.label_asym_id 
_atom_site.label_entity_id 
_atom_site.label_seq_id 
_atom_site.pdbx_PDB_ins_code 
_atom_site.Cartn_x 
_atom_site.Cartn_y 
_atom_site.Cartn_z 
_atom_site.occupancy 
_atom_site.B_iso_or_equiv 
_atom_site.pdbx_formal_charge 
_atom_site.auth_seq_id 
_atom_site.auth_comp_id 
_atom_site.auth_asym_id 
_atom_site.auth_atom_id 
_atom_site.pdbx_PDB_model_num 
ATOM 1    N N   . GLN A 1 3   ? 18.067  -1.058  -13.976 1.00 24.82  ? 3   GLN A N   1 
ATOM 2    C CA  . GLN A 1 3   ? 17.654  -1.292  -12.548 1.00 24.00  ? 3   GLN A CA  1 
ATOM 3    C C   . GLN A 1 3   ? 16.639  -0.249  -12.129 1.00 25.30  ? 3   GLN A C   1 
ATOM 4    O O   . GLN A 1 3   ? 16.961  0.939   -12.106 1.00 25.54  ? 3   GLN A O   1 
ATOM 5    C CB  . GLN A 1 3   ? 18.846  -1.299  -11.592 1.00 19.38  ? 3   GLN A CB  1 
ATOM 6    C CG  . GLN A 1 3   ? 18.460  -1.529  -10.132 1.00 17.09  ? 3   GLN A CG  1 
ATOM 7    C CD  . GLN A 1 3   ? 19.662  -1.743  -9.248  1.00 16.28  ? 3   GLN A CD  1 
ATOM 8    O OE1 . GLN A 1 3   ? 20.755  -2.027  -9.763  1.00 17.45  ? 3   GLN A OE1 1 
ATOM 9    N NE2 . GLN A 1 3   ? 19.490  -1.626  -7.921  1.00 13.98  ? 3   GLN A NE2 1 
ATOM 10   N N   . LEU A 1 4   ? 15.414  -0.688  -11.814 1.00 26.84  ? 4   LEU A N   1 
ATOM 11   C CA  . LEU A 1 4   ? 14.334  0.228   -11.427 1.00 29.52  ? 4   LEU A CA  1 
ATOM 12   C C   . LEU A 1 4   ? 14.173  0.440   -9.922  1.00 31.23  ? 4   LEU A C   1 
ATOM 13   O O   . LEU A 1 4   ? 13.487  1.342   -9.512  1.00 33.11  ? 4   LEU A O   1 
ATOM 14   C CB  . LEU A 1 4   ? 13.011  -0.325  -11.875 1.00 30.79  ? 4   LEU A CB  1 
ATOM 15   C CG  . LEU A 1 4   ? 12.802  -0.305  -13.378 1.00 35.42  ? 4   LEU A CG  1 
ATOM 16   C CD1 . LEU A 1 4   ? 11.343  -0.558  -13.658 1.00 34.75  ? 4   LEU A CD1 1 
ATOM 17   C CD2 . LEU A 1 4   ? 13.237  1.042   -13.935 1.00 34.46  ? 4   LEU A CD2 1 
ATOM 18   N N   . LEU A 1 5   ? 14.726  -0.417  -9.077  1.00 29.33  ? 5   LEU A N   1 
ATOM 19   C CA  . LEU A 1 5   ? 14.377  -0.397  -7.658  1.00 26.94  ? 5   LEU A CA  1 
ATOM 20   C C   . LEU A 1 5   ? 15.641  -0.560  -6.856  1.00 24.25  ? 5   LEU A C   1 
ATOM 21   O O   . LEU A 1 5   ? 16.643  -0.927  -7.419  1.00 21.33  ? 5   LEU A O   1 
ATOM 22   C CB  . LEU A 1 5   ? 13.553  -1.613  -7.363  1.00 27.43  ? 5   LEU A CB  1 
ATOM 23   C CG  . LEU A 1 5   ? 12.226  -1.779  -8.023  1.00 26.63  ? 5   LEU A CG  1 
ATOM 24   C CD1 . LEU A 1 5   ? 11.931  -3.248  -7.936  1.00 27.95  ? 5   LEU A CD1 1 
ATOM 25   C CD2 . LEU A 1 5   ? 11.223  -1.001  -7.212  1.00 28.10  ? 5   LEU A CD2 1 
ATOM 26   N N   . GLN A 1 6   ? 15.607  -0.299  -5.552  1.00 22.12  ? 6   GLN A N   1 
ATOM 27   C CA  . GLN A 1 6   ? 16.856  -0.354  -4.770  1.00 22.94  ? 6   GLN A CA  1 
ATOM 28   C C   . GLN A 1 6   ? 17.309  -1.777  -4.533  1.00 25.65  ? 6   GLN A C   1 
ATOM 29   O O   . GLN A 1 6   ? 16.497  -2.719  -4.623  1.00 25.84  ? 6   GLN A O   1 
ATOM 30   C CB  . GLN A 1 6   ? 16.742  0.345   -3.455  1.00 21.59  ? 6   GLN A CB  1 
ATOM 31   C CG  . GLN A 1 6   ? 15.367  0.849   -3.210  1.00 22.87  ? 6   GLN A CG  1 
ATOM 32   C CD  . GLN A 1 6   ? 15.070  0.843   -1.760  1.00 23.47  ? 6   GLN A CD  1 
ATOM 33   O OE1 . GLN A 1 6   ? 15.976  0.848   -0.918  1.00 25.30  ? 6   GLN A OE1 1 
ATOM 34   N NE2 . GLN A 1 6   ? 13.814  0.824   -1.448  1.00 21.76  ? 6   GLN A NE2 1 
ATOM 35   N N   . ASP A 1 7   ? 18.582  -1.960  -4.185  1.00 25.34  ? 7   ASP A N   1 
ATOM 36   C CA  . ASP A 1 7   ? 19.107  -3.297  -4.314  1.00 25.68  ? 7   ASP A CA  1 
ATOM 37   C C   . ASP A 1 7   ? 18.256  -4.286  -3.538  1.00 29.04  ? 7   ASP A C   1 
ATOM 38   O O   . ASP A 1 7   ? 18.187  -5.448  -3.918  1.00 30.61  ? 7   ASP A O   1 
ATOM 39   C CB  . ASP A 1 7   ? 20.534  -3.392  -3.832  1.00 26.75  ? 7   ASP A CB  1 
ATOM 40   C CG  . ASP A 1 7   ? 21.542  -2.837  -4.827  1.00 30.35  ? 7   ASP A CG  1 
ATOM 41   O OD1 . ASP A 1 7   ? 21.101  -2.528  -5.979  1.00 26.94  ? 7   ASP A OD1 1 
ATOM 42   O OD2 . ASP A 1 7   ? 22.762  -2.708  -4.421  1.00 28.58  ? 7   ASP A OD2 1 
ATOM 43   N N   . SER A 1 8   ? 17.642  -3.855  -2.428  1.00 30.69  ? 8   SER A N   1 
ATOM 44   C CA  . SER A 1 8   ? 17.035  -4.795  -1.474  1.00 27.67  ? 8   SER A CA  1 
ATOM 45   C C   . SER A 1 8   ? 15.798  -5.400  -2.082  1.00 26.61  ? 8   SER A C   1 
ATOM 46   O O   . SER A 1 8   ? 15.486  -6.535  -1.848  1.00 26.33  ? 8   SER A O   1 
ATOM 47   C CB  . SER A 1 8   ? 16.593  -4.051  -0.274  1.00 30.54  ? 8   SER A CB  1 
ATOM 48   O OG  . SER A 1 8   ? 15.523  -3.206  -0.636  1.00 42.33  ? 8   SER A OG  1 
ATOM 49   N N   . TRP A 1 9   ? 15.109  -4.599  -2.872  1.00 25.61  ? 9   TRP A N   1 
ATOM 50   C CA  . TRP A 1 9   ? 14.001  -5.046  -3.677  1.00 25.86  ? 9   TRP A CA  1 
ATOM 51   C C   . TRP A 1 9   ? 14.422  -5.642  -5.010  1.00 26.98  ? 9   TRP A C   1 
ATOM 52   O O   . TRP A 1 9   ? 13.892  -6.640  -5.444  1.00 26.09  ? 9   TRP A O   1 
ATOM 53   C CB  . TRP A 1 9   ? 13.059  -3.878  -3.979  1.00 25.61  ? 9   TRP A CB  1 
ATOM 54   C CG  . TRP A 1 9   ? 12.090  -3.549  -2.845  1.00 26.97  ? 9   TRP A CG  1 
ATOM 55   C CD1 . TRP A 1 9   ? 12.011  -2.378  -2.133  1.00 26.22  ? 9   TRP A CD1 1 
ATOM 56   C CD2 . TRP A 1 9   ? 11.077  -4.420  -2.274  1.00 27.97  ? 9   TRP A CD2 1 
ATOM 57   N NE1 . TRP A 1 9   ? 11.017  -2.453  -1.185  1.00 28.08  ? 9   TRP A NE1 1 
ATOM 58   C CE2 . TRP A 1 9   ? 10.425  -3.694  -1.253  1.00 28.39  ? 9   TRP A CE2 1 
ATOM 59   C CE3 . TRP A 1 9   ? 10.663  -5.737  -2.524  1.00 26.68  ? 9   TRP A CE3 1 
ATOM 60   C CZ2 . TRP A 1 9   ? 9.372   -4.242  -0.503  1.00 24.85  ? 9   TRP A CZ2 1 
ATOM 61   C CZ3 . TRP A 1 9   ? 9.625   -6.270  -1.760  1.00 24.45  ? 9   TRP A CZ3 1 
ATOM 62   C CH2 . TRP A 1 9   ? 9.005   -5.520  -0.774  1.00 23.28  ? 9   TRP A CH2 1 
ATOM 63   N N   . TRP A 1 10  ? 15.355  -5.007  -5.685  1.00 29.95  ? 10  TRP A N   1 
ATOM 64   C CA  . TRP A 1 10  ? 15.799  -5.476  -6.983  1.00 31.06  ? 10  TRP A CA  1 
ATOM 65   C C   . TRP A 1 10  ? 16.409  -6.889  -6.889  1.00 35.35  ? 10  TRP A C   1 
ATOM 66   O O   . TRP A 1 10  ? 16.274  -7.643  -7.838  1.00 36.32  ? 10  TRP A O   1 
ATOM 67   C CB  . TRP A 1 10  ? 16.768  -4.440  -7.552  1.00 28.56  ? 10  TRP A CB  1 
ATOM 68   C CG  . TRP A 1 10  ? 17.123  -4.439  -9.003  1.00 29.00  ? 10  TRP A CG  1 
ATOM 69   C CD1 . TRP A 1 10  ? 18.378  -4.465  -9.508  1.00 29.04  ? 10  TRP A CD1 1 
ATOM 70   C CD2 . TRP A 1 10  ? 16.239  -4.308  -10.130 1.00 28.26  ? 10  TRP A CD2 1 
ATOM 71   N NE1 . TRP A 1 10  ? 18.336  -4.404  -10.886 1.00 28.19  ? 10  TRP A NE1 1 
ATOM 72   C CE2 . TRP A 1 10  ? 17.039  -4.321  -11.286 1.00 26.02  ? 10  TRP A CE2 1 
ATOM 73   C CE3 . TRP A 1 10  ? 14.858  -4.233  -10.264 1.00 30.10  ? 10  TRP A CE3 1 
ATOM 74   C CZ2 . TRP A 1 10  ? 16.533  -4.247  -12.525 1.00 28.22  ? 10  TRP A CZ2 1 
ATOM 75   C CZ3 . TRP A 1 10  ? 14.339  -4.158  -11.526 1.00 32.51  ? 10  TRP A CZ3 1 
ATOM 76   C CH2 . TRP A 1 10  ? 15.172  -4.170  -12.644 1.00 33.24  ? 10  TRP A CH2 1 
ATOM 77   N N   . ASN A 1 11  ? 17.052  -7.254  -5.767  1.00 39.66  ? 11  ASN A N   1 
ATOM 78   C CA  . ASN A 1 11  ? 17.579  -8.622  -5.565  1.00 45.95  ? 11  ASN A CA  1 
ATOM 79   C C   . ASN A 1 11  ? 16.485  -9.690  -5.480  1.00 45.90  ? 11  ASN A C   1 
ATOM 80   O O   . ASN A 1 11  ? 16.742  -10.882 -5.666  1.00 47.98  ? 11  ASN A O   1 
ATOM 81   C CB  . ASN A 1 11  ? 18.432  -8.706  -4.286  1.00 48.86  ? 11  ASN A CB  1 
ATOM 82   C CG  . ASN A 1 11  ? 19.800  -8.064  -4.437  1.00 52.52  ? 11  ASN A CG  1 
ATOM 83   O OD1 . ASN A 1 11  ? 20.278  -7.804  -5.549  1.00 59.55  ? 11  ASN A OD1 1 
ATOM 84   N ND2 . ASN A 1 11  ? 20.435  -7.779  -3.307  1.00 50.14  ? 11  ASN A ND2 1 
ATOM 85   N N   . GLN A 1 12  ? 15.270  -9.245  -5.177  1.00 43.39  ? 12  GLN A N   1 
ATOM 86   C CA  . GLN A 1 12  ? 14.116  -10.124 -5.041  1.00 45.42  ? 12  GLN A CA  1 
ATOM 87   C C   . GLN A 1 12  ? 13.233  -10.157 -6.273  1.00 42.73  ? 12  GLN A C   1 
ATOM 88   O O   . GLN A 1 12  ? 12.541  -11.149 -6.505  1.00 51.07  ? 12  GLN A O   1 
ATOM 89   C CB  . GLN A 1 12  ? 13.240  -9.712  -3.821  1.00 45.50  ? 12  GLN A CB  1 
ATOM 90   C CG  . GLN A 1 12  ? 13.962  -9.805  -2.490  1.00 44.20  ? 12  GLN A CG  1 
ATOM 91   C CD  . GLN A 1 12  ? 14.376  -11.229 -2.186  1.00 44.24  ? 12  GLN A CD  1 
ATOM 92   O OE1 . GLN A 1 12  ? 13.710  -12.177 -2.606  1.00 44.05  ? 12  GLN A OE1 1 
ATOM 93   N NE2 . GLN A 1 12  ? 15.471  -11.391 -1.466  1.00 43.95  ? 12  GLN A NE2 1 
ATOM 94   N N   . LEU A 1 13  ? 13.218  -9.066  -7.027  1.00 36.87  ? 13  LEU A N   1 
ATOM 95   C CA  . LEU A 1 13  ? 12.214  -8.850  -8.072  1.00 35.17  ? 13  LEU A CA  1 
ATOM 96   C C   . LEU A 1 13  ? 12.771  -8.715  -9.481  1.00 34.43  ? 13  LEU A C   1 
ATOM 97   O O   . LEU A 1 13  ? 11.987  -8.713  -10.409 1.00 35.80  ? 13  LEU A O   1 
ATOM 98   C CB  . LEU A 1 13  ? 11.364  -7.610  -7.754  1.00 34.77  ? 13  LEU A CB  1 
ATOM 99   C CG  . LEU A 1 13  ? 10.565  -7.669  -6.439  1.00 33.96  ? 13  LEU A CG  1 
ATOM 100  C CD1 . LEU A 1 13  ? 9.933   -6.343  -6.079  1.00 28.98  ? 13  LEU A CD1 1 
ATOM 101  C CD2 . LEU A 1 13  ? 9.486   -8.744  -6.494  1.00 33.30  ? 13  LEU A CD2 1 
ATOM 102  N N   . LYS A 1 14  ? 14.093  -8.651  -9.657  1.00 35.02  ? 14  LYS A N   1 
ATOM 103  C CA  . LYS A 1 14  ? 14.662  -8.439  -10.980 1.00 41.35  ? 14  LYS A CA  1 
ATOM 104  C C   . LYS A 1 14  ? 14.172  -9.488  -11.989 1.00 44.05  ? 14  LYS A C   1 
ATOM 105  O O   . LYS A 1 14  ? 13.973  -9.170  -13.136 1.00 42.55  ? 14  LYS A O   1 
ATOM 106  C CB  . LYS A 1 14  ? 16.196  -8.370  -10.948 1.00 43.59  ? 14  LYS A CB  1 
ATOM 107  C CG  . LYS A 1 14  ? 16.874  -9.646  -10.480 1.00 49.86  ? 14  LYS A CG  1 
ATOM 108  C CD  . LYS A 1 14  ? 18.351  -9.485  -10.111 1.00 50.45  ? 14  LYS A CD  1 
ATOM 109  C CE  . LYS A 1 14  ? 18.711  -10.692 -9.254  1.00 54.09  ? 14  LYS A CE  1 
ATOM 110  N NZ  . LYS A 1 14  ? 19.941  -10.658 -8.413  1.00 56.07  ? 14  LYS A NZ  1 
ATOM 111  N N   . GLU A 1 15  ? 13.962  -10.731 -11.556 1.00 48.33  ? 15  GLU A N   1 
ATOM 112  C CA  . GLU A 1 15  ? 13.500  -11.790 -12.475 1.00 56.21  ? 15  GLU A CA  1 
ATOM 113  C C   . GLU A 1 15  ? 12.109  -11.514 -13.044 1.00 57.18  ? 15  GLU A C   1 
ATOM 114  O O   . GLU A 1 15  ? 11.813  -11.870 -14.186 1.00 61.47  ? 15  GLU A O   1 
ATOM 115  C CB  . GLU A 1 15  ? 13.553  -13.185 -11.828 1.00 64.20  ? 15  GLU A CB  1 
ATOM 116  C CG  . GLU A 1 15  ? 14.963  -13.701 -11.553 1.00 76.34  ? 15  GLU A CG  1 
ATOM 117  C CD  . GLU A 1 15  ? 15.476  -13.389 -10.143 1.00 85.77  ? 15  GLU A CD  1 
ATOM 118  O OE1 . GLU A 1 15  ? 14.867  -12.591 -9.401  1.00 81.99  ? 15  GLU A OE1 1 
ATOM 119  O OE2 . GLU A 1 15  ? 16.505  -13.980 -9.754  1.00 96.35  ? 15  GLU A OE2 1 
ATOM 120  N N   . GLU A 1 16  ? 11.252  -10.860 -12.268 1.00 55.36  ? 16  GLU A N   1 
ATOM 121  C CA  . GLU A 1 16  ? 9.915   -10.489 -12.772 1.00 46.55  ? 16  GLU A CA  1 
ATOM 122  C C   . GLU A 1 16  ? 9.983   -9.463  -13.886 1.00 42.06  ? 16  GLU A C   1 
ATOM 123  O O   . GLU A 1 16  ? 9.255   -9.576  -14.868 1.00 44.66  ? 16  GLU A O   1 
ATOM 124  C CB  . GLU A 1 16  ? 9.022   -9.986  -11.645 1.00 44.53  ? 16  GLU A CB  1 
ATOM 125  C CG  . GLU A 1 16  ? 8.683   -11.062 -10.652 1.00 45.53  ? 16  GLU A CG  1 
ATOM 126  C CD  . GLU A 1 16  ? 7.913   -12.222 -11.297 1.00 53.83  ? 16  GLU A CD  1 
ATOM 127  O OE1 . GLU A 1 16  ? 6.947   -11.992 -12.054 1.00 50.69  ? 16  GLU A OE1 1 
ATOM 128  O OE2 . GLU A 1 16  ? 8.256   -13.392 -11.038 1.00 57.50  ? 16  GLU A OE2 1 
ATOM 129  N N   . PHE A 1 17  ? 10.870  -8.487  -13.731 1.00 39.49  ? 17  PHE A N   1 
ATOM 130  C CA  . PHE A 1 17  ? 11.011  -7.400  -14.690 1.00 44.87  ? 17  PHE A CA  1 
ATOM 131  C C   . PHE A 1 17  ? 11.517  -7.877  -16.068 1.00 46.39  ? 17  PHE A C   1 
ATOM 132  O O   . PHE A 1 17  ? 11.350  -7.182  -17.070 1.00 39.52  ? 17  PHE A O   1 
ATOM 133  C CB  . PHE A 1 17  ? 11.861  -6.237  -14.103 1.00 42.93  ? 17  PHE A CB  1 
ATOM 134  C CG  . PHE A 1 17  ? 11.144  -5.466  -13.033 1.00 41.18  ? 17  PHE A CG  1 
ATOM 135  C CD1 . PHE A 1 17  ? 10.184  -4.524  -13.340 1.00 39.84  ? 17  PHE A CD1 1 
ATOM 136  C CD2 . PHE A 1 17  ? 11.398  -5.720  -11.713 1.00 44.47  ? 17  PHE A CD2 1 
ATOM 137  C CE1 . PHE A 1 17  ? 9.509   -3.839  -12.333 1.00 41.04  ? 17  PHE A CE1 1 
ATOM 138  C CE2 . PHE A 1 17  ? 10.717  -5.053  -10.695 1.00 41.70  ? 17  PHE A CE2 1 
ATOM 139  C CZ  . PHE A 1 17  ? 9.769   -4.113  -11.009 1.00 39.56  ? 17  PHE A CZ  1 
ATOM 140  N N   . GLU A 1 18  ? 12.130  -9.062  -16.100 1.00 53.48  ? 18  GLU A N   1 
ATOM 141  C CA  . GLU A 1 18  ? 12.648  -9.658  -17.334 1.00 59.86  ? 18  GLU A CA  1 
ATOM 142  C C   . GLU A 1 18  ? 11.596  -10.448 -18.108 1.00 52.90  ? 18  GLU A C   1 
ATOM 143  O O   . GLU A 1 18  ? 11.814  -10.789 -19.276 1.00 54.35  ? 18  GLU A O   1 
ATOM 144  C CB  . GLU A 1 18  ? 13.839  -10.590 -17.052 1.00 74.05  ? 18  GLU A CB  1 
ATOM 145  C CG  . GLU A 1 18  ? 15.074  -9.928  -16.463 1.00 87.33  ? 18  GLU A CG  1 
ATOM 146  C CD  . GLU A 1 18  ? 15.890  -9.147  -17.483 1.00 101.23 ? 18  GLU A CD  1 
ATOM 147  O OE1 . GLU A 1 18  ? 15.686  -9.299  -18.713 1.00 103.66 ? 18  GLU A OE1 1 
ATOM 148  O OE2 . GLU A 1 18  ? 16.784  -8.386  -17.049 1.00 107.57 ? 18  GLU A OE2 1 
ATOM 149  N N   . LYS A 1 19  ? 10.461  -10.731 -17.469 1.00 47.16  ? 19  LYS A N   1 
ATOM 150  C CA  . LYS A 1 19  ? 9.461   -11.650 -18.044 1.00 47.16  ? 19  LYS A CA  1 
ATOM 151  C C   . LYS A 1 19  ? 8.643   -10.995 -19.140 1.00 50.71  ? 19  LYS A C   1 
ATOM 152  O O   . LYS A 1 19  ? 8.471   -9.781  -19.101 1.00 63.44  ? 19  LYS A O   1 
ATOM 153  C CB  . LYS A 1 19  ? 8.562   -12.227 -16.957 1.00 40.48  ? 19  LYS A CB  1 
ATOM 154  C CG  . LYS A 1 19  ? 9.317   -13.189 -16.075 1.00 39.09  ? 19  LYS A CG  1 
ATOM 155  C CD  . LYS A 1 19  ? 8.434   -13.787 -15.002 1.00 46.85  ? 19  LYS A CD  1 
ATOM 156  C CE  . LYS A 1 19  ? 9.241   -14.720 -14.109 1.00 49.28  ? 19  LYS A CE  1 
ATOM 157  N NZ  . LYS A 1 19  ? 8.412   -15.341 -13.037 1.00 51.17  ? 19  LYS A NZ  1 
ATOM 158  N N   . PRO A 1 20  ? 8.159   -11.782 -20.131 1.00 46.66  ? 20  PRO A N   1 
ATOM 159  C CA  . PRO A 1 20  ? 7.334   -11.239 -21.208 1.00 45.08  ? 20  PRO A CA  1 
ATOM 160  C C   . PRO A 1 20  ? 6.154   -10.374 -20.728 1.00 46.67  ? 20  PRO A C   1 
ATOM 161  O O   . PRO A 1 20  ? 5.907   -9.302  -21.327 1.00 45.95  ? 20  PRO A O   1 
ATOM 162  C CB  . PRO A 1 20  ? 6.812   -12.493 -21.903 1.00 46.87  ? 20  PRO A CB  1 
ATOM 163  C CG  . PRO A 1 20  ? 7.884   -13.507 -21.684 1.00 45.82  ? 20  PRO A CG  1 
ATOM 164  C CD  . PRO A 1 20  ? 8.524   -13.192 -20.374 1.00 44.93  ? 20  PRO A CD  1 
ATOM 165  N N   . TYR A 1 21  ? 5.454   -10.798 -19.661 1.00 41.98  ? 21  TYR A N   1 
ATOM 166  C CA  . TYR A 1 21  ? 4.296   -10.026 -19.213 1.00 41.44  ? 21  TYR A CA  1 
ATOM 167  C C   . TYR A 1 21  ? 4.691   -8.594  -18.797 1.00 40.87  ? 21  TYR A C   1 
ATOM 168  O O   . TYR A 1 21  ? 3.940   -7.631  -19.041 1.00 34.48  ? 21  TYR A O   1 
ATOM 169  C CB  . TYR A 1 21  ? 3.518   -10.723 -18.111 1.00 39.49  ? 21  TYR A CB  1 
ATOM 170  C CG  . TYR A 1 21  ? 4.025   -10.474 -16.715 1.00 44.18  ? 21  TYR A CG  1 
ATOM 171  C CD1 . TYR A 1 21  ? 3.545   -9.394  -15.952 1.00 45.68  ? 21  TYR A CD1 1 
ATOM 172  C CD2 . TYR A 1 21  ? 4.970   -11.338 -16.137 1.00 47.25  ? 21  TYR A CD2 1 
ATOM 173  C CE1 . TYR A 1 21  ? 3.996   -9.188  -14.650 1.00 51.05  ? 21  TYR A CE1 1 
ATOM 174  C CE2 . TYR A 1 21  ? 5.453   -11.125 -14.855 1.00 48.70  ? 21  TYR A CE2 1 
ATOM 175  C CZ  . TYR A 1 21  ? 4.939   -10.066 -14.100 1.00 51.39  ? 21  TYR A CZ  1 
ATOM 176  O OH  . TYR A 1 21  ? 5.403   -9.866  -12.816 1.00 49.94  ? 21  TYR A OH  1 
ATOM 177  N N   . TYR A 1 22  ? 5.858   -8.457  -18.162 1.00 38.47  ? 22  TYR A N   1 
ATOM 178  C CA  . TYR A 1 22  ? 6.286   -7.118  -17.775 1.00 40.49  ? 22  TYR A CA  1 
ATOM 179  C C   . TYR A 1 22  ? 6.681   -6.277  -18.980 1.00 40.30  ? 22  TYR A C   1 
ATOM 180  O O   . TYR A 1 22  ? 6.351   -5.090  -19.060 1.00 40.48  ? 22  TYR A O   1 
ATOM 181  C CB  . TYR A 1 22  ? 7.389   -7.089  -16.711 1.00 43.59  ? 22  TYR A CB  1 
ATOM 182  C CG  . TYR A 1 22  ? 7.640   -5.668  -16.259 1.00 42.83  ? 22  TYR A CG  1 
ATOM 183  C CD1 . TYR A 1 22  ? 6.799   -5.065  -15.337 1.00 43.19  ? 22  TYR A CD1 1 
ATOM 184  C CD2 . TYR A 1 22  ? 8.664   -4.906  -16.816 1.00 45.47  ? 22  TYR A CD2 1 
ATOM 185  C CE1 . TYR A 1 22  ? 6.990   -3.755  -14.944 1.00 47.18  ? 22  TYR A CE1 1 
ATOM 186  C CE2 . TYR A 1 22  ? 8.862   -3.579  -16.432 1.00 47.77  ? 22  TYR A CE2 1 
ATOM 187  C CZ  . TYR A 1 22  ? 8.017   -3.005  -15.504 1.00 49.90  ? 22  TYR A CZ  1 
ATOM 188  O OH  . TYR A 1 22  ? 8.202   -1.688  -15.094 1.00 60.60  ? 22  TYR A OH  1 
ATOM 189  N N   . GLN A 1 23  ? 7.381   -6.879  -19.932 1.00 42.45  ? 23  GLN A N   1 
ATOM 190  C CA  . GLN A 1 23  ? 7.734   -6.154  -21.161 1.00 42.84  ? 23  GLN A CA  1 
ATOM 191  C C   . GLN A 1 23  ? 6.486   -5.649  -21.888 1.00 45.08  ? 23  GLN A C   1 
ATOM 192  O O   . GLN A 1 23  ? 6.463   -4.500  -22.339 1.00 49.66  ? 23  GLN A O   1 
ATOM 193  C CB  . GLN A 1 23  ? 8.625   -6.999  -22.071 1.00 43.54  ? 23  GLN A CB  1 
ATOM 194  C CG  . GLN A 1 23  ? 10.000  -7.340  -21.471 1.00 49.20  ? 23  GLN A CG  1 
ATOM 195  C CD  . GLN A 1 23  ? 10.760  -6.109  -20.952 1.00 51.48  ? 23  GLN A CD  1 
ATOM 196  O OE1 . GLN A 1 23  ? 10.883  -5.112  -21.650 1.00 53.49  ? 23  GLN A OE1 1 
ATOM 197  N NE2 . GLN A 1 23  ? 11.246  -6.173  -19.709 1.00 46.62  ? 23  GLN A NE2 1 
ATOM 198  N N   . GLU A 1 24  ? 5.437   -6.479  -21.939 1.00 47.16  ? 24  GLU A N   1 
ATOM 199  C CA  . GLU A 1 24  ? 4.142   -6.089  -22.539 1.00 48.36  ? 24  GLU A CA  1 
ATOM 200  C C   . GLU A 1 24  ? 3.471   -4.924  -21.777 1.00 51.20  ? 24  GLU A C   1 
ATOM 201  O O   . GLU A 1 24  ? 2.929   -3.989  -22.385 1.00 50.56  ? 24  GLU A O   1 
ATOM 202  C CB  . GLU A 1 24  ? 3.168   -7.265  -22.565 1.00 49.02  ? 24  GLU A CB  1 
ATOM 203  C CG  . GLU A 1 24  ? 3.512   -8.374  -23.536 1.00 61.07  ? 24  GLU A CG  1 
ATOM 204  C CD  . GLU A 1 24  ? 2.545   -9.548  -23.471 1.00 66.12  ? 24  GLU A CD  1 
ATOM 205  O OE1 . GLU A 1 24  ? 1.740   -9.631  -22.497 1.00 62.47  ? 24  GLU A OE1 1 
ATOM 206  O OE2 . GLU A 1 24  ? 2.631   -10.403 -24.392 1.00 65.20  ? 24  GLU A OE2 1 
ATOM 207  N N   . LEU A 1 25  ? 3.525   -4.985  -20.440 1.00 43.80  ? 25  LEU A N   1 
ATOM 208  C CA  . LEU A 1 25  ? 2.992   -3.941  -19.587 1.00 38.29  ? 25  LEU A CA  1 
ATOM 209  C C   . LEU A 1 25  ? 3.755   -2.640  -19.776 1.00 40.22  ? 25  LEU A C   1 
ATOM 210  O O   . LEU A 1 25  ? 3.175   -1.555  -19.908 1.00 41.60  ? 25  LEU A O   1 
ATOM 211  C CB  . LEU A 1 25  ? 3.039   -4.402  -18.139 1.00 37.58  ? 25  LEU A CB  1 
ATOM 212  C CG  . LEU A 1 25  ? 2.688   -3.390  -17.054 1.00 35.92  ? 25  LEU A CG  1 
ATOM 213  C CD1 . LEU A 1 25  ? 1.269   -2.849  -17.223 1.00 37.58  ? 25  LEU A CD1 1 
ATOM 214  C CD2 . LEU A 1 25  ? 2.826   -4.004  -15.664 1.00 37.76  ? 25  LEU A CD2 1 
ATOM 215  N N   . ARG A 1 26  ? 5.067   -2.765  -19.849 1.00 43.45  ? 26  ARG A N   1 
ATOM 216  C CA  . ARG A 1 26  ? 5.952   -1.618  -20.037 1.00 44.52  ? 26  ARG A CA  1 
ATOM 217  C C   . ARG A 1 26  ? 5.777   -0.926  -21.362 1.00 43.68  ? 26  ARG A C   1 
ATOM 218  O O   . ARG A 1 26  ? 5.902   0.282   -21.414 1.00 43.82  ? 26  ARG A O   1 
ATOM 219  C CB  . ARG A 1 26  ? 7.416   -1.994  -19.840 1.00 46.54  ? 26  ARG A CB  1 
ATOM 220  C CG  . ARG A 1 26  ? 8.053   -2.856  -20.919 1.00 52.28  ? 26  ARG A CG  1 
ATOM 221  C CD  . ARG A 1 26  ? 9.549   -2.717  -20.847 1.00 53.17  ? 26  ARG A CD  1 
ATOM 222  N NE  . ARG A 1 26  ? 9.875   -2.083  -19.574 1.00 56.34  ? 26  ARG A NE  1 
ATOM 223  C CZ  . ARG A 1 26  ? 10.900  -1.268  -19.381 1.00 57.61  ? 26  ARG A CZ  1 
ATOM 224  N NH1 . ARG A 1 26  ? 11.734  -1.042  -20.379 1.00 58.67  ? 26  ARG A NH1 1 
ATOM 225  N NH2 . ARG A 1 26  ? 11.114  -0.695  -18.191 1.00 52.31  ? 26  ARG A NH2 1 
ATOM 226  N N   . GLU A 1 27  ? 5.463   -1.684  -22.409 1.00 46.83  ? 27  GLU A N   1 
ATOM 227  C CA  . GLU A 1 27  ? 5.138   -1.091  -23.713 1.00 52.61  ? 27  GLU A CA  1 
ATOM 228  C C   . GLU A 1 27  ? 3.746   -0.415  -23.710 1.00 47.13  ? 27  GLU A C   1 
ATOM 229  O O   . GLU A 1 27  ? 3.541   0.641   -24.308 1.00 39.99  ? 27  GLU A O   1 
ATOM 230  C CB  . GLU A 1 27  ? 5.244   -2.138  -24.833 1.00 59.55  ? 27  GLU A CB  1 
ATOM 231  C CG  . GLU A 1 27  ? 6.663   -2.642  -25.076 1.00 75.77  ? 27  GLU A CG  1 
ATOM 232  C CD  . GLU A 1 27  ? 7.695   -1.515  -25.213 1.00 86.02  ? 27  GLU A CD  1 
ATOM 233  O OE1 . GLU A 1 27  ? 7.487   -0.603  -26.045 1.00 90.44  ? 27  GLU A OE1 1 
ATOM 234  O OE2 . GLU A 1 27  ? 8.720   -1.539  -24.485 1.00 86.54  ? 27  GLU A OE2 1 
ATOM 235  N N   . MET A 1 28  ? 2.812   -1.032  -23.001 1.00 44.88  ? 28  MET A N   1 
ATOM 236  C CA  . MET A 1 28  ? 1.485   -0.505  -22.907 1.00 44.45  ? 28  MET A CA  1 
ATOM 237  C C   . MET A 1 28  ? 1.436   0.800   -22.141 1.00 43.26  ? 28  MET A C   1 
ATOM 238  O O   . MET A 1 28  ? 0.619   1.670   -22.482 1.00 42.41  ? 28  MET A O   1 
ATOM 239  C CB  . MET A 1 28  ? 0.580   -1.439  -22.180 1.00 44.44  ? 28  MET A CB  1 
ATOM 240  C CG  . MET A 1 28  ? -0.687  -0.665  -21.943 1.00 46.12  ? 28  MET A CG  1 
ATOM 241  S SD  . MET A 1 28  ? -1.731  -1.475  -20.741 1.00 49.49  ? 28  MET A SD  1 
ATOM 242  C CE  . MET A 1 28  ? -1.725  -3.155  -21.438 1.00 49.97  ? 28  MET A CE  1 
ATOM 243  N N   . LEU A 1 29  ? 2.266   0.914   -21.095 1.00 32.62  ? 29  LEU A N   1 
ATOM 244  C CA  . LEU A 1 29  ? 2.365   2.138   -20.305 1.00 29.91  ? 29  LEU A CA  1 
ATOM 245  C C   . LEU A 1 29  ? 3.133   3.252   -21.014 1.00 33.39  ? 29  LEU A C   1 
ATOM 246  O O   . LEU A 1 29  ? 2.747   4.436   -20.905 1.00 30.53  ? 29  LEU A O   1 
ATOM 247  C CB  . LEU A 1 29  ? 2.984   1.874   -18.945 1.00 30.66  ? 29  LEU A CB  1 
ATOM 248  C CG  . LEU A 1 29  ? 2.076   1.075   -17.998 1.00 29.35  ? 29  LEU A CG  1 
ATOM 249  C CD1 . LEU A 1 29  ? 2.826   0.606   -16.761 1.00 24.71  ? 29  LEU A CD1 1 
ATOM 250  C CD2 . LEU A 1 29  ? 0.776   1.789   -17.634 1.00 28.43  ? 29  LEU A CD2 1 
ATOM 251  N N   . LYS A 1 30  ? 4.186   2.900   -21.769 1.00 34.70  ? 30  LYS A N   1 
ATOM 252  C CA  . LYS A 1 30  ? 4.845   3.914   -22.593 1.00 36.80  ? 30  LYS A CA  1 
ATOM 253  C C   . LYS A 1 30  ? 3.842   4.599   -23.531 1.00 37.65  ? 30  LYS A C   1 
ATOM 254  O O   . LYS A 1 30  ? 3.881   5.822   -23.682 1.00 42.98  ? 30  LYS A O   1 
ATOM 255  C CB  . LYS A 1 30  ? 6.049   3.358   -23.376 1.00 37.69  ? 30  LYS A CB  1 
ATOM 256  C CG  . LYS A 1 30  ? 6.746   4.446   -24.212 1.00 39.38  ? 30  LYS A CG  1 
ATOM 257  C CD  . LYS A 1 30  ? 8.283   4.462   -24.315 1.00 43.52  ? 30  LYS A CD  1 
ATOM 258  C CE  . LYS A 1 30  ? 8.771   5.893   -24.598 1.00 41.34  ? 30  LYS A CE  1 
ATOM 259  N NZ  . LYS A 1 30  ? 10.253  6.041   -24.501 1.00 44.32  ? 30  LYS A NZ  1 
ATOM 260  N N   . ARG A 1 31  ? 2.956   3.818   -24.145 1.00 36.17  ? 31  ARG A N   1 
ATOM 261  C CA  . ARG A 1 31  ? 1.914   4.375   -25.015 1.00 46.75  ? 31  ARG A CA  1 
ATOM 262  C C   . ARG A 1 31  ? 0.945   5.238   -24.231 1.00 46.87  ? 31  ARG A C   1 
ATOM 263  O O   . ARG A 1 31  ? 0.688   6.381   -24.591 1.00 42.17  ? 31  ARG A O   1 
ATOM 264  C CB  . ARG A 1 31  ? 1.167   3.271   -25.817 1.00 53.76  ? 31  ARG A CB  1 
ATOM 265  C CG  . ARG A 1 31  ? 2.046   2.671   -26.924 1.00 62.54  ? 31  ARG A CG  1 
ATOM 266  C CD  . ARG A 1 31  ? 1.228   1.924   -27.971 1.00 63.90  ? 31  ARG A CD  1 
ATOM 267  N NE  . ARG A 1 31  ? 0.996   0.562   -27.525 1.00 72.48  ? 31  ARG A NE  1 
ATOM 268  C CZ  . ARG A 1 31  ? -0.119  0.123   -26.938 1.00 86.78  ? 31  ARG A CZ  1 
ATOM 269  N NH1 . ARG A 1 31  ? -1.157  0.935   -26.734 1.00 90.37  ? 31  ARG A NH1 1 
ATOM 270  N NH2 . ARG A 1 31  ? -0.195  -1.149  -26.552 1.00 93.14  ? 31  ARG A NH2 1 
ATOM 271  N N   . GLU A 1 32  ? 0.415   4.694   -23.138 1.00 43.58  ? 32  GLU A N   1 
ATOM 272  C CA  . GLU A 1 32  ? -0.617  5.427   -22.406 1.00 36.96  ? 32  GLU A CA  1 
ATOM 273  C C   . GLU A 1 32  ? -0.145  6.709   -21.728 1.00 33.18  ? 32  GLU A C   1 
ATOM 274  O O   . GLU A 1 32  ? -0.855  7.734   -21.744 1.00 36.15  ? 32  GLU A O   1 
ATOM 275  C CB  . GLU A 1 32  ? -1.402  4.501   -21.477 1.00 43.78  ? 32  GLU A CB  1 
ATOM 276  C CG  . GLU A 1 32  ? -2.109  3.401   -22.279 1.00 50.98  ? 32  GLU A CG  1 
ATOM 277  C CD  . GLU A 1 32  ? -3.405  2.931   -21.721 1.00 59.71  ? 32  GLU A CD  1 
ATOM 278  O OE1 . GLU A 1 32  ? -3.850  3.496   -20.681 1.00 67.01  ? 32  GLU A OE1 1 
ATOM 279  O OE2 . GLU A 1 32  ? -3.977  2.021   -22.361 1.00 63.54  ? 32  GLU A OE2 1 
ATOM 280  N N   . TYR A 1 33  ? 1.062   6.696   -21.173 1.00 29.73  ? 33  TYR A N   1 
ATOM 281  C CA  . TYR A 1 33  ? 1.621   7.950   -20.635 1.00 28.62  ? 33  TYR A CA  1 
ATOM 282  C C   . TYR A 1 33  ? 1.798   9.008   -21.697 1.00 29.68  ? 33  TYR A C   1 
ATOM 283  O O   . TYR A 1 33  ? 1.641   10.178  -21.414 1.00 31.92  ? 33  TYR A O   1 
ATOM 284  C CB  . TYR A 1 33  ? 2.927   7.719   -19.869 1.00 28.49  ? 33  TYR A CB  1 
ATOM 285  C CG  . TYR A 1 33  ? 2.722   7.328   -18.389 1.00 29.57  ? 33  TYR A CG  1 
ATOM 286  C CD1 . TYR A 1 33  ? 2.372   8.287   -17.428 1.00 29.88  ? 33  TYR A CD1 1 
ATOM 287  C CD2 . TYR A 1 33  ? 2.840   5.996   -17.984 1.00 28.60  ? 33  TYR A CD2 1 
ATOM 288  C CE1 . TYR A 1 33  ? 2.176   7.942   -16.100 1.00 32.55  ? 33  TYR A CE1 1 
ATOM 289  C CE2 . TYR A 1 33  ? 2.653   5.626   -16.676 1.00 29.13  ? 33  TYR A CE2 1 
ATOM 290  C CZ  . TYR A 1 33  ? 2.332   6.587   -15.725 1.00 34.15  ? 33  TYR A CZ  1 
ATOM 291  O OH  . TYR A 1 33  ? 2.145   6.196   -14.389 1.00 34.08  ? 33  TYR A OH  1 
ATOM 292  N N   . ALA A 1 34  ? 2.117   8.601   -22.928 1.00 35.42  ? 34  ALA A N   1 
ATOM 293  C CA  . ALA A 1 34  ? 2.246   9.537   -24.060 1.00 35.85  ? 34  ALA A CA  1 
ATOM 294  C C   . ALA A 1 34  ? 0.915   10.035  -24.593 1.00 34.53  ? 34  ALA A C   1 
ATOM 295  O O   . ALA A 1 34  ? 0.825   11.181  -25.019 1.00 30.23  ? 34  ALA A O   1 
ATOM 296  C CB  . ALA A 1 34  ? 3.055   8.918   -25.181 1.00 36.93  ? 34  ALA A CB  1 
ATOM 297  N N   . GLU A 1 35  ? -0.111  9.192   -24.519 1.00 38.62  ? 35  GLU A N   1 
ATOM 298  C CA  . GLU A 1 35  ? -1.377  9.416   -25.239 1.00 44.46  ? 35  GLU A CA  1 
ATOM 299  C C   . GLU A 1 35  ? -2.538  9.913   -24.389 1.00 47.50  ? 35  GLU A C   1 
ATOM 300  O O   . GLU A 1 35  ? -3.459  10.531  -24.912 1.00 50.98  ? 35  GLU A O   1 
ATOM 301  C CB  . GLU A 1 35  ? -1.812  8.136   -25.915 1.00 47.90  ? 35  GLU A CB  1 
ATOM 302  C CG  . GLU A 1 35  ? -0.935  7.714   -27.076 1.00 61.25  ? 35  GLU A CG  1 
ATOM 303  C CD  . GLU A 1 35  ? -1.409  6.406   -27.708 1.00 72.82  ? 35  GLU A CD  1 
ATOM 304  O OE1 . GLU A 1 35  ? -2.272  5.713   -27.125 1.00 79.54  ? 35  GLU A OE1 1 
ATOM 305  O OE2 . GLU A 1 35  ? -0.954  6.069   -28.824 1.00 79.38  ? 35  GLU A OE2 1 
ATOM 306  N N   . GLN A 1 36  ? -2.509  9.644   -23.088 1.00 44.70  ? 36  GLN A N   1 
ATOM 307  C CA  . GLN A 1 36  ? -3.546  10.165  -22.217 1.00 43.23  ? 36  GLN A CA  1 
ATOM 308  C C   . GLN A 1 36  ? -2.937  10.346  -20.852 1.00 44.52  ? 36  GLN A C   1 
ATOM 309  O O   . GLN A 1 36  ? -1.717  10.151  -20.727 1.00 45.11  ? 36  GLN A O   1 
ATOM 310  C CB  . GLN A 1 36  ? -4.754  9.242   -22.163 1.00 45.73  ? 36  GLN A CB  1 
ATOM 311  C CG  . GLN A 1 36  ? -4.475  7.763   -22.041 1.00 42.84  ? 36  GLN A CG  1 
ATOM 312  C CD  . GLN A 1 36  ? -5.378  7.081   -23.036 1.00 40.01  ? 36  GLN A CD  1 
ATOM 313  O OE1 . GLN A 1 36  ? -6.467  7.572   -23.302 1.00 34.12  ? 36  GLN A OE1 1 
ATOM 314  N NE2 . GLN A 1 36  ? -4.898  6.040   -23.661 1.00 38.09  ? 36  GLN A NE2 1 
ATOM 315  N N   . THR A 1 37  ? -3.788  10.684  -19.863 1.00 39.77  ? 37  THR A N   1 
ATOM 316  C CA  . THR A 1 37  ? -3.414  11.054  -18.509 1.00 32.10  ? 37  THR A CA  1 
ATOM 317  C C   . THR A 1 37  ? -3.461  9.825   -17.628 1.00 33.49  ? 37  THR A C   1 
ATOM 318  O O   . THR A 1 37  ? -4.557  9.261   -17.391 1.00 38.17  ? 37  THR A O   1 
ATOM 319  C CB  . THR A 1 37  ? -4.396  12.111  -17.949 1.00 29.15  ? 37  THR A CB  1 
ATOM 320  O OG1 . THR A 1 37  ? -4.389  13.270  -18.762 1.00 27.37  ? 37  THR A OG1 1 
ATOM 321  C CG2 . THR A 1 37  ? -3.985  12.562  -16.586 1.00 30.76  ? 37  THR A CG2 1 
ATOM 322  N N   . ILE A 1 38  ? -2.284  9.423   -17.136 1.00 32.72  ? 38  ILE A N   1 
ATOM 323  C CA  . ILE A 1 38  ? -2.148  8.235   -16.303 1.00 32.11  ? 38  ILE A CA  1 
ATOM 324  C C   . ILE A 1 38  ? -1.626  8.684   -14.950 1.00 33.48  ? 38  ILE A C   1 
ATOM 325  O O   . ILE A 1 38  ? -0.760  9.550   -14.880 1.00 31.60  ? 38  ILE A O   1 
ATOM 326  C CB  . ILE A 1 38  ? -1.208  7.181   -16.923 1.00 30.22  ? 38  ILE A CB  1 
ATOM 327  C CG1 . ILE A 1 38  ? -1.691  6.754   -18.303 1.00 27.19  ? 38  ILE A CG1 1 
ATOM 328  C CG2 . ILE A 1 38  ? -1.075  5.973   -16.004 1.00 31.14  ? 38  ILE A CG2 1 
ATOM 329  C CD1 . ILE A 1 38  ? -3.113  6.232   -18.389 1.00 27.58  ? 38  ILE A CD1 1 
ATOM 330  N N   . TYR A 1 39  ? -2.194  8.118   -13.875 1.00 35.24  ? 39  TYR A N   1 
ATOM 331  C CA  . TYR A 1 39  ? -1.749  8.397   -12.512 1.00 27.46  ? 39  TYR A CA  1 
ATOM 332  C C   . TYR A 1 39  ? -1.212  7.103   -11.871 1.00 27.85  ? 39  TYR A C   1 
ATOM 333  O O   . TYR A 1 39  ? -1.635  5.978   -12.235 1.00 30.50  ? 39  TYR A O   1 
ATOM 334  C CB  . TYR A 1 39  ? -2.902  8.928   -11.702 1.00 27.43  ? 39  TYR A CB  1 
ATOM 335  C CG  . TYR A 1 39  ? -3.512  10.218  -12.227 1.00 30.20  ? 39  TYR A CG  1 
ATOM 336  C CD1 . TYR A 1 39  ? -2.712  11.339  -12.486 1.00 27.77  ? 39  TYR A CD1 1 
ATOM 337  C CD2 . TYR A 1 39  ? -4.920  10.348  -12.381 1.00 31.31  ? 39  TYR A CD2 1 
ATOM 338  C CE1 . TYR A 1 39  ? -3.266  12.514  -12.935 1.00 28.33  ? 39  TYR A CE1 1 
ATOM 339  C CE2 . TYR A 1 39  ? -5.483  11.541  -12.823 1.00 30.48  ? 39  TYR A CE2 1 
ATOM 340  C CZ  . TYR A 1 39  ? -4.645  12.604  -13.095 1.00 33.16  ? 39  TYR A CZ  1 
ATOM 341  O OH  . TYR A 1 39  ? -5.190  13.786  -13.549 1.00 41.78  ? 39  TYR A OH  1 
ATOM 342  N N   . PRO A 1 40  ? -0.243  7.231   -10.937 1.00 25.51  ? 40  PRO A N   1 
ATOM 343  C CA  . PRO A 1 40  ? 0.429   8.476   -10.558 1.00 24.77  ? 40  PRO A CA  1 
ATOM 344  C C   . PRO A 1 40  ? 1.416   8.874   -11.664 1.00 27.63  ? 40  PRO A C   1 
ATOM 345  O O   . PRO A 1 40  ? 1.504   8.184   -12.701 1.00 26.56  ? 40  PRO A O   1 
ATOM 346  C CB  . PRO A 1 40  ? 1.187   8.072   -9.305  1.00 23.25  ? 40  PRO A CB  1 
ATOM 347  C CG  . PRO A 1 40  ? 1.543   6.657   -9.584  1.00 21.44  ? 40  PRO A CG  1 
ATOM 348  C CD  . PRO A 1 40  ? 0.326   6.067   -10.222 1.00 22.60  ? 40  PRO A CD  1 
ATOM 349  N N   . ASP A 1 41  ? 2.140   9.979   -11.473 1.00 28.42  ? 41  ASP A N   1 
ATOM 350  C CA  . ASP A 1 41  ? 3.201   10.320  -12.414 1.00 29.78  ? 41  ASP A CA  1 
ATOM 351  C C   . ASP A 1 41  ? 4.127   9.126   -12.601 1.00 28.43  ? 41  ASP A C   1 
ATOM 352  O O   . ASP A 1 41  ? 4.333   8.382   -11.649 1.00 27.57  ? 41  ASP A O   1 
ATOM 353  C CB  . ASP A 1 41  ? 3.958   11.565  -11.931 1.00 33.83  ? 41  ASP A CB  1 
ATOM 354  C CG  . ASP A 1 41  ? 3.065   12.813  -11.911 1.00 41.85  ? 41  ASP A CG  1 
ATOM 355  O OD1 . ASP A 1 41  ? 2.038   12.821  -12.645 1.00 44.49  ? 41  ASP A OD1 1 
ATOM 356  O OD2 . ASP A 1 41  ? 3.356   13.771  -11.141 1.00 45.56  ? 41  ASP A OD2 1 
ATOM 357  N N   . SER A 1 42  ? 4.672   8.931   -13.806 1.00 28.44  ? 42  SER A N   1 
ATOM 358  C CA  . SER A 1 42  ? 5.431   7.716   -14.080 1.00 29.78  ? 42  SER A CA  1 
ATOM 359  C C   . SER A 1 42  ? 6.617   7.518   -13.163 1.00 30.97  ? 42  SER A C   1 
ATOM 360  O O   . SER A 1 42  ? 6.910   6.369   -12.792 1.00 31.90  ? 42  SER A O   1 
ATOM 361  C CB  . SER A 1 42  ? 5.843   7.588   -15.557 1.00 32.34  ? 42  SER A CB  1 
ATOM 362  O OG  . SER A 1 42  ? 6.770   8.585   -15.935 1.00 34.28  ? 42  SER A OG  1 
ATOM 363  N N   . ARG A 1 43  ? 7.301   8.601   -12.780 1.00 31.41  ? 43  ARG A N   1 
ATOM 364  C CA  . ARG A 1 43  ? 8.421   8.467   -11.798 1.00 33.04  ? 43  ARG A CA  1 
ATOM 365  C C   . ARG A 1 43  ? 7.982   7.954   -10.418 1.00 32.68  ? 43  ARG A C   1 
ATOM 366  O O   . ARG A 1 43  ? 8.799   7.473   -9.657  1.00 41.54  ? 43  ARG A O   1 
ATOM 367  C CB  . ARG A 1 43  ? 9.171   9.808   -11.624 1.00 35.05  ? 43  ARG A CB  1 
ATOM 368  C CG  . ARG A 1 43  ? 8.393   10.956  -10.975 1.00 32.56  ? 43  ARG A CG  1 
ATOM 369  C CD  . ARG A 1 43  ? 9.082   12.273  -11.289 1.00 34.67  ? 43  ARG A CD  1 
ATOM 370  N NE  . ARG A 1 43  ? 8.395   13.467  -10.774 1.00 38.69  ? 43  ARG A NE  1 
ATOM 371  C CZ  . ARG A 1 43  ? 8.973   14.673  -10.646 1.00 39.11  ? 43  ARG A CZ  1 
ATOM 372  N NH1 . ARG A 1 43  ? 10.245  14.878  -10.992 1.00 42.46  ? 43  ARG A NH1 1 
ATOM 373  N NH2 . ARG A 1 43  ? 8.296   15.706  -10.177 1.00 37.27  ? 43  ARG A NH2 1 
ATOM 374  N N   . ASP A 1 44  ? 6.689   8.037   -10.116 1.00 30.95  ? 44  ASP A N   1 
ATOM 375  C CA  . ASP A 1 44  ? 6.163   7.689   -8.776  1.00 30.27  ? 44  ASP A CA  1 
ATOM 376  C C   . ASP A 1 44  ? 5.599   6.281   -8.663  1.00 27.88  ? 44  ASP A C   1 
ATOM 377  O O   . ASP A 1 44  ? 5.222   5.859   -7.579  1.00 24.90  ? 44  ASP A O   1 
ATOM 378  C CB  . ASP A 1 44  ? 5.050   8.659   -8.343  1.00 31.20  ? 44  ASP A CB  1 
ATOM 379  C CG  . ASP A 1 44  ? 5.568   10.058  -8.086  1.00 35.57  ? 44  ASP A CG  1 
ATOM 380  O OD1 . ASP A 1 44  ? 6.779   10.227  -7.838  1.00 44.72  ? 44  ASP A OD1 1 
ATOM 381  O OD2 . ASP A 1 44  ? 4.783   11.014  -8.127  1.00 35.32  ? 44  ASP A OD2 1 
ATOM 382  N N   . ILE A 1 45  ? 5.531   5.555   -9.779  1.00 25.27  ? 45  ILE A N   1 
ATOM 383  C CA  . ILE A 1 45  ? 4.860   4.257   -9.835  1.00 22.07  ? 45  ILE A CA  1 
ATOM 384  C C   . ILE A 1 45  ? 5.282   3.319   -8.721  1.00 21.58  ? 45  ILE A C   1 
ATOM 385  O O   . ILE A 1 45  ? 4.425   2.648   -8.136  1.00 22.42  ? 45  ILE A O   1 
ATOM 386  C CB  . ILE A 1 45  ? 5.028   3.593   -11.229 1.00 22.16  ? 45  ILE A CB  1 
ATOM 387  C CG1 . ILE A 1 45  ? 4.160   4.292   -12.255 1.00 22.00  ? 45  ILE A CG1 1 
ATOM 388  C CG2 . ILE A 1 45  ? 4.660   2.107   -11.223 1.00 24.42  ? 45  ILE A CG2 1 
ATOM 389  C CD1 . ILE A 1 45  ? 4.518   3.898   -13.684 1.00 22.44  ? 45  ILE A CD1 1 
ATOM 390  N N   . PHE A 1 46  ? 6.580   3.262   -8.431  1.00 21.75  ? 46  PHE A N   1 
ATOM 391  C CA  . PHE A 1 46  ? 7.098   2.316   -7.446  1.00 22.64  ? 46  PHE A CA  1 
ATOM 392  C C   . PHE A 1 46  ? 7.417   2.967   -6.071  1.00 22.52  ? 46  PHE A C   1 
ATOM 393  O O   . PHE A 1 46  ? 8.183   2.408   -5.270  1.00 24.54  ? 46  PHE A O   1 
ATOM 394  C CB  . PHE A 1 46  ? 8.341   1.621   -8.033  1.00 23.62  ? 46  PHE A CB  1 
ATOM 395  C CG  . PHE A 1 46  ? 8.067   0.786   -9.265  1.00 22.52  ? 46  PHE A CG  1 
ATOM 396  C CD1 . PHE A 1 46  ? 7.308   -0.387  -9.173  1.00 21.35  ? 46  PHE A CD1 1 
ATOM 397  C CD2 . PHE A 1 46  ? 8.571   1.170   -10.526 1.00 20.88  ? 46  PHE A CD2 1 
ATOM 398  C CE1 . PHE A 1 46  ? 7.042   -1.145  -10.316 1.00 22.53  ? 46  PHE A CE1 1 
ATOM 399  C CE2 . PHE A 1 46  ? 8.316   0.403   -11.681 1.00 20.49  ? 46  PHE A CE2 1 
ATOM 400  C CZ  . PHE A 1 46  ? 7.546   -0.756  -11.585 1.00 20.87  ? 46  PHE A CZ  1 
ATOM 401  N N   . ASN A 1 47  ? 6.862   4.148   -5.802  1.00 21.86  ? 47  ASN A N   1 
ATOM 402  C CA  . ASN A 1 47  ? 7.210   4.880   -4.586  1.00 23.46  ? 47  ASN A CA  1 
ATOM 403  C C   . ASN A 1 47  ? 7.076   4.106   -3.267  1.00 23.72  ? 47  ASN A C   1 
ATOM 404  O O   . ASN A 1 47  ? 7.865   4.322   -2.344  1.00 22.62  ? 47  ASN A O   1 
ATOM 405  C CB  . ASN A 1 47  ? 6.483   6.213   -4.493  1.00 26.50  ? 47  ASN A CB  1 
ATOM 406  C CG  . ASN A 1 47  ? 7.155   7.301   -5.321  1.00 31.66  ? 47  ASN A CG  1 
ATOM 407  O OD1 . ASN A 1 47  ? 8.188   7.084   -5.933  1.00 35.21  ? 47  ASN A OD1 1 
ATOM 408  N ND2 . ASN A 1 47  ? 6.566   8.485   -5.336  1.00 34.37  ? 47  ASN A ND2 1 
ATOM 409  N N   . ALA A 1 48  ? 6.109   3.193   -3.174  1.00 22.81  ? 48  ALA A N   1 
ATOM 410  C CA  . ALA A 1 48  ? 5.966   2.417   -1.947  1.00 23.51  ? 48  ALA A CA  1 
ATOM 411  C C   . ALA A 1 48  ? 7.255   1.647   -1.630  1.00 25.15  ? 48  ALA A C   1 
ATOM 412  O O   . ALA A 1 48  ? 7.718   1.581   -0.468  1.00 26.39  ? 48  ALA A O   1 
ATOM 413  C CB  . ALA A 1 48  ? 4.802   1.476   -2.023  1.00 20.85  ? 48  ALA A CB  1 
ATOM 414  N N   . LEU A 1 49  ? 7.864   1.112   -2.672  1.00 24.81  ? 49  LEU A N   1 
ATOM 415  C CA  . LEU A 1 49  ? 9.082   0.346   -2.536  1.00 24.82  ? 49  LEU A CA  1 
ATOM 416  C C   . LEU A 1 49  ? 10.325  1.218   -2.411  1.00 22.85  ? 49  LEU A C   1 
ATOM 417  O O   . LEU A 1 49  ? 11.331  0.790   -1.841  1.00 20.54  ? 49  LEU A O   1 
ATOM 418  C CB  . LEU A 1 49  ? 9.220   -0.597  -3.732  1.00 30.97  ? 49  LEU A CB  1 
ATOM 419  C CG  . LEU A 1 49  ? 8.320   -1.831  -3.716  1.00 32.18  ? 49  LEU A CG  1 
ATOM 420  C CD1 . LEU A 1 49  ? 6.930   -1.431  -4.150  1.00 36.41  ? 49  LEU A CD1 1 
ATOM 421  C CD2 . LEU A 1 49  ? 8.844   -2.833  -4.703  1.00 32.69  ? 49  LEU A CD2 1 
ATOM 422  N N   . HIS A 1 50  ? 10.274  2.434   -2.945  1.00 21.78  ? 50  HIS A N   1 
ATOM 423  C CA  . HIS A 1 50  ? 11.385  3.388   -2.795  1.00 20.11  ? 50  HIS A CA  1 
ATOM 424  C C   . HIS A 1 50  ? 11.473  3.878   -1.374  1.00 21.01  ? 50  HIS A C   1 
ATOM 425  O O   . HIS A 1 50  ? 12.540  3.961   -0.797  1.00 22.18  ? 50  HIS A O   1 
ATOM 426  C CB  . HIS A 1 50  ? 11.238  4.566   -3.749  1.00 19.63  ? 50  HIS A CB  1 
ATOM 427  C CG  . HIS A 1 50  ? 11.276  4.193   -5.213  1.00 19.30  ? 50  HIS A CG  1 
ATOM 428  N ND1 . HIS A 1 50  ? 12.102  3.211   -5.706  1.00 19.11  ? 50  HIS A ND1 1 
ATOM 429  C CD2 . HIS A 1 50  ? 10.625  4.702   -6.285  1.00 18.54  ? 50  HIS A CD2 1 
ATOM 430  C CE1 . HIS A 1 50  ? 11.931  3.103   -7.010  1.00 18.73  ? 50  HIS A CE1 1 
ATOM 431  N NE2 . HIS A 1 50  ? 11.038  3.995   -7.384  1.00 19.17  ? 50  HIS A NE2 1 
ATOM 432  N N   . TYR A 1 51  ? 10.337  4.205   -0.783  1.00 25.13  ? 51  TYR A N   1 
ATOM 433  C CA  . TYR A 1 51  ? 10.320  4.617   0.634   1.00 26.95  ? 51  TYR A CA  1 
ATOM 434  C C   . TYR A 1 51  ? 10.644  3.533   1.560   1.00 25.46  ? 51  TYR A C   1 
ATOM 435  O O   . TYR A 1 51  ? 11.502  3.691   2.389   1.00 27.13  ? 51  TYR A O   1 
ATOM 436  C CB  . TYR A 1 51  ? 8.989   5.135   0.999   1.00 27.80  ? 51  TYR A CB  1 
ATOM 437  C CG  . TYR A 1 51  ? 8.745   6.373   0.255   1.00 32.81  ? 51  TYR A CG  1 
ATOM 438  C CD1 . TYR A 1 51  ? 9.154   7.596   0.758   1.00 37.74  ? 51  TYR A CD1 1 
ATOM 439  C CD2 . TYR A 1 51  ? 8.169   6.330   -0.962  1.00 32.92  ? 51  TYR A CD2 1 
ATOM 440  C CE1 . TYR A 1 51  ? 8.920   8.752   0.064   1.00 38.34  ? 51  TYR A CE1 1 
ATOM 441  C CE2 . TYR A 1 51  ? 7.935   7.448   -1.655  1.00 35.51  ? 51  TYR A CE2 1 
ATOM 442  C CZ  . TYR A 1 51  ? 8.313   8.645   -1.155  1.00 37.88  ? 51  TYR A CZ  1 
ATOM 443  O OH  . TYR A 1 51  ? 8.071   9.727   -1.926  1.00 38.69  ? 51  TYR A OH  1 
ATOM 444  N N   . THR A 1 52  ? 10.008  2.395   1.376   1.00 24.98  ? 52  THR A N   1 
ATOM 445  C CA  . THR A 1 52  ? 10.262  1.337   2.307   1.00 24.49  ? 52  THR A CA  1 
ATOM 446  C C   . THR A 1 52  ? 10.999  0.212   1.624   1.00 22.58  ? 52  THR A C   1 
ATOM 447  O O   . THR A 1 52  ? 10.411  -0.480  0.813   1.00 25.48  ? 52  THR A O   1 
ATOM 448  C CB  . THR A 1 52  ? 8.930   0.820   2.856   1.00 25.16  ? 52  THR A CB  1 
ATOM 449  O OG1 . THR A 1 52  ? 8.402   1.768   3.768   1.00 27.86  ? 52  THR A OG1 1 
ATOM 450  C CG2 . THR A 1 52  ? 9.107   -0.378  3.614   1.00 23.34  ? 52  THR A CG2 1 
ATOM 451  N N   . SER A 1 53  ? 12.239  -0.020  1.993   1.00 20.08  ? 53  SER A N   1 
ATOM 452  C CA  . SER A 1 53  ? 12.999  -1.157  1.440   1.00 23.79  ? 53  SER A CA  1 
ATOM 453  C C   . SER A 1 53  ? 12.526  -2.507  1.931   1.00 23.23  ? 53  SER A C   1 
ATOM 454  O O   . SER A 1 53  ? 11.900  -2.590  2.988   1.00 23.93  ? 53  SER A O   1 
ATOM 455  C CB  . SER A 1 53  ? 14.495  -1.006  1.786   1.00 27.64  ? 53  SER A CB  1 
ATOM 456  O OG  . SER A 1 53  ? 14.739  -1.379  3.148   1.00 27.18  ? 53  SER A OG  1 
ATOM 457  N N   . TYR A 1 54  ? 12.843  -3.567  1.189   1.00 25.57  ? 54  TYR A N   1 
ATOM 458  C CA  . TYR A 1 54  ? 12.453  -4.959  1.569   1.00 24.76  ? 54  TYR A CA  1 
ATOM 459  C C   . TYR A 1 54  ? 12.896  -5.277  2.984   1.00 24.28  ? 54  TYR A C   1 
ATOM 460  O O   . TYR A 1 54  ? 12.132  -5.800  3.738   1.00 23.52  ? 54  TYR A O   1 
ATOM 461  C CB  . TYR A 1 54  ? 13.032  -5.952  0.581   1.00 23.42  ? 54  TYR A CB  1 
ATOM 462  C CG  . TYR A 1 54  ? 12.802  -7.414  0.865   1.00 23.76  ? 54  TYR A CG  1 
ATOM 463  C CD1 . TYR A 1 54  ? 11.608  -8.032  0.507   1.00 23.69  ? 54  TYR A CD1 1 
ATOM 464  C CD2 . TYR A 1 54  ? 13.823  -8.205  1.381   1.00 25.22  ? 54  TYR A CD2 1 
ATOM 465  C CE1 . TYR A 1 54  ? 11.393  -9.387  0.711   1.00 25.16  ? 54  TYR A CE1 1 
ATOM 466  C CE2 . TYR A 1 54  ? 13.643  -9.583  1.564   1.00 27.54  ? 54  TYR A CE2 1 
ATOM 467  C CZ  . TYR A 1 54  ? 12.431  -10.171 1.236   1.00 27.12  ? 54  TYR A CZ  1 
ATOM 468  O OH  . TYR A 1 54  ? 12.270  -11.523 1.489   1.00 29.69  ? 54  TYR A OH  1 
ATOM 469  N N   . ASP A 1 55  ? 14.120  -4.916  3.350   1.00 26.12  ? 55  ASP A N   1 
ATOM 470  C CA  . ASP A 1 55  ? 14.649  -5.139  4.706   1.00 27.54  ? 55  ASP A CA  1 
ATOM 471  C C   . ASP A 1 55  ? 13.957  -4.336  5.770   1.00 26.87  ? 55  ASP A C   1 
ATOM 472  O O   . ASP A 1 55  ? 13.884  -4.756  6.873   1.00 23.83  ? 55  ASP A O   1 
ATOM 473  C CB  . ASP A 1 55  ? 16.155  -4.882  4.728   1.00 31.15  ? 55  ASP A CB  1 
ATOM 474  C CG  . ASP A 1 55  ? 16.925  -5.912  3.861   1.00 39.89  ? 55  ASP A CG  1 
ATOM 475  O OD1 . ASP A 1 55  ? 16.487  -7.100  3.906   1.00 45.18  ? 55  ASP A OD1 1 
ATOM 476  O OD2 . ASP A 1 55  ? 17.912  -5.572  3.121   1.00 38.39  ? 55  ASP A OD2 1 
ATOM 477  N N   . ASP A 1 56  ? 13.449  -3.160  5.424   1.00 32.42  ? 56  ASP A N   1 
ATOM 478  C CA  . ASP A 1 56  ? 12.792  -2.252  6.393   1.00 29.61  ? 56  ASP A CA  1 
ATOM 479  C C   . ASP A 1 56  ? 11.323  -2.505  6.612   1.00 28.34  ? 56  ASP A C   1 
ATOM 480  O O   . ASP A 1 56  ? 10.761  -2.013  7.619   1.00 28.60  ? 56  ASP A O   1 
ATOM 481  C CB  . ASP A 1 56  ? 13.023  -0.779  6.046   1.00 31.56  ? 56  ASP A CB  1 
ATOM 482  C CG  . ASP A 1 56  ? 14.479  -0.360  6.197   1.00 38.89  ? 56  ASP A CG  1 
ATOM 483  O OD1 . ASP A 1 56  ? 15.255  -1.032  6.949   1.00 36.91  ? 56  ASP A OD1 1 
ATOM 484  O OD2 . ASP A 1 56  ? 14.838  0.672   5.563   1.00 45.58  ? 56  ASP A OD2 1 
ATOM 485  N N   . VAL A 1 57  ? 10.693  -3.287  5.730   1.00 25.70  ? 57  VAL A N   1 
ATOM 486  C CA  . VAL A 1 57  ? 9.238   -3.507  5.853   1.00 21.90  ? 57  VAL A CA  1 
ATOM 487  C C   . VAL A 1 57  ? 8.897   -4.048  7.224   1.00 21.28  ? 57  VAL A C   1 
ATOM 488  O O   . VAL A 1 57  ? 9.475   -5.034  7.640   1.00 21.70  ? 57  VAL A O   1 
ATOM 489  C CB  . VAL A 1 57  ? 8.651   -4.439  4.764   1.00 20.84  ? 57  VAL A CB  1 
ATOM 490  C CG1 . VAL A 1 57  ? 7.178   -4.775  5.046   1.00 22.61  ? 57  VAL A CG1 1 
ATOM 491  C CG2 . VAL A 1 57  ? 8.841   -3.909  3.379   1.00 19.34  ? 57  VAL A CG2 1 
ATOM 492  N N   . LYS A 1 58  ? 7.969   -3.396  7.914   1.00 23.73  ? 58  LYS A N   1 
ATOM 493  C CA  . LYS A 1 58  ? 7.418   -3.872  9.189   1.00 25.06  ? 58  LYS A CA  1 
ATOM 494  C C   . LYS A 1 58  ? 5.946   -4.204  9.028   1.00 28.56  ? 58  LYS A C   1 
ATOM 495  O O   . LYS A 1 58  ? 5.485   -5.225  9.568   1.00 30.85  ? 58  LYS A O   1 
ATOM 496  C CB  . LYS A 1 58  ? 7.569   -2.793  10.249  1.00 23.31  ? 58  LYS A CB  1 
ATOM 497  C CG  . LYS A 1 58  ? 8.928   -2.731  10.924  1.00 23.76  ? 58  LYS A CG  1 
ATOM 498  C CD  . LYS A 1 58  ? 8.965   -1.583  11.962  1.00 21.59  ? 58  LYS A CD  1 
ATOM 499  C CE  . LYS A 1 58  ? 10.293  -1.632  12.710  1.00 19.17  ? 58  LYS A CE  1 
ATOM 500  N NZ  . LYS A 1 58  ? 10.402  -0.484  13.674  1.00 18.37  ? 58  LYS A NZ  1 
ATOM 501  N N   . VAL A 1 59  ? 5.198   -3.336  8.320   1.00 26.03  ? 59  VAL A N   1 
ATOM 502  C CA  . VAL A 1 59  ? 3.754   -3.521  8.125   1.00 23.83  ? 59  VAL A CA  1 
ATOM 503  C C   . VAL A 1 59  ? 3.466   -3.378  6.657   1.00 24.66  ? 59  VAL A C   1 
ATOM 504  O O   . VAL A 1 59  ? 4.096   -2.538  6.031   1.00 28.57  ? 59  VAL A O   1 
ATOM 505  C CB  . VAL A 1 59  ? 2.956   -2.482  8.918   1.00 22.49  ? 59  VAL A CB  1 
ATOM 506  C CG1 . VAL A 1 59  ? 1.448   -2.702  8.743   1.00 22.85  ? 59  VAL A CG1 1 
ATOM 507  C CG2 . VAL A 1 59  ? 3.391   -2.455  10.400  1.00 21.89  ? 59  VAL A CG2 1 
ATOM 508  N N   . VAL A 1 60  ? 2.576   -4.199  6.102   1.00 26.34  ? 60  VAL A N   1 
ATOM 509  C CA  . VAL A 1 60  ? 2.086   -3.998  4.725   1.00 26.96  ? 60  VAL A CA  1 
ATOM 510  C C   . VAL A 1 60  ? 0.619   -3.655  4.762   1.00 26.66  ? 60  VAL A C   1 
ATOM 511  O O   . VAL A 1 60  ? -0.142  -4.403  5.335   1.00 25.38  ? 60  VAL A O   1 
ATOM 512  C CB  . VAL A 1 60  ? 2.270   -5.244  3.849   1.00 29.72  ? 60  VAL A CB  1 
ATOM 513  C CG1 . VAL A 1 60  ? 1.702   -5.050  2.429   1.00 29.03  ? 60  VAL A CG1 1 
ATOM 514  C CG2 . VAL A 1 60  ? 3.733   -5.625  3.772   1.00 35.14  ? 60  VAL A CG2 1 
ATOM 515  N N   . ILE A 1 61  ? 0.241   -2.516  4.197   1.00 29.44  ? 61  ILE A N   1 
ATOM 516  C CA  . ILE A 1 61  ? -1.168  -2.147  4.085   1.00 33.41  ? 61  ILE A CA  1 
ATOM 517  C C   . ILE A 1 61  ? -1.527  -2.162  2.581   1.00 39.47  ? 61  ILE A C   1 
ATOM 518  O O   . ILE A 1 61  ? -1.081  -1.311  1.789   1.00 36.46  ? 61  ILE A O   1 
ATOM 519  C CB  . ILE A 1 61  ? -1.448  -0.747  4.676   1.00 33.00  ? 61  ILE A CB  1 
ATOM 520  C CG1 . ILE A 1 61  ? -0.973  -0.630  6.117   1.00 35.35  ? 61  ILE A CG1 1 
ATOM 521  C CG2 . ILE A 1 61  ? -2.924  -0.401  4.585   1.00 32.99  ? 61  ILE A CG2 1 
ATOM 522  C CD1 . ILE A 1 61  ? -1.250  0.742   6.765   1.00 34.20  ? 61  ILE A CD1 1 
ATOM 523  N N   . LEU A 1 62  ? -2.327  -3.156  2.207   1.00 41.97  ? 62  LEU A N   1 
ATOM 524  C CA  . LEU A 1 62  ? -2.682  -3.390  0.803   1.00 39.90  ? 62  LEU A CA  1 
ATOM 525  C C   . LEU A 1 62  ? -3.835  -2.523  0.367   1.00 37.91  ? 62  LEU A C   1 
ATOM 526  O O   . LEU A 1 62  ? -4.866  -2.456  1.049   1.00 45.16  ? 62  LEU A O   1 
ATOM 527  C CB  . LEU A 1 62  ? -3.049  -4.862  0.555   1.00 40.35  ? 62  LEU A CB  1 
ATOM 528  C CG  . LEU A 1 62  ? -1.976  -5.955  0.631   1.00 45.90  ? 62  LEU A CG  1 
ATOM 529  C CD1 . LEU A 1 62  ? -2.618  -7.298  0.279   1.00 45.40  ? 62  LEU A CD1 1 
ATOM 530  C CD2 . LEU A 1 62  ? -0.781  -5.549  -0.290  1.00 49.38  ? 62  LEU A CD2 1 
ATOM 531  N N   . GLY A 1 63  ? -3.670  -1.880  -0.779  1.00 31.49  ? 63  GLY A N   1 
ATOM 532  C CA  . GLY A 1 63  ? -4.767  -1.150  -1.416  1.00 32.20  ? 63  GLY A CA  1 
ATOM 533  C C   . GLY A 1 63  ? -5.115  -1.747  -2.728  1.00 35.69  ? 63  GLY A C   1 
ATOM 534  O O   . GLY A 1 63  ? -4.524  -2.768  -3.084  1.00 40.89  ? 63  GLY A O   1 
ATOM 535  N N   . GLN A 1 64  ? -6.061  -1.131  -3.440  1.00 42.77  ? 64  GLN A N   1 
ATOM 536  C CA  . GLN A 1 64  ? -6.462  -1.614  -4.769  1.00 48.53  ? 64  GLN A CA  1 
ATOM 537  C C   . GLN A 1 64  ? -5.705  -0.928  -5.886  1.00 42.62  ? 64  GLN A C   1 
ATOM 538  O O   . GLN A 1 64  ? -4.573  -1.312  -6.207  1.00 38.96  ? 64  GLN A O   1 
ATOM 539  C CB  . GLN A 1 64  ? -7.980  -1.483  -4.976  1.00 59.88  ? 64  GLN A CB  1 
ATOM 540  C CG  . GLN A 1 64  ? -8.468  -2.059  -6.297  1.00 79.05  ? 64  GLN A CG  1 
ATOM 541  C CD  . GLN A 1 64  ? -9.480  -3.160  -6.155  1.00 92.79  ? 64  GLN A CD  1 
ATOM 542  O OE1 . GLN A 1 64  ? -9.832  -3.550  -5.047  1.00 99.00  ? 64  GLN A OE1 1 
ATOM 543  N NE2 . GLN A 1 64  ? -9.954  -3.670  -7.292  1.00 101.27 ? 64  GLN A NE2 1 
ATOM 544  N N   . ASP A 1 65  ? -6.313  0.093   -6.475  1.00 37.88  ? 65  ASP A N   1 
ATOM 545  C CA  . ASP A 1 65  ? -5.626  0.834   -7.542  1.00 37.65  ? 65  ASP A CA  1 
ATOM 546  C C   . ASP A 1 65  ? -5.412  2.287   -7.147  1.00 36.69  ? 65  ASP A C   1 
ATOM 547  O O   . ASP A 1 65  ? -5.923  2.730   -6.109  1.00 39.55  ? 65  ASP A O   1 
ATOM 548  C CB  . ASP A 1 65  ? -6.216  0.603   -8.951  1.00 40.64  ? 65  ASP A CB  1 
ATOM 549  C CG  . ASP A 1 65  ? -7.529  1.323   -9.197  1.00 47.43  ? 65  ASP A CG  1 
ATOM 550  O OD1 . ASP A 1 65  ? -8.241  1.653   -8.251  1.00 50.32  ? 65  ASP A OD1 1 
ATOM 551  O OD2 . ASP A 1 65  ? -7.878  1.533   -10.382 1.00 62.25  ? 65  ASP A OD2 1 
ATOM 552  N N   . PRO A 1 66  ? -4.589  3.029   -7.911  1.00 34.72  ? 66  PRO A N   1 
ATOM 553  C CA  . PRO A 1 66  ? -4.308  4.403   -7.494  1.00 34.70  ? 66  PRO A CA  1 
ATOM 554  C C   . PRO A 1 66  ? -5.531  5.306   -7.596  1.00 37.57  ? 66  PRO A C   1 
ATOM 555  O O   . PRO A 1 66  ? -6.438  5.055   -8.401  1.00 44.35  ? 66  PRO A O   1 
ATOM 556  C CB  . PRO A 1 66  ? -3.246  4.871   -8.499  1.00 30.15  ? 66  PRO A CB  1 
ATOM 557  C CG  . PRO A 1 66  ? -2.681  3.623   -9.057  1.00 27.49  ? 66  PRO A CG  1 
ATOM 558  C CD  . PRO A 1 66  ? -3.803  2.652   -9.094  1.00 31.00  ? 66  PRO A CD  1 
ATOM 559  N N   . TYR A 1 67  ? -5.554  6.374   -6.815  1.00 35.15  ? 67  TYR A N   1 
ATOM 560  C CA  . TYR A 1 67  ? -6.574  7.408   -7.000  1.00 28.33  ? 67  TYR A CA  1 
ATOM 561  C C   . TYR A 1 67  ? -6.529  7.922   -8.424  1.00 29.00  ? 67  TYR A C   1 
ATOM 562  O O   . TYR A 1 67  ? -5.428  8.046   -9.022  1.00 30.36  ? 67  TYR A O   1 
ATOM 563  C CB  . TYR A 1 67  ? -6.317  8.549   -6.054  1.00 25.32  ? 67  TYR A CB  1 
ATOM 564  C CG  . TYR A 1 67  ? -6.532  8.174   -4.600  1.00 24.77  ? 67  TYR A CG  1 
ATOM 565  C CD1 . TYR A 1 67  ? -7.795  7.837   -4.122  1.00 22.53  ? 67  TYR A CD1 1 
ATOM 566  C CD2 . TYR A 1 67  ? -5.448  8.142   -3.697  1.00 22.81  ? 67  TYR A CD2 1 
ATOM 567  C CE1 . TYR A 1 67  ? -7.970  7.524   -2.802  1.00 22.24  ? 67  TYR A CE1 1 
ATOM 568  C CE2 . TYR A 1 67  ? -5.631  7.842   -2.393  1.00 20.43  ? 67  TYR A CE2 1 
ATOM 569  C CZ  . TYR A 1 67  ? -6.909  7.528   -1.943  1.00 21.88  ? 67  TYR A CZ  1 
ATOM 570  O OH  . TYR A 1 67  ? -7.216  7.207   -0.588  1.00 24.35  ? 67  TYR A OH  1 
ATOM 571  N N   . HIS A 1 68  ? -7.714  8.191   -8.976  1.00 29.04  ? 68  HIS A N   1 
ATOM 572  C CA  . HIS A 1 68  ? -7.807  8.493   -10.412 1.00 31.74  ? 68  HIS A CA  1 
ATOM 573  C C   . HIS A 1 68  ? -8.058  9.967   -10.716 1.00 31.09  ? 68  HIS A C   1 
ATOM 574  O O   . HIS A 1 68  ? -8.319  10.332  -11.878 1.00 31.05  ? 68  HIS A O   1 
ATOM 575  C CB  . HIS A 1 68  ? -8.875  7.634   -11.076 1.00 31.65  ? 68  HIS A CB  1 
ATOM 576  C CG  . HIS A 1 68  ? -10.247 7.843   -10.520 1.00 32.61  ? 68  HIS A CG  1 
ATOM 577  N ND1 . HIS A 1 68  ? -10.917 6.860   -9.833  1.00 32.35  ? 68  HIS A ND1 1 
ATOM 578  C CD2 . HIS A 1 68  ? -11.102 8.897   -10.610 1.00 32.67  ? 68  HIS A CD2 1 
ATOM 579  C CE1 . HIS A 1 68  ? -12.128 7.293   -9.523  1.00 33.47  ? 68  HIS A CE1 1 
ATOM 580  N NE2 . HIS A 1 68  ? -12.264 8.528   -9.982  1.00 32.02  ? 68  HIS A NE2 1 
ATOM 581  N N   . GLY A 1 69  ? -7.983  10.812  -9.687  1.00 29.54  ? 69  GLY A N   1 
ATOM 582  C CA  . GLY A 1 69  ? -8.147  12.248  -9.885  1.00 34.70  ? 69  GLY A CA  1 
ATOM 583  C C   . GLY A 1 69  ? -6.845  13.042  -9.889  1.00 40.14  ? 69  GLY A C   1 
ATOM 584  O O   . GLY A 1 69  ? -5.820  12.592  -9.322  1.00 40.61  ? 69  GLY A O   1 
ATOM 585  N N   . PRO A 1 70  ? -6.878  14.248  -10.481 1.00 40.65  ? 70  PRO A N   1 
ATOM 586  C CA  . PRO A 1 70  ? -5.643  15.025  -10.554 1.00 43.24  ? 70  PRO A CA  1 
ATOM 587  C C   . PRO A 1 70  ? -5.064  15.342  -9.189  1.00 42.48  ? 70  PRO A C   1 
ATOM 588  O O   . PRO A 1 70  ? -5.830  15.667  -8.270  1.00 48.58  ? 70  PRO A O   1 
ATOM 589  C CB  . PRO A 1 70  ? -6.071  16.311  -11.280 1.00 46.36  ? 70  PRO A CB  1 
ATOM 590  C CG  . PRO A 1 70  ? -7.567  16.272  -11.361 1.00 47.04  ? 70  PRO A CG  1 
ATOM 591  C CD  . PRO A 1 70  ? -7.961  14.839  -11.286 1.00 43.24  ? 70  PRO A CD  1 
ATOM 592  N N   . GLY A 1 71  ? -3.740  15.208  -9.054  1.00 35.82  ? 71  GLY A N   1 
ATOM 593  C CA  . GLY A 1 71  ? -3.028  15.621  -7.835  1.00 36.06  ? 71  GLY A CA  1 
ATOM 594  C C   . GLY A 1 71  ? -3.200  14.757  -6.593  1.00 36.37  ? 71  GLY A C   1 
ATOM 595  O O   . GLY A 1 71  ? -2.766  15.122  -5.488  1.00 39.16  ? 71  GLY A O   1 
ATOM 596  N N   . GLN A 1 72  ? -3.806  13.584  -6.768  1.00 31.47  ? 72  GLN A N   1 
ATOM 597  C CA  . GLN A 1 72  ? -4.037  12.677  -5.655  1.00 28.98  ? 72  GLN A CA  1 
ATOM 598  C C   . GLN A 1 72  ? -2.937  11.644  -5.438  1.00 31.47  ? 72  GLN A C   1 
ATOM 599  O O   . GLN A 1 72  ? -2.238  11.678  -4.429  1.00 38.51  ? 72  GLN A O   1 
ATOM 600  C CB  . GLN A 1 72  ? -5.398  11.982  -5.802  1.00 28.65  ? 72  GLN A CB  1 
ATOM 601  C CG  . GLN A 1 72  ? -6.599  12.950  -5.788  1.00 25.77  ? 72  GLN A CG  1 
ATOM 602  C CD  . GLN A 1 72  ? -7.889  12.186  -5.885  1.00 24.22  ? 72  GLN A CD  1 
ATOM 603  O OE1 . GLN A 1 72  ? -8.063  11.395  -6.807  1.00 24.45  ? 72  GLN A OE1 1 
ATOM 604  N NE2 . GLN A 1 72  ? -8.753  12.315  -4.855  1.00 25.22  ? 72  GLN A NE2 1 
ATOM 605  N N   . ALA A 1 73  ? -2.765  10.713  -6.361  1.00 29.88  ? 73  ALA A N   1 
ATOM 606  C CA  . ALA A 1 73  ? -1.884  9.617   -6.101  1.00 28.92  ? 73  ALA A CA  1 
ATOM 607  C C   . ALA A 1 73  ? -0.455  10.020  -5.997  1.00 29.43  ? 73  ALA A C   1 
ATOM 608  O O   . ALA A 1 73  ? -0.007  10.994  -6.581  1.00 34.25  ? 73  ALA A O   1 
ATOM 609  C CB  . ALA A 1 73  ? -2.009  8.611   -7.186  1.00 32.55  ? 73  ALA A CB  1 
ATOM 610  N N   . GLN A 1 74  ? 0.268   9.225   -5.254  1.00 25.60  ? 74  GLN A N   1 
ATOM 611  C CA  . GLN A 1 74  ? 1.683   9.424   -5.029  1.00 21.57  ? 74  GLN A CA  1 
ATOM 612  C C   . GLN A 1 74  ? 2.451   8.120   -5.270  1.00 21.36  ? 74  GLN A C   1 
ATOM 613  O O   . GLN A 1 74  ? 3.655   8.071   -4.998  1.00 20.03  ? 74  GLN A O   1 
ATOM 614  C CB  . GLN A 1 74  ? 1.894   9.714   -3.559  1.00 23.16  ? 74  GLN A CB  1 
ATOM 615  C CG  . GLN A 1 74  ? 1.452   11.067  -3.061  1.00 24.70  ? 74  GLN A CG  1 
ATOM 616  C CD  . GLN A 1 74  ? 1.235   11.038  -1.551  1.00 25.20  ? 74  GLN A CD  1 
ATOM 617  O OE1 . GLN A 1 74  ? 0.377   10.279  -1.055  1.00 24.46  ? 74  GLN A OE1 1 
ATOM 618  N NE2 . GLN A 1 74  ? 2.003   11.845  -0.810  1.00 22.02  ? 74  GLN A NE2 1 
ATOM 619  N N   . GLY A 1 75  ? 1.791   7.056   -5.737  1.00 20.55  ? 75  GLY A N   1 
ATOM 620  C CA  . GLY A 1 75  ? 2.441   5.755   -5.798  1.00 20.19  ? 75  GLY A CA  1 
ATOM 621  C C   . GLY A 1 75  ? 2.437   5.077   -4.465  1.00 20.54  ? 75  GLY A C   1 
ATOM 622  O O   . GLY A 1 75  ? 3.259   4.176   -4.212  1.00 23.34  ? 75  GLY A O   1 
ATOM 623  N N   . LEU A 1 76  ? 1.463   5.448   -3.621  1.00 19.78  ? 76  LEU A N   1 
ATOM 624  C CA  . LEU A 1 76  ? 1.252   4.805   -2.299  1.00 19.44  ? 76  LEU A CA  1 
ATOM 625  C C   . LEU A 1 76  ? -0.201  4.424   -2.108  1.00 19.87  ? 76  LEU A C   1 
ATOM 626  O O   . LEU A 1 76  ? -1.043  5.155   -2.499  1.00 21.15  ? 76  LEU A O   1 
ATOM 627  C CB  . LEU A 1 76  ? 1.662   5.760   -1.175  1.00 18.25  ? 76  LEU A CB  1 
ATOM 628  C CG  . LEU A 1 76  ? 3.066   6.360   -1.254  1.00 17.61  ? 76  LEU A CG  1 
ATOM 629  C CD1 . LEU A 1 76  ? 3.272   7.567   -0.371  1.00 16.74  ? 76  LEU A CD1 1 
ATOM 630  C CD2 . LEU A 1 76  ? 4.033   5.242   -0.974  1.00 16.76  ? 76  LEU A CD2 1 
ATOM 631  N N   . SER A 1 77  ? -0.492  3.279   -1.507  1.00 21.66  ? 77  SER A N   1 
ATOM 632  C CA  . SER A 1 77  ? -1.874  2.987   -1.106  1.00 22.95  ? 77  SER A CA  1 
ATOM 633  C C   . SER A 1 77  ? -2.367  4.045   -0.110  1.00 20.47  ? 77  SER A C   1 
ATOM 634  O O   . SER A 1 77  ? -1.615  4.506   0.715   1.00 18.97  ? 77  SER A O   1 
ATOM 635  C CB  . SER A 1 77  ? -2.052  1.551   -0.542  1.00 22.35  ? 77  SER A CB  1 
ATOM 636  O OG  . SER A 1 77  ? -1.257  1.376   0.625   1.00 25.40  ? 77  SER A OG  1 
ATOM 637  N N   . PHE A 1 78  ? -3.628  4.431   -0.285  1.00 21.64  ? 78  PHE A N   1 
ATOM 638  C CA  . PHE A 1 78  ? -4.432  5.289   0.590   1.00 22.58  ? 78  PHE A CA  1 
ATOM 639  C C   . PHE A 1 78  ? -4.044  6.754   0.684   1.00 22.73  ? 78  PHE A C   1 
ATOM 640  O O   . PHE A 1 78  ? -4.932  7.648   0.767   1.00 23.62  ? 78  PHE A O   1 
ATOM 641  C CB  . PHE A 1 78  ? -4.675  4.654   1.968   1.00 25.57  ? 78  PHE A CB  1 
ATOM 642  C CG  . PHE A 1 78  ? -5.423  3.356   1.884   1.00 26.43  ? 78  PHE A CG  1 
ATOM 643  C CD1 . PHE A 1 78  ? -6.791  3.339   1.684   1.00 25.67  ? 78  PHE A CD1 1 
ATOM 644  C CD2 . PHE A 1 78  ? -4.740  2.144   1.951   1.00 28.53  ? 78  PHE A CD2 1 
ATOM 645  C CE1 . PHE A 1 78  ? -7.454  2.135   1.566   1.00 28.94  ? 78  PHE A CE1 1 
ATOM 646  C CE2 . PHE A 1 78  ? -5.408  0.928   1.833   1.00 29.03  ? 78  PHE A CE2 1 
ATOM 647  C CZ  . PHE A 1 78  ? -6.761  0.929   1.644   1.00 28.06  ? 78  PHE A CZ  1 
ATOM 648  N N   . SER A 1 79  ? -2.742  7.003   0.649   1.00 21.41  ? 79  SER A N   1 
ATOM 649  C CA  . SER A 1 79  ? -2.158  8.327   0.811   1.00 22.05  ? 79  SER A CA  1 
ATOM 650  C C   . SER A 1 79  ? -2.535  9.259   -0.313  1.00 21.23  ? 79  SER A C   1 
ATOM 651  O O   . SER A 1 79  ? -2.752  8.813   -1.437  1.00 24.82  ? 79  SER A O   1 
ATOM 652  C CB  . SER A 1 79  ? -0.633  8.159   0.868   1.00 22.86  ? 79  SER A CB  1 
ATOM 653  O OG  . SER A 1 79  ? 0.010   9.356   1.199   1.00 24.13  ? 79  SER A OG  1 
ATOM 654  N N   . VAL A 1 80  ? -2.609  10.560  -0.025  1.00 20.25  ? 80  VAL A N   1 
ATOM 655  C CA  . VAL A 1 80  ? -2.717  11.582  -1.089  1.00 19.81  ? 80  VAL A CA  1 
ATOM 656  C C   . VAL A 1 80  ? -1.660  12.655  -0.875  1.00 21.87  ? 80  VAL A C   1 
ATOM 657  O O   . VAL A 1 80  ? -1.161  12.835  0.215   1.00 20.24  ? 80  VAL A O   1 
ATOM 658  C CB  . VAL A 1 80  ? -4.123  12.252  -1.191  1.00 19.26  ? 80  VAL A CB  1 
ATOM 659  C CG1 . VAL A 1 80  ? -5.179  11.239  -1.680  1.00 18.59  ? 80  VAL A CG1 1 
ATOM 660  C CG2 . VAL A 1 80  ? -4.540  12.901  0.133   1.00 17.20  ? 80  VAL A CG2 1 
ATOM 661  N N   . LYS A 1 81  ? -1.362  13.462  -1.882  1.00 25.22  ? 81  LYS A N   1 
ATOM 662  C CA  . LYS A 1 81  ? -0.378  14.542  -1.663  1.00 24.75  ? 81  LYS A CA  1 
ATOM 663  C C   . LYS A 1 81  ? -0.906  15.677  -0.835  1.00 27.28  ? 81  LYS A C   1 
ATOM 664  O O   . LYS A 1 81  ? -2.116  15.820  -0.646  1.00 24.91  ? 81  LYS A O   1 
ATOM 665  C CB  . LYS A 1 81  ? 0.087   15.148  -2.982  1.00 24.70  ? 81  LYS A CB  1 
ATOM 666  C CG  . LYS A 1 81  ? 0.271   14.180  -4.107  1.00 24.14  ? 81  LYS A CG  1 
ATOM 667  C CD  . LYS A 1 81  ? 1.192   14.833  -5.093  1.00 24.68  ? 81  LYS A CD  1 
ATOM 668  C CE  . LYS A 1 81  ? 1.065   14.075  -6.379  1.00 24.40  ? 81  LYS A CE  1 
ATOM 669  N NZ  . LYS A 1 81  ? 1.718   14.797  -7.491  1.00 26.60  ? 81  LYS A NZ  1 
ATOM 670  N N   . PRO A 1 82  ? -0.001  16.560  -0.406  1.00 33.18  ? 82  PRO A N   1 
ATOM 671  C CA  . PRO A 1 82  ? -0.431  17.735  0.377   1.00 31.64  ? 82  PRO A CA  1 
ATOM 672  C C   . PRO A 1 82  ? -1.081  18.794  -0.471  1.00 27.37  ? 82  PRO A C   1 
ATOM 673  O O   . PRO A 1 82  ? -0.644  19.039  -1.590  1.00 29.15  ? 82  PRO A O   1 
ATOM 674  C CB  . PRO A 1 82  ? 0.885   18.276  0.914   1.00 35.72  ? 82  PRO A CB  1 
ATOM 675  C CG  . PRO A 1 82  ? 1.890   17.142  0.786   1.00 35.14  ? 82  PRO A CG  1 
ATOM 676  C CD  . PRO A 1 82  ? 1.475   16.436  -0.462  1.00 34.46  ? 82  PRO A CD  1 
ATOM 677  N N   . GLY A 1 83  ? -2.112  19.424  0.064   1.00 25.84  ? 83  GLY A N   1 
ATOM 678  C CA  . GLY A 1 83  ? -2.867  20.412  -0.695  1.00 24.34  ? 83  GLY A CA  1 
ATOM 679  C C   . GLY A 1 83  ? -4.141  19.798  -1.212  1.00 23.75  ? 83  GLY A C   1 
ATOM 680  O O   . GLY A 1 83  ? -5.074  20.509  -1.622  1.00 21.72  ? 83  GLY A O   1 
ATOM 681  N N   . VAL A 1 84  ? -4.198  18.473  -1.160  1.00 24.10  ? 84  VAL A N   1 
ATOM 682  C CA  . VAL A 1 84  ? -5.406  17.757  -1.534  1.00 22.64  ? 84  VAL A CA  1 
ATOM 683  C C   . VAL A 1 84  ? -6.237  17.237  -0.353  1.00 22.25  ? 84  VAL A C   1 
ATOM 684  O O   . VAL A 1 84  ? -5.710  16.871  0.693   1.00 21.40  ? 84  VAL A O   1 
ATOM 685  C CB  . VAL A 1 84  ? -5.011  16.633  -2.411  1.00 22.03  ? 84  VAL A CB  1 
ATOM 686  C CG1 . VAL A 1 84  ? -6.224  15.891  -2.815  1.00 21.40  ? 84  VAL A CG1 1 
ATOM 687  C CG2 . VAL A 1 84  ? -4.391  17.243  -3.631  1.00 24.28  ? 84  VAL A CG2 1 
ATOM 688  N N   . LYS A 1 85  ? -7.545  17.303  -0.519  1.00 22.48  ? 85  LYS A N   1 
ATOM 689  C CA  . LYS A 1 85  ? -8.500  16.796  0.404   1.00 23.86  ? 85  LYS A CA  1 
ATOM 690  C C   . LYS A 1 85  ? -8.466  15.271  0.531   1.00 24.73  ? 85  LYS A C   1 
ATOM 691  O O   . LYS A 1 85  ? -7.998  14.540  -0.318  1.00 20.55  ? 85  LYS A O   1 
ATOM 692  C CB  . LYS A 1 85  ? -9.890  17.196  -0.027  1.00 25.46  ? 85  LYS A CB  1 
ATOM 693  C CG  . LYS A 1 85  ? -10.885 16.955  1.096   1.00 31.59  ? 85  LYS A CG  1 
ATOM 694  C CD  . LYS A 1 85  ? -12.225 17.710  0.999   1.00 34.46  ? 85  LYS A CD  1 
ATOM 695  C CE  . LYS A 1 85  ? -12.172 19.040  0.272   1.00 37.41  ? 85  LYS A CE  1 
ATOM 696  N NZ  . LYS A 1 85  ? -12.556 18.888  -1.176  1.00 39.95  ? 85  LYS A NZ  1 
ATOM 697  N N   . GLN A 1 86  ? -9.007  14.809  1.636   1.00 29.53  ? 86  GLN A N   1 
ATOM 698  C CA  . GLN A 1 86  ? -8.807  13.448  2.037   1.00 28.71  ? 86  GLN A CA  1 
ATOM 699  C C   . GLN A 1 86  ? -9.929  12.598  1.492   1.00 26.34  ? 86  GLN A C   1 
ATOM 700  O O   . GLN A 1 86  ? -11.092 12.866  1.682   1.00 26.41  ? 86  GLN A O   1 
ATOM 701  C CB  . GLN A 1 86  ? -8.774  13.344  3.545   1.00 27.85  ? 86  GLN A CB  1 
ATOM 702  C CG  . GLN A 1 86  ? -7.564  13.901  4.227   1.00 29.54  ? 86  GLN A CG  1 
ATOM 703  C CD  . GLN A 1 86  ? -7.775  13.859  5.732   1.00 34.86  ? 86  GLN A CD  1 
ATOM 704  O OE1 . GLN A 1 86  ? -6.932  14.297  6.480   1.00 37.23  ? 86  GLN A OE1 1 
ATOM 705  N NE2 . GLN A 1 86  ? -8.911  13.304  6.177   1.00 34.24  ? 86  GLN A NE2 1 
ATOM 706  N N   . PRO A 1 87  ? -9.564  11.570  0.780   1.00 24.42  ? 87  PRO A N   1 
ATOM 707  C CA  . PRO A 1 87  ? -10.502 10.578  0.335   1.00 24.88  ? 87  PRO A CA  1 
ATOM 708  C C   . PRO A 1 87  ? -11.176 9.978   1.560   1.00 27.62  ? 87  PRO A C   1 
ATOM 709  O O   . PRO A 1 87  ? -10.589 9.891   2.646   1.00 25.90  ? 87  PRO A O   1 
ATOM 710  C CB  . PRO A 1 87  ? -9.597  9.554   -0.286  1.00 25.03  ? 87  PRO A CB  1 
ATOM 711  C CG  . PRO A 1 87  ? -8.469  10.378  -0.803  1.00 22.22  ? 87  PRO A CG  1 
ATOM 712  C CD  . PRO A 1 87  ? -8.258  11.507  0.113   1.00 22.00  ? 87  PRO A CD  1 
ATOM 713  N N   . PRO A 1 88  ? -12.405 9.577   1.382   1.00 31.17  ? 88  PRO A N   1 
ATOM 714  C CA  . PRO A 1 88  ? -13.302 9.127   2.449   1.00 33.00  ? 88  PRO A CA  1 
ATOM 715  C C   . PRO A 1 88  ? -12.778 7.863   3.103   1.00 34.86  ? 88  PRO A C   1 
ATOM 716  O O   . PRO A 1 88  ? -12.966 7.657   4.312   1.00 35.26  ? 88  PRO A O   1 
ATOM 717  C CB  . PRO A 1 88  ? -14.605 8.827   1.707   1.00 31.52  ? 88  PRO A CB  1 
ATOM 718  C CG  . PRO A 1 88  ? -14.530 9.585   0.421   1.00 31.53  ? 88  PRO A CG  1 
ATOM 719  C CD  . PRO A 1 88  ? -13.082 9.846   0.100   1.00 31.65  ? 88  PRO A CD  1 
ATOM 720  N N   . SER A 1 89  ? -12.082 7.046   2.321   1.00 31.47  ? 89  SER A N   1 
ATOM 721  C CA  . SER A 1 89  ? -11.346 5.934   2.902   1.00 30.90  ? 89  SER A CA  1 
ATOM 722  C C   . SER A 1 89  ? -10.190 6.386   3.784   1.00 30.34  ? 89  SER A C   1 
ATOM 723  O O   . SER A 1 89  ? -9.987  5.843   4.849   1.00 32.53  ? 89  SER A O   1 
ATOM 724  C CB  . SER A 1 89  ? -10.843 5.098   1.790   1.00 31.55  ? 89  SER A CB  1 
ATOM 725  O OG  . SER A 1 89  ? -11.592 5.538   0.669   1.00 42.51  ? 89  SER A OG  1 
ATOM 726  N N   . LEU A 1 90  ? -9.473  7.421   3.365   1.00 27.66  ? 90  LEU A N   1 
ATOM 727  C CA  . LEU A 1 90  ? -8.426  7.990   4.195   1.00 22.63  ? 90  LEU A CA  1 
ATOM 728  C C   . LEU A 1 90  ? -8.979  8.696   5.438   1.00 23.02  ? 90  LEU A C   1 
ATOM 729  O O   . LEU A 1 90  ? -8.427  8.567   6.525   1.00 18.94  ? 90  LEU A O   1 
ATOM 730  C CB  . LEU A 1 90  ? -7.642  8.979   3.380   1.00 19.84  ? 90  LEU A CB  1 
ATOM 731  C CG  . LEU A 1 90  ? -6.464  9.488   4.188   1.00 18.49  ? 90  LEU A CG  1 
ATOM 732  C CD1 . LEU A 1 90  ? -5.250  8.621   3.942   1.00 16.28  ? 90  LEU A CD1 1 
ATOM 733  C CD2 . LEU A 1 90  ? -6.188  10.898  3.768   1.00 17.86  ? 90  LEU A CD2 1 
ATOM 734  N N   . LYS A 1 91  ? -10.079 9.421   5.268   1.00 24.35  ? 91  LYS A N   1 
ATOM 735  C CA  . LYS A 1 91  ? -10.646 10.151  6.371   1.00 29.37  ? 91  LYS A CA  1 
ATOM 736  C C   . LYS A 1 91  ? -11.038 9.153   7.460   1.00 28.37  ? 91  LYS A C   1 
ATOM 737  O O   . LYS A 1 91  ? -10.786 9.333   8.636   1.00 24.49  ? 91  LYS A O   1 
ATOM 738  C CB  . LYS A 1 91  ? -11.890 10.909  5.907   1.00 39.21  ? 91  LYS A CB  1 
ATOM 739  C CG  . LYS A 1 91  ? -11.677 12.026  4.849   1.00 49.87  ? 91  LYS A CG  1 
ATOM 740  C CD  . LYS A 1 91  ? -12.993 12.704  4.379   1.00 63.14  ? 91  LYS A CD  1 
ATOM 741  C CE  . LYS A 1 91  ? -12.790 13.888  3.395   1.00 72.13  ? 91  LYS A CE  1 
ATOM 742  N NZ  . LYS A 1 91  ? -14.038 14.526  2.840   1.00 79.66  ? 91  LYS A NZ  1 
ATOM 743  N N   . ASN A 1 92  ? -11.653 8.081   7.007   1.00 28.62  ? 92  ASN A N   1 
ATOM 744  C CA  . ASN A 1 92  ? -12.143 7.035   7.861   1.00 28.07  ? 92  ASN A CA  1 
ATOM 745  C C   . ASN A 1 92  ? -11.060 6.299   8.546   1.00 25.23  ? 92  ASN A C   1 
ATOM 746  O O   . ASN A 1 92  ? -11.247 5.886   9.671   1.00 24.88  ? 92  ASN A O   1 
ATOM 747  C CB  . ASN A 1 92  ? -12.916 6.043   7.040   1.00 28.43  ? 92  ASN A CB  1 
ATOM 748  C CG  . ASN A 1 92  ? -14.222 6.613   6.558   1.00 28.11  ? 92  ASN A CG  1 
ATOM 749  O OD1 . ASN A 1 92  ? -14.750 7.541   7.158   1.00 26.29  ? 92  ASN A OD1 1 
ATOM 750  N ND2 . ASN A 1 92  ? -14.734 6.089   5.452   1.00 29.01  ? 92  ASN A ND2 1 
ATOM 751  N N   . ILE A 1 93  ? -9.968  6.073   7.828   1.00 23.23  ? 93  ILE A N   1 
ATOM 752  C CA  . ILE A 1 93  ? -8.711  5.602   8.421   1.00 24.95  ? 93  ILE A CA  1 
ATOM 753  C C   . ILE A 1 93  ? -8.248  6.523   9.590   1.00 26.82  ? 93  ILE A C   1 
ATOM 754  O O   . ILE A 1 93  ? -7.938  6.033   10.688  1.00 26.87  ? 93  ILE A O   1 
ATOM 755  C CB  . ILE A 1 93  ? -7.615  5.482   7.336   1.00 22.75  ? 93  ILE A CB  1 
ATOM 756  C CG1 . ILE A 1 93  ? -7.903  4.302   6.420   1.00 23.27  ? 93  ILE A CG1 1 
ATOM 757  C CG2 . ILE A 1 93  ? -6.288  5.207   7.988   1.00 21.89  ? 93  ILE A CG2 1 
ATOM 758  C CD1 . ILE A 1 93  ? -7.162  4.310   5.101   1.00 26.07  ? 93  ILE A CD1 1 
ATOM 759  N N   . PHE A 1 94  ? -8.262  7.845   9.355   1.00 25.70  ? 94  PHE A N   1 
ATOM 760  C CA  . PHE A 1 94  ? -7.873  8.786   10.410  1.00 25.71  ? 94  PHE A CA  1 
ATOM 761  C C   . PHE A 1 94  ? -8.847  8.782   11.627  1.00 28.28  ? 94  PHE A C   1 
ATOM 762  O O   . PHE A 1 94  ? -8.419  8.944   12.780  1.00 25.70  ? 94  PHE A O   1 
ATOM 763  C CB  . PHE A 1 94  ? -7.633  10.206  9.878   1.00 24.23  ? 94  PHE A CB  1 
ATOM 764  C CG  . PHE A 1 94  ? -6.383  10.335  9.039   1.00 24.80  ? 94  PHE A CG  1 
ATOM 765  C CD1 . PHE A 1 94  ? -5.157  10.005  9.568   1.00 23.90  ? 94  PHE A CD1 1 
ATOM 766  C CD2 . PHE A 1 94  ? -6.446  10.771  7.686   1.00 26.26  ? 94  PHE A CD2 1 
ATOM 767  C CE1 . PHE A 1 94  ? -3.999  10.078  8.802   1.00 27.37  ? 94  PHE A CE1 1 
ATOM 768  C CE2 . PHE A 1 94  ? -5.290  10.868  6.920   1.00 28.00  ? 94  PHE A CE2 1 
ATOM 769  C CZ  . PHE A 1 94  ? -4.067  10.494  7.467   1.00 27.87  ? 94  PHE A CZ  1 
ATOM 770  N N   . LEU A 1 95  ? -10.145 8.585   11.376  1.00 28.95  ? 95  LEU A N   1 
ATOM 771  C CA  . LEU A 1 95  ? -11.121 8.501   12.473  1.00 28.42  ? 95  LEU A CA  1 
ATOM 772  C C   . LEU A 1 95  ? -10.867 7.268   13.352  1.00 27.96  ? 95  LEU A C   1 
ATOM 773  O O   . LEU A 1 95  ? -10.931 7.354   14.577  1.00 27.46  ? 95  LEU A O   1 
ATOM 774  C CB  . LEU A 1 95  ? -12.573 8.519   11.951  1.00 28.97  ? 95  LEU A CB  1 
ATOM 775  C CG  . LEU A 1 95  ? -13.053 9.880   11.386  1.00 29.22  ? 95  LEU A CG  1 
ATOM 776  C CD1 . LEU A 1 95  ? -14.380 9.852   10.639  1.00 27.82  ? 95  LEU A CD1 1 
ATOM 777  C CD2 . LEU A 1 95  ? -13.146 10.935  12.461  1.00 30.45  ? 95  LEU A CD2 1 
ATOM 778  N N   . GLU A 1 96  ? -10.568 6.127   12.736  1.00 28.79  ? 96  GLU A N   1 
ATOM 779  C CA  . GLU A 1 96  ? -10.233 4.914   13.514  1.00 30.69  ? 96  GLU A CA  1 
ATOM 780  C C   . GLU A 1 96  ? -8.921  5.101   14.235  1.00 31.43  ? 96  GLU A C   1 
ATOM 781  O O   . GLU A 1 96  ? -8.804  4.711   15.400  1.00 30.71  ? 96  GLU A O   1 
ATOM 782  C CB  . GLU A 1 96  ? -10.162 3.662   12.645  1.00 32.89  ? 96  GLU A CB  1 
ATOM 783  C CG  . GLU A 1 96  ? -9.721  2.380   13.343  1.00 35.14  ? 96  GLU A CG  1 
ATOM 784  C CD  . GLU A 1 96  ? -10.594 1.964   14.543  1.00 39.91  ? 96  GLU A CD  1 
ATOM 785  O OE1 . GLU A 1 96  ? -11.772 2.379   14.619  1.00 39.23  ? 96  GLU A OE1 1 
ATOM 786  O OE2 . GLU A 1 96  ? -10.092 1.202   15.428  1.00 41.55  ? 96  GLU A OE2 1 
ATOM 787  N N   . LEU A 1 97  ? -7.939  5.711   13.565  1.00 32.17  ? 97  LEU A N   1 
ATOM 788  C CA  . LEU A 1 97  ? -6.633  5.997   14.199  1.00 30.71  ? 97  LEU A CA  1 
ATOM 789  C C   . LEU A 1 97  ? -6.840  6.854   15.461  1.00 29.33  ? 97  LEU A C   1 
ATOM 790  O O   . LEU A 1 97  ? -6.213  6.637   16.491  1.00 28.89  ? 97  LEU A O   1 
ATOM 791  C CB  . LEU A 1 97  ? -5.663  6.653   13.192  1.00 28.93  ? 97  LEU A CB  1 
ATOM 792  C CG  . LEU A 1 97  ? -4.306  7.149   13.734  1.00 32.07  ? 97  LEU A CG  1 
ATOM 793  C CD1 . LEU A 1 97  ? -3.534  5.968   14.301  1.00 31.70  ? 97  LEU A CD1 1 
ATOM 794  C CD2 . LEU A 1 97  ? -3.485  7.843   12.666  1.00 27.22  ? 97  LEU A CD2 1 
ATOM 795  N N   . GLN A 1 98  ? -7.737  7.833   15.362  1.00 28.72  ? 98  GLN A N   1 
ATOM 796  C CA  . GLN A 1 98  ? -8.045  8.692   16.488  1.00 29.30  ? 98  GLN A CA  1 
ATOM 797  C C   . GLN A 1 98  ? -8.670  7.938   17.670  1.00 32.90  ? 98  GLN A C   1 
ATOM 798  O O   . GLN A 1 98  ? -8.272  8.158   18.817  1.00 32.15  ? 98  GLN A O   1 
ATOM 799  C CB  . GLN A 1 98  ? -8.935  9.826   16.071  1.00 29.11  ? 98  GLN A CB  1 
ATOM 800  C CG  . GLN A 1 98  ? -9.253  10.825  17.168  1.00 29.19  ? 98  GLN A CG  1 
ATOM 801  C CD  . GLN A 1 98  ? -9.958  12.036  16.572  1.00 31.42  ? 98  GLN A CD  1 
ATOM 802  O OE1 . GLN A 1 98  ? -10.934 11.871  15.841  1.00 34.48  ? 98  GLN A OE1 1 
ATOM 803  N NE2 . GLN A 1 98  ? -9.471  13.243  16.861  1.00 29.53  ? 98  GLN A NE2 1 
ATOM 804  N N   . GLN A 1 99  ? -9.604  7.037   17.394  1.00 35.57  ? 99  GLN A N   1 
ATOM 805  C CA  . GLN A 1 99  ? -10.229 6.226   18.461  1.00 40.11  ? 99  GLN A CA  1 
ATOM 806  C C   . GLN A 1 99  ? -9.239  5.211   19.046  1.00 40.62  ? 99  GLN A C   1 
ATOM 807  O O   . GLN A 1 99  ? -9.199  4.976   20.244  1.00 41.33  ? 99  GLN A O   1 
ATOM 808  C CB  . GLN A 1 99  ? -11.478 5.493   17.960  1.00 44.76  ? 99  GLN A CB  1 
ATOM 809  C CG  . GLN A 1 99  ? -12.627 6.404   17.512  1.00 54.42  ? 99  GLN A CG  1 
ATOM 810  C CD  . GLN A 1 99  ? -13.367 7.050   18.670  1.00 63.54  ? 99  GLN A CD  1 
ATOM 811  O OE1 . GLN A 1 99  ? -13.298 6.549   19.798  1.00 67.25  ? 99  GLN A OE1 1 
ATOM 812  N NE2 . GLN A 1 99  ? -14.042 8.183   18.407  1.00 63.45  ? 99  GLN A NE2 1 
ATOM 813  N N   . ASP A 1 100 ? -8.422  4.632   18.182  1.00 42.97  ? 100 ASP A N   1 
ATOM 814  C CA  . ASP A 1 100 ? -7.460  3.600   18.560  1.00 45.00  ? 100 ASP A CA  1 
ATOM 815  C C   . ASP A 1 100 ? -6.261  4.159   19.352  1.00 47.34  ? 100 ASP A C   1 
ATOM 816  O O   . ASP A 1 100 ? -6.035  3.809   20.503  1.00 46.89  ? 100 ASP A O   1 
ATOM 817  C CB  . ASP A 1 100 ? -7.000  2.872   17.283  1.00 47.18  ? 100 ASP A CB  1 
ATOM 818  C CG  . ASP A 1 100 ? -6.057  1.734   17.551  1.00 51.54  ? 100 ASP A CG  1 
ATOM 819  O OD1 . ASP A 1 100 ? -5.949  1.294   18.710  1.00 59.37  ? 100 ASP A OD1 1 
ATOM 820  O OD2 . ASP A 1 100 ? -5.414  1.267   16.587  1.00 53.79  ? 100 ASP A OD2 1 
ATOM 821  N N   . ILE A 1 101 ? -5.515  5.053   18.717  1.00 52.21  ? 101 ILE A N   1 
ATOM 822  C CA  . ILE A 1 101 ? -4.268  5.617   19.259  1.00 50.17  ? 101 ILE A CA  1 
ATOM 823  C C   . ILE A 1 101 ? -4.507  6.937   19.986  1.00 45.06  ? 101 ILE A C   1 
ATOM 824  O O   . ILE A 1 101 ? -3.869  7.202   20.980  1.00 46.47  ? 101 ILE A O   1 
ATOM 825  C CB  . ILE A 1 101 ? -3.191  5.796   18.132  1.00 56.06  ? 101 ILE A CB  1 
ATOM 826  C CG1 . ILE A 1 101 ? -2.839  4.434   17.488  1.00 55.69  ? 101 ILE A CG1 1 
ATOM 827  C CG2 . ILE A 1 101 ? -1.952  6.518   18.652  1.00 57.19  ? 101 ILE A CG2 1 
ATOM 828  C CD1 . ILE A 1 101 ? -2.077  3.488   18.387  1.00 62.67  ? 101 ILE A CD1 1 
ATOM 829  N N   . GLY A 1 102 ? -5.433  7.753   19.497  1.00 41.01  ? 102 GLY A N   1 
ATOM 830  C CA  . GLY A 1 102 ? -5.681  9.082   20.061  1.00 38.97  ? 102 GLY A CA  1 
ATOM 831  C C   . GLY A 1 102 ? -5.270  10.238  19.155  1.00 38.18  ? 102 GLY A C   1 
ATOM 832  O O   . GLY A 1 102 ? -5.572  11.390  19.470  1.00 33.24  ? 102 GLY A O   1 
ATOM 833  N N   . CYS A 1 103 ? -4.594  9.934   18.033  1.00 37.86  ? 103 CYS A N   1 
ATOM 834  C CA  . CYS A 1 103 ? -4.020  10.985  17.170  1.00 35.85  ? 103 CYS A CA  1 
ATOM 835  C C   . CYS A 1 103 ? -5.059  11.935  16.628  1.00 34.29  ? 103 CYS A C   1 
ATOM 836  O O   . CYS A 1 103 ? -6.140  11.507  16.187  1.00 34.35  ? 103 CYS A O   1 
ATOM 837  C CB  . CYS A 1 103 ? -3.352  10.386  15.935  1.00 40.40  ? 103 CYS A CB  1 
ATOM 838  S SG  . CYS A 1 103 ? -2.071  9.140   16.159  1.00 48.97  ? 103 CYS A SG  1 
ATOM 839  N N   . SER A 1 104 ? -4.749  13.213  16.591  1.00 31.84  ? 104 SER A N   1 
ATOM 840  C CA  . SER A 1 104 ? -5.688  14.083  15.921  1.00 34.34  ? 104 SER A CA  1 
ATOM 841  C C   . SER A 1 104 ? -5.632  13.861  14.375  1.00 36.77  ? 104 SER A C   1 
ATOM 842  O O   . SER A 1 104 ? -4.693  13.283  13.809  1.00 34.14  ? 104 SER A O   1 
ATOM 843  C CB  . SER A 1 104 ? -5.467  15.520  16.333  1.00 30.89  ? 104 SER A CB  1 
ATOM 844  O OG  . SER A 1 104 ? -4.136  15.653  16.834  1.00 30.37  ? 104 SER A OG  1 
ATOM 845  N N   . ILE A 1 105 ? -6.669  14.287  13.699  1.00 34.12  ? 105 ILE A N   1 
ATOM 846  C CA  . ILE A 1 105 ? -6.685  14.111  12.299  1.00 31.45  ? 105 ILE A CA  1 
ATOM 847  C C   . ILE A 1 105 ? -5.766  15.207  11.753  1.00 32.41  ? 105 ILE A C   1 
ATOM 848  O O   . ILE A 1 105 ? -5.760  16.318  12.272  1.00 35.32  ? 105 ILE A O   1 
ATOM 849  C CB  . ILE A 1 105 ? -8.137  14.270  11.841  1.00 31.88  ? 105 ILE A CB  1 
ATOM 850  C CG1 . ILE A 1 105 ? -9.104  13.814  12.945  1.00 30.17  ? 105 ILE A CG1 1 
ATOM 851  C CG2 . ILE A 1 105 ? -8.419  13.350  10.679  1.00 31.92  ? 105 ILE A CG2 1 
ATOM 852  C CD1 . ILE A 1 105 ? -9.734  12.499  12.576  1.00 29.37  ? 105 ILE A CD1 1 
ATOM 853  N N   . PRO A 1 106 ? -4.983  14.920  10.717  1.00 31.48  ? 106 PRO A N   1 
ATOM 854  C CA  . PRO A 1 106 ? -4.053  15.898  10.160  1.00 30.22  ? 106 PRO A CA  1 
ATOM 855  C C   . PRO A 1 106 ? -4.773  16.867  9.278   1.00 29.88  ? 106 PRO A C   1 
ATOM 856  O O   . PRO A 1 106 ? -5.927  16.637  9.008   1.00 29.94  ? 106 PRO A O   1 
ATOM 857  C CB  . PRO A 1 106 ? -3.203  15.051  9.247   1.00 29.92  ? 106 PRO A CB  1 
ATOM 858  C CG  . PRO A 1 106 ? -3.296  13.712  9.793   1.00 30.65  ? 106 PRO A CG  1 
ATOM 859  C CD  . PRO A 1 106 ? -4.708  13.579  10.209  1.00 31.87  ? 106 PRO A CD  1 
ATOM 860  N N   . ASN A 1 107 ? -4.108  17.932  8.832   1.00 29.60  ? 107 ASN A N   1 
ATOM 861  C CA  . ASN A 1 107 ? -4.656  18.811  7.786   1.00 30.42  ? 107 ASN A CA  1 
ATOM 862  C C   . ASN A 1 107 ? -4.134  18.509  6.335   1.00 33.68  ? 107 ASN A C   1 
ATOM 863  O O   . ASN A 1 107 ? -4.155  19.370  5.422   1.00 31.36  ? 107 ASN A O   1 
ATOM 864  C CB  . ASN A 1 107 ? -4.424  20.261  8.153   1.00 26.94  ? 107 ASN A CB  1 
ATOM 865  C CG  . ASN A 1 107 ? -3.087  20.464  8.805   1.00 25.90  ? 107 ASN A CG  1 
ATOM 866  O OD1 . ASN A 1 107 ? -2.462  19.494  9.235   1.00 28.19  ? 107 ASN A OD1 1 
ATOM 867  N ND2 . ASN A 1 107 ? -2.636  21.705  8.879   1.00 23.84  ? 107 ASN A ND2 1 
ATOM 868  N N   . HIS A 1 108 ? -3.645  17.289  6.151   1.00 35.10  ? 108 HIS A N   1 
ATOM 869  C CA  . HIS A 1 108 ? -3.250  16.764  4.850   1.00 34.26  ? 108 HIS A CA  1 
ATOM 870  C C   . HIS A 1 108 ? -3.457  15.257  4.909   1.00 34.77  ? 108 HIS A C   1 
ATOM 871  O O   . HIS A 1 108 ? -3.553  14.680  5.977   1.00 31.59  ? 108 HIS A O   1 
ATOM 872  C CB  . HIS A 1 108 ? -1.800  17.052  4.562   1.00 33.52  ? 108 HIS A CB  1 
ATOM 873  C CG  . HIS A 1 108 ? -0.864  16.545  5.616   1.00 37.23  ? 108 HIS A CG  1 
ATOM 874  N ND1 . HIS A 1 108 ? 0.186   15.697  5.339   1.00 39.84  ? 108 HIS A ND1 1 
ATOM 875  C CD2 . HIS A 1 108 ? -0.812  16.774  6.947   1.00 39.56  ? 108 HIS A CD2 1 
ATOM 876  C CE1 . HIS A 1 108 ? 0.860   15.448  6.445   1.00 39.98  ? 108 HIS A CE1 1 
ATOM 877  N NE2 . HIS A 1 108 ? 0.272   16.085  7.441   1.00 39.10  ? 108 HIS A NE2 1 
ATOM 878  N N   . GLY A 1 109 ? -3.512  14.603  3.770   1.00 36.60  ? 109 GLY A N   1 
ATOM 879  C CA  . GLY A 1 109 ? -3.633  13.146  3.820   1.00 39.74  ? 109 GLY A CA  1 
ATOM 880  C C   . GLY A 1 109 ? -2.413  12.359  3.361   1.00 37.39  ? 109 GLY A C   1 
ATOM 881  O O   . GLY A 1 109 ? -2.569  11.215  2.931   1.00 42.82  ? 109 GLY A O   1 
ATOM 882  N N   . SER A 1 110 ? -1.216  12.939  3.465   1.00 33.16  ? 110 SER A N   1 
ATOM 883  C CA  . SER A 1 110 ? -0.002  12.213  3.080   1.00 35.18  ? 110 SER A CA  1 
ATOM 884  C C   . SER A 1 110 ? 0.513   11.280  4.174   1.00 37.70  ? 110 SER A C   1 
ATOM 885  O O   . SER A 1 110 ? 0.696   11.690  5.309   1.00 36.48  ? 110 SER A O   1 
ATOM 886  C CB  . SER A 1 110 ? 1.118   13.157  2.666   1.00 36.29  ? 110 SER A CB  1 
ATOM 887  O OG  . SER A 1 110 ? 2.231   12.410  2.197   1.00 31.53  ? 110 SER A OG  1 
ATOM 888  N N   . LEU A 1 111 ? 0.730   10.019  3.801   1.00 38.21  ? 111 LEU A N   1 
ATOM 889  C CA  . LEU A 1 111 ? 1.179   8.978   4.709   1.00 37.41  ? 111 LEU A CA  1 
ATOM 890  C C   . LEU A 1 111 ? 2.673   8.639   4.552   1.00 37.26  ? 111 LEU A C   1 
ATOM 891  O O   . LEU A 1 111 ? 3.114   7.585   5.019   1.00 39.21  ? 111 LEU A O   1 
ATOM 892  C CB  . LEU A 1 111 ? 0.329   7.708   4.500   1.00 35.99  ? 111 LEU A CB  1 
ATOM 893  C CG  . LEU A 1 111 ? -1.181  7.889   4.597   1.00 34.13  ? 111 LEU A CG  1 
ATOM 894  C CD1 . LEU A 1 111 ? -1.873  6.580   4.273   1.00 35.09  ? 111 LEU A CD1 1 
ATOM 895  C CD2 . LEU A 1 111 ? -1.557  8.352   5.999   1.00 36.65  ? 111 LEU A CD2 1 
ATOM 896  N N   . VAL A 1 112 ? 3.437   9.528   3.913   1.00 34.27  ? 112 VAL A N   1 
ATOM 897  C CA  . VAL A 1 112 ? 4.859   9.327   3.698   1.00 30.43  ? 112 VAL A CA  1 
ATOM 898  C C   . VAL A 1 112 ? 5.595   9.021   5.027   1.00 31.76  ? 112 VAL A C   1 
ATOM 899  O O   . VAL A 1 112 ? 6.491   8.180   5.052   1.00 31.55  ? 112 VAL A O   1 
ATOM 900  C CB  . VAL A 1 112 ? 5.517   10.509  2.939   1.00 27.87  ? 112 VAL A CB  1 
ATOM 901  C CG1 . VAL A 1 112 ? 7.044   10.420  2.988   1.00 32.42  ? 112 VAL A CG1 1 
ATOM 902  C CG2 . VAL A 1 112 ? 5.047   10.573  1.497   1.00 23.87  ? 112 VAL A CG2 1 
ATOM 903  N N   . SER A 1 113 ? 5.199   9.667   6.123   1.00 31.71  ? 113 SER A N   1 
ATOM 904  C CA  . SER A 1 113 ? 5.798   9.381   7.431   1.00 29.00  ? 113 SER A CA  1 
ATOM 905  C C   . SER A 1 113 ? 5.689   7.877   7.773   1.00 30.53  ? 113 SER A C   1 
ATOM 906  O O   . SER A 1 113 ? 6.627   7.276   8.309   1.00 29.65  ? 113 SER A O   1 
ATOM 907  C CB  . SER A 1 113 ? 5.114   10.211  8.508   1.00 28.39  ? 113 SER A CB  1 
ATOM 908  O OG  . SER A 1 113 ? 5.457   9.747   9.808   1.00 29.93  ? 113 SER A OG  1 
ATOM 909  N N   . TRP A 1 114 ? 4.549   7.258   7.475   1.00 30.70  ? 114 TRP A N   1 
ATOM 910  C CA  . TRP A 1 114 ? 4.392   5.818   7.747   1.00 33.05  ? 114 TRP A CA  1 
ATOM 911  C C   . TRP A 1 114 ? 5.340   5.004   6.917   1.00 34.54  ? 114 TRP A C   1 
ATOM 912  O O   . TRP A 1 114 ? 6.015   4.098   7.451   1.00 33.73  ? 114 TRP A O   1 
ATOM 913  C CB  . TRP A 1 114 ? 2.987   5.316   7.464   1.00 31.83  ? 114 TRP A CB  1 
ATOM 914  C CG  . TRP A 1 114 ? 1.876   5.923   8.316   1.00 29.10  ? 114 TRP A CG  1 
ATOM 915  C CD1 . TRP A 1 114 ? 1.999   6.793   9.371   1.00 26.29  ? 114 TRP A CD1 1 
ATOM 916  C CD2 . TRP A 1 114 ? 0.487   5.594   8.234   1.00 29.26  ? 114 TRP A CD2 1 
ATOM 917  N NE1 . TRP A 1 114 ? 0.771   7.059   9.916   1.00 25.76  ? 114 TRP A NE1 1 
ATOM 918  C CE2 . TRP A 1 114 ? -0.180  6.339   9.245   1.00 29.39  ? 114 TRP A CE2 1 
ATOM 919  C CE3 . TRP A 1 114 ? -0.265  4.743   7.396   1.00 30.99  ? 114 TRP A CE3 1 
ATOM 920  C CZ2 . TRP A 1 114 ? -1.587  6.272   9.443   1.00 31.33  ? 114 TRP A CZ2 1 
ATOM 921  C CZ3 . TRP A 1 114 ? -1.671  4.660   7.604   1.00 32.37  ? 114 TRP A CZ3 1 
ATOM 922  C CH2 . TRP A 1 114 ? -2.312  5.430   8.621   1.00 29.40  ? 114 TRP A CH2 1 
ATOM 923  N N   . ALA A 1 115 ? 5.421   5.344   5.620   1.00 35.39  ? 115 ALA A N   1 
ATOM 924  C CA  . ALA A 1 115 ? 6.354   4.658   4.713   1.00 36.49  ? 115 ALA A CA  1 
ATOM 925  C C   . ALA A 1 115 ? 7.815   4.737   5.216   1.00 38.59  ? 115 ALA A C   1 
ATOM 926  O O   . ALA A 1 115 ? 8.533   3.755   5.171   1.00 45.67  ? 115 ALA A O   1 
ATOM 927  C CB  . ALA A 1 115 ? 6.230   5.210   3.308   1.00 31.09  ? 115 ALA A CB  1 
ATOM 928  N N   . LYS A 1 116 ? 8.230   5.903   5.708   1.00 38.60  ? 116 LYS A N   1 
ATOM 929  C CA  . LYS A 1 116 ? 9.584   6.124   6.213   1.00 38.89  ? 116 LYS A CA  1 
ATOM 930  C C   . LYS A 1 116 ? 9.886   5.302   7.471   1.00 41.87  ? 116 LYS A C   1 
ATOM 931  O O   . LYS A 1 116 ? 11.058  5.148   7.852   1.00 51.08  ? 116 LYS A O   1 
ATOM 932  C CB  . LYS A 1 116 ? 9.827   7.617   6.525   1.00 39.40  ? 116 LYS A CB  1 
ATOM 933  C CG  . LYS A 1 116 ? 9.848   8.521   5.328   1.00 48.63  ? 116 LYS A CG  1 
ATOM 934  C CD  . LYS A 1 116 ? 9.906   10.001  5.721   1.00 53.48  ? 116 LYS A CD  1 
ATOM 935  C CE  . LYS A 1 116 ? 10.318  10.860  4.544   1.00 61.87  ? 116 LYS A CE  1 
ATOM 936  N NZ  . LYS A 1 116 ? 10.599  12.262  4.979   1.00 74.79  ? 116 LYS A NZ  1 
ATOM 937  N N   . GLN A 1 117 ? 8.844   4.787   8.123   1.00 36.40  ? 117 GLN A N   1 
ATOM 938  C CA  . GLN A 1 117 ? 9.006   3.997   9.355   1.00 32.45  ? 117 GLN A CA  1 
ATOM 939  C C   . GLN A 1 117 ? 8.827   2.493   9.117   1.00 30.07  ? 117 GLN A C   1 
ATOM 940  O O   . GLN A 1 117 ? 8.764   1.703   10.079  1.00 26.29  ? 117 GLN A O   1 
ATOM 941  C CB  . GLN A 1 117 ? 7.994   4.435   10.410  1.00 30.82  ? 117 GLN A CB  1 
ATOM 942  C CG  . GLN A 1 117 ? 8.160   5.851   10.902  1.00 30.96  ? 117 GLN A CG  1 
ATOM 943  C CD  . GLN A 1 117 ? 7.118   6.204   11.934  1.00 30.81  ? 117 GLN A CD  1 
ATOM 944  O OE1 . GLN A 1 117 ? 7.219   5.761   13.072  1.00 33.36  ? 117 GLN A OE1 1 
ATOM 945  N NE2 . GLN A 1 117 ? 6.107   6.999   11.545  1.00 26.47  ? 117 GLN A NE2 1 
ATOM 946  N N   . GLY A 1 118 ? 8.710   2.101   7.841   1.00 29.28  ? 118 GLY A N   1 
ATOM 947  C CA  . GLY A 1 118 ? 8.622   0.688   7.485   1.00 26.99  ? 118 GLY A CA  1 
ATOM 948  C C   . GLY A 1 118 ? 7.217   0.201   7.133   1.00 28.52  ? 118 GLY A C   1 
ATOM 949  O O   . GLY A 1 118 ? 6.986   -1.001  7.055   1.00 27.94  ? 118 GLY A O   1 
ATOM 950  N N   . VAL A 1 119 ? 6.256   1.104   6.915   1.00 28.19  ? 119 VAL A N   1 
ATOM 951  C CA  . VAL A 1 119 ? 4.913   0.671   6.465   1.00 27.10  ? 119 VAL A CA  1 
ATOM 952  C C   . VAL A 1 119 ? 4.846   0.688   4.931   1.00 25.38  ? 119 VAL A C   1 
ATOM 953  O O   . VAL A 1 119 ? 4.943   1.743   4.315   1.00 27.03  ? 119 VAL A O   1 
ATOM 954  C CB  . VAL A 1 119 ? 3.806   1.545   7.086   1.00 26.99  ? 119 VAL A CB  1 
ATOM 955  C CG1 . VAL A 1 119 ? 2.440   1.051   6.713   1.00 29.98  ? 119 VAL A CG1 1 
ATOM 956  C CG2 . VAL A 1 119 ? 3.936   1.573   8.593   1.00 29.06  ? 119 VAL A CG2 1 
ATOM 957  N N   . LEU A 1 120 ? 4.759   -0.486  4.328   1.00 24.28  ? 120 LEU A N   1 
ATOM 958  C CA  . LEU A 1 120 ? 4.687   -0.604  2.862   1.00 25.14  ? 120 LEU A CA  1 
ATOM 959  C C   . LEU A 1 120 ? 3.270   -0.354  2.374   1.00 24.90  ? 120 LEU A C   1 
ATOM 960  O O   . LEU A 1 120 ? 2.372   -1.182  2.586   1.00 26.09  ? 120 LEU A O   1 
ATOM 961  C CB  . LEU A 1 120 ? 5.173   -1.987  2.385   1.00 23.86  ? 120 LEU A CB  1 
ATOM 962  C CG  . LEU A 1 120 ? 5.258   -2.203  0.879   1.00 22.08  ? 120 LEU A CG  1 
ATOM 963  C CD1 . LEU A 1 120 ? 6.422   -1.420  0.391   1.00 22.31  ? 120 LEU A CD1 1 
ATOM 964  C CD2 . LEU A 1 120 ? 5.479   -3.662  0.540   1.00 24.68  ? 120 LEU A CD2 1 
ATOM 965  N N   . LEU A 1 121 ? 3.094   0.776   1.701   1.00 25.74  ? 121 LEU A N   1 
ATOM 966  C CA  . LEU A 1 121 ? 1.792   1.203   1.212   1.00 27.26  ? 121 LEU A CA  1 
ATOM 967  C C   . LEU A 1 121 ? 1.614   0.722   -0.249  1.00 27.14  ? 121 LEU A C   1 
ATOM 968  O O   . LEU A 1 121 ? 1.719   1.484   -1.210  1.00 23.09  ? 121 LEU A O   1 
ATOM 969  C CB  . LEU A 1 121 ? 1.664   2.715   1.345   1.00 29.35  ? 121 LEU A CB  1 
ATOM 970  C CG  . LEU A 1 121 ? 1.828   3.243   2.783   1.00 33.54  ? 121 LEU A CG  1 
ATOM 971  C CD1 . LEU A 1 121 ? 2.035   4.747   2.826   1.00 35.50  ? 121 LEU A CD1 1 
ATOM 972  C CD2 . LEU A 1 121 ? 0.645   2.833   3.659   1.00 32.80  ? 121 LEU A CD2 1 
ATOM 973  N N   . LEU A 1 122 ? 1.365   -0.574  -0.384  1.00 27.50  ? 122 LEU A N   1 
ATOM 974  C CA  . LEU A 1 122 ? 1.317   -1.253  -1.671  1.00 28.53  ? 122 LEU A CA  1 
ATOM 975  C C   . LEU A 1 122 ? -0.101  -1.339  -2.217  1.00 27.44  ? 122 LEU A C   1 
ATOM 976  O O   . LEU A 1 122 ? -0.967  -1.986  -1.607  1.00 26.89  ? 122 LEU A O   1 
ATOM 977  C CB  . LEU A 1 122 ? 1.866   -2.693  -1.510  1.00 32.98  ? 122 LEU A CB  1 
ATOM 978  C CG  . LEU A 1 122 ? 1.941   -3.542  -2.776  1.00 36.25  ? 122 LEU A CG  1 
ATOM 979  C CD1 . LEU A 1 122 ? 2.922   -2.915  -3.746  1.00 37.07  ? 122 LEU A CD1 1 
ATOM 980  C CD2 . LEU A 1 122 ? 2.358   -4.972  -2.464  1.00 41.05  ? 122 LEU A CD2 1 
ATOM 981  N N   . ASN A 1 123 ? -0.340  -0.738  -3.381  1.00 25.68  ? 123 ASN A N   1 
ATOM 982  C CA  . ASN A 1 123 ? -1.551  -1.036  -4.182  1.00 22.86  ? 123 ASN A CA  1 
ATOM 983  C C   . ASN A 1 123 ? -1.338  -2.308  -4.966  1.00 25.75  ? 123 ASN A C   1 
ATOM 984  O O   . ASN A 1 123 ? -0.210  -2.597  -5.358  1.00 33.59  ? 123 ASN A O   1 
ATOM 985  C CB  . ASN A 1 123 ? -1.871  0.128   -5.127  1.00 18.98  ? 123 ASN A CB  1 
ATOM 986  C CG  . ASN A 1 123 ? -2.590  1.299   -4.430  1.00 18.38  ? 123 ASN A CG  1 
ATOM 987  O OD1 . ASN A 1 123 ? -2.371  2.463   -4.765  1.00 18.72  ? 123 ASN A OD1 1 
ATOM 988  N ND2 . ASN A 1 123 ? -3.457  1.006   -3.461  1.00 18.57  ? 123 ASN A ND2 1 
ATOM 989  N N   . THR A 1 124 ? -2.380  -3.074  -5.246  1.00 26.90  ? 124 THR A N   1 
ATOM 990  C CA  . THR A 1 124 ? -2.179  -4.291  -6.085  1.00 27.15  ? 124 THR A CA  1 
ATOM 991  C C   . THR A 1 124 ? -2.109  -3.959  -7.600  1.00 25.80  ? 124 THR A C   1 
ATOM 992  O O   . THR A 1 124 ? -1.578  -4.753  -8.377  1.00 26.45  ? 124 THR A O   1 
ATOM 993  C CB  . THR A 1 124 ? -3.276  -5.329  -5.840  1.00 27.11  ? 124 THR A CB  1 
ATOM 994  O OG1 . THR A 1 124 ? -4.559  -4.708  -6.012  1.00 30.31  ? 124 THR A OG1 1 
ATOM 995  C CG2 . THR A 1 124 ? -3.195  -5.840  -4.429  1.00 27.89  ? 124 THR A CG2 1 
ATOM 996  N N   . VAL A 1 125 ? -2.674  -2.808  -7.989  1.00 23.48  ? 125 VAL A N   1 
ATOM 997  C CA  . VAL A 1 125 ? -2.563  -2.281  -9.350  1.00 22.99  ? 125 VAL A CA  1 
ATOM 998  C C   . VAL A 1 125 ? -1.898  -0.906  -9.262  1.00 21.17  ? 125 VAL A C   1 
ATOM 999  O O   . VAL A 1 125 ? -2.342  -0.108  -8.454  1.00 20.06  ? 125 VAL A O   1 
ATOM 1000 C CB  . VAL A 1 125 ? -3.949  -2.214  -10.052 1.00 22.50  ? 125 VAL A CB  1 
ATOM 1001 C CG1 . VAL A 1 125 ? -3.870  -1.476  -11.380 1.00 22.89  ? 125 VAL A CG1 1 
ATOM 1002 C CG2 . VAL A 1 125 ? -4.475  -3.620  -10.301 1.00 22.30  ? 125 VAL A CG2 1 
ATOM 1003 N N   . LEU A 1 126 ? -0.858  -0.641  -10.073 1.00 19.41  ? 126 LEU A N   1 
ATOM 1004 C CA  . LEU A 1 126 ? 0.000   0.523   -9.809  1.00 20.10  ? 126 LEU A CA  1 
ATOM 1005 C C   . LEU A 1 126 ? -0.216  1.764   -10.689 1.00 22.09  ? 126 LEU A C   1 
ATOM 1006 O O   . LEU A 1 126 ? 0.420   2.816   -10.469 1.00 21.46  ? 126 LEU A O   1 
ATOM 1007 C CB  . LEU A 1 126 ? 1.471   0.105   -9.852  1.00 21.46  ? 126 LEU A CB  1 
ATOM 1008 C CG  . LEU A 1 126 ? 1.914   -0.873  -8.755  1.00 21.70  ? 126 LEU A CG  1 
ATOM 1009 C CD1 . LEU A 1 126 ? 3.397   -1.086  -8.808  1.00 22.30  ? 126 LEU A CD1 1 
ATOM 1010 C CD2 . LEU A 1 126 ? 1.468   -0.453  -7.353  1.00 19.50  ? 126 LEU A CD2 1 
ATOM 1011 N N   . THR A 1 127 ? -1.125  1.650   -11.662 1.00 23.34  ? 127 THR A N   1 
ATOM 1012 C CA  . THR A 1 127 ? -1.466  2.769   -12.545 1.00 21.96  ? 127 THR A CA  1 
ATOM 1013 C C   . THR A 1 127 ? -2.971  2.766   -12.845 1.00 22.12  ? 127 THR A C   1 
ATOM 1014 O O   . THR A 1 127 ? -3.652  1.723   -12.680 1.00 19.47  ? 127 THR A O   1 
ATOM 1015 C CB  . THR A 1 127 ? -0.691  2.746   -13.873 1.00 22.38  ? 127 THR A CB  1 
ATOM 1016 O OG1 . THR A 1 127 ? -0.889  1.489   -14.498 1.00 24.79  ? 127 THR A OG1 1 
ATOM 1017 C CG2 . THR A 1 127 ? 0.813   2.965   -13.668 1.00 22.38  ? 127 THR A CG2 1 
ATOM 1018 N N   . VAL A 1 128 ? -3.476  3.939   -13.241 1.00 22.64  ? 128 VAL A N   1 
ATOM 1019 C CA  . VAL A 1 128 ? -4.876  4.098   -13.592 1.00 25.56  ? 128 VAL A CA  1 
ATOM 1020 C C   . VAL A 1 128 ? -5.044  5.247   -14.588 1.00 28.82  ? 128 VAL A C   1 
ATOM 1021 O O   . VAL A 1 128 ? -4.254  6.229   -14.532 1.00 29.10  ? 128 VAL A O   1 
ATOM 1022 C CB  . VAL A 1 128 ? -5.731  4.339   -12.327 1.00 24.81  ? 128 VAL A CB  1 
ATOM 1023 C CG1 . VAL A 1 128 ? -5.432  5.706   -11.716 1.00 26.30  ? 128 VAL A CG1 1 
ATOM 1024 C CG2 . VAL A 1 128 ? -7.218  4.134   -12.596 1.00 23.12  ? 128 VAL A CG2 1 
ATOM 1025 N N   . ARG A 1 129 ? -6.036  5.132   -15.492 1.00 26.86  ? 129 ARG A N   1 
ATOM 1026 C CA  . ARG A 1 129 ? -6.323  6.224   -16.429 1.00 27.06  ? 129 ARG A CA  1 
ATOM 1027 C C   . ARG A 1 129 ? -7.160  7.220   -15.679 1.00 24.16  ? 129 ARG A C   1 
ATOM 1028 O O   . ARG A 1 129 ? -8.077  6.812   -15.004 1.00 23.96  ? 129 ARG A O   1 
ATOM 1029 C CB  . ARG A 1 129 ? -7.186  5.717   -17.596 1.00 32.11  ? 129 ARG A CB  1 
ATOM 1030 C CG  . ARG A 1 129 ? -6.490  5.497   -18.933 1.00 36.10  ? 129 ARG A CG  1 
ATOM 1031 C CD  . ARG A 1 129 ? -7.420  4.938   -20.034 1.00 40.84  ? 129 ARG A CD  1 
ATOM 1032 N NE  . ARG A 1 129 ? -6.927  3.669   -20.620 1.00 45.23  ? 129 ARG A NE  1 
ATOM 1033 C CZ  . ARG A 1 129 ? -7.554  2.476   -20.526 1.00 51.76  ? 129 ARG A CZ  1 
ATOM 1034 N NH1 . ARG A 1 129 ? -8.722  2.360   -19.889 1.00 53.94  ? 129 ARG A NH1 1 
ATOM 1035 N NH2 . ARG A 1 129 ? -7.014  1.370   -21.056 1.00 47.00  ? 129 ARG A NH2 1 
ATOM 1036 N N   . ARG A 1 130 ? -6.907  8.515   -15.824 1.00 22.94  ? 130 ARG A N   1 
ATOM 1037 C CA  . ARG A 1 130 ? -7.735  9.525   -15.157 1.00 22.11  ? 130 ARG A CA  1 
ATOM 1038 C C   . ARG A 1 130 ? -9.246  9.286   -15.269 1.00 24.40  ? 130 ARG A C   1 
ATOM 1039 O O   . ARG A 1 130 ? -9.782  8.958   -16.364 1.00 25.26  ? 130 ARG A O   1 
ATOM 1040 C CB  . ARG A 1 130 ? -7.406  10.874  -15.734 1.00 22.45  ? 130 ARG A CB  1 
ATOM 1041 C CG  . ARG A 1 130 ? -8.322  11.963  -15.266 1.00 23.51  ? 130 ARG A CG  1 
ATOM 1042 C CD  . ARG A 1 130 ? -7.887  13.349  -15.716 1.00 28.14  ? 130 ARG A CD  1 
ATOM 1043 N NE  . ARG A 1 130 ? -8.875  14.293  -15.209 1.00 35.01  ? 130 ARG A NE  1 
ATOM 1044 C CZ  . ARG A 1 130 ? -8.687  15.597  -15.047 1.00 39.74  ? 130 ARG A CZ  1 
ATOM 1045 N NH1 . ARG A 1 130 ? -7.543  16.173  -15.385 1.00 36.96  ? 130 ARG A NH1 1 
ATOM 1046 N NH2 . ARG A 1 130 ? -9.675  16.323  -14.546 1.00 47.59  ? 130 ARG A NH2 1 
ATOM 1047 N N   . GLY A 1 131 ? -9.938  9.417   -14.139 1.00 26.42  ? 131 GLY A N   1 
ATOM 1048 C CA  . GLY A 1 131 ? -11.412 9.355   -14.109 1.00 28.33  ? 131 GLY A CA  1 
ATOM 1049 C C   . GLY A 1 131 ? -12.025 7.974   -14.322 1.00 33.44  ? 131 GLY A C   1 
ATOM 1050 O O   . GLY A 1 131 ? -13.232 7.885   -14.390 1.00 40.09  ? 131 GLY A O   1 
ATOM 1051 N N   . GLN A 1 132 ? -11.222 6.908   -14.388 1.00 32.45  ? 132 GLN A N   1 
ATOM 1052 C CA  . GLN A 1 132 ? -11.714 5.607   -14.758 1.00 35.55  ? 132 GLN A CA  1 
ATOM 1053 C C   . GLN A 1 132 ? -11.190 4.504   -13.851 1.00 36.45  ? 132 GLN A C   1 
ATOM 1054 O O   . GLN A 1 132 ? -10.160 3.884   -14.098 1.00 32.02  ? 132 GLN A O   1 
ATOM 1055 C CB  . GLN A 1 132 ? -11.401 5.305   -16.228 1.00 38.93  ? 132 GLN A CB  1 
ATOM 1056 C CG  . GLN A 1 132 ? -11.944 6.331   -17.214 1.00 45.61  ? 132 GLN A CG  1 
ATOM 1057 C CD  . GLN A 1 132 ? -11.327 6.117   -18.612 1.00 55.01  ? 132 GLN A CD  1 
ATOM 1058 O OE1 . GLN A 1 132 ? -11.762 5.219   -19.338 1.00 54.91  ? 132 GLN A OE1 1 
ATOM 1059 N NE2 . GLN A 1 132 ? -10.267 6.900   -18.970 1.00 54.95  ? 132 GLN A NE2 1 
ATOM 1060 N N   . ALA A 1 133 ? -11.978 4.214   -12.828 1.00 43.06  ? 133 ALA A N   1 
ATOM 1061 C CA  . ALA A 1 133 ? -11.575 3.235   -11.815 1.00 47.97  ? 133 ALA A CA  1 
ATOM 1062 C C   . ALA A 1 133 ? -11.343 1.894   -12.461 1.00 52.62  ? 133 ALA A C   1 
ATOM 1063 O O   . ALA A 1 133 ? -12.098 1.495   -13.340 1.00 54.86  ? 133 ALA A O   1 
ATOM 1064 C CB  . ALA A 1 133 ? -12.615 3.119   -10.721 1.00 46.72  ? 133 ALA A CB  1 
ATOM 1065 N N   . ASN A 1 134 ? -10.271 1.229   -12.023 1.00 53.51  ? 134 ASN A N   1 
ATOM 1066 C CA  . ASN A 1 134 ? -9.926  -0.137  -12.424 1.00 50.59  ? 134 ASN A CA  1 
ATOM 1067 C C   . ASN A 1 134 ? -9.658  -0.278  -13.931 1.00 49.46  ? 134 ASN A C   1 
ATOM 1068 O O   . ASN A 1 134 ? -9.689  -1.397  -14.491 1.00 57.80  ? 134 ASN A O   1 
ATOM 1069 C CB  . ASN A 1 134 ? -10.955 -1.152  -11.891 1.00 55.47  ? 134 ASN A CB  1 
ATOM 1070 C CG  . ASN A 1 134 ? -11.273 -0.942  -10.403 1.00 66.41  ? 134 ASN A CG  1 
ATOM 1071 O OD1 . ASN A 1 134 ? -10.473 -1.256  -9.486  1.00 66.59  ? 134 ASN A OD1 1 
ATOM 1072 N ND2 . ASN A 1 134 ? -12.439 -0.352  -10.163 1.00 66.17  ? 134 ASN A ND2 1 
ATOM 1073 N N   . SER A 1 135 ? -9.308  0.840   -14.575 1.00 41.59  ? 135 SER A N   1 
ATOM 1074 C CA  . SER A 1 135 ? -8.998  0.842   -16.006 1.00 37.55  ? 135 SER A CA  1 
ATOM 1075 C C   . SER A 1 135 ? -7.726  0.113   -16.399 1.00 36.64  ? 135 SER A C   1 
ATOM 1076 O O   . SER A 1 135 ? -7.607  -0.325  -17.544 1.00 45.71  ? 135 SER A O   1 
ATOM 1077 C CB  . SER A 1 135 ? -9.008  2.256   -16.598 1.00 38.32  ? 135 SER A CB  1 
ATOM 1078 O OG  . SER A 1 135 ? -8.232  3.148   -15.854 1.00 33.86  ? 135 SER A OG  1 
ATOM 1079 N N   . HIS A 1 136 ? -6.785  -0.042  -15.475 1.00 35.77  ? 136 HIS A N   1 
ATOM 1080 C CA  . HIS A 1 136 ? -5.606  -0.874  -15.744 1.00 36.49  ? 136 HIS A CA  1 
ATOM 1081 C C   . HIS A 1 136 ? -5.640  -2.236  -15.039 1.00 37.14  ? 136 HIS A C   1 
ATOM 1082 O O   . HIS A 1 136 ? -4.598  -2.909  -14.909 1.00 36.39  ? 136 HIS A O   1 
ATOM 1083 C CB  . HIS A 1 136 ? -4.305  -0.132  -15.456 1.00 36.23  ? 136 HIS A CB  1 
ATOM 1084 C CG  . HIS A 1 136 ? -3.940  0.889   -16.502 1.00 38.82  ? 136 HIS A CG  1 
ATOM 1085 N ND1 . HIS A 1 136 ? -2.909  1.794   -16.333 1.00 38.36  ? 136 HIS A ND1 1 
ATOM 1086 C CD2 . HIS A 1 136 ? -4.506  1.187   -17.698 1.00 37.12  ? 136 HIS A CD2 1 
ATOM 1087 C CE1 . HIS A 1 136 ? -2.817  2.557   -17.401 1.00 35.54  ? 136 HIS A CE1 1 
ATOM 1088 N NE2 . HIS A 1 136 ? -3.799  2.237   -18.228 1.00 33.85  ? 136 HIS A NE2 1 
ATOM 1089 N N   . LYS A 1 137 ? -6.830  -2.657  -14.618 1.00 37.01  ? 137 LYS A N   1 
ATOM 1090 C CA  . LYS A 1 137 ? -7.000  -4.010  -14.048 1.00 40.02  ? 137 LYS A CA  1 
ATOM 1091 C C   . LYS A 1 137 ? -6.658  -5.039  -15.127 1.00 37.09  ? 137 LYS A C   1 
ATOM 1092 O O   . LYS A 1 137 ? -7.031  -4.868  -16.275 1.00 36.07  ? 137 LYS A O   1 
ATOM 1093 C CB  . LYS A 1 137 ? -8.421  -4.215  -13.481 1.00 38.65  ? 137 LYS A CB  1 
ATOM 1094 C CG  . LYS A 1 137 ? -8.856  -5.633  -13.106 1.00 40.81  ? 137 LYS A CG  1 
ATOM 1095 C CD  . LYS A 1 137 ? -10.252 -5.645  -12.483 1.00 50.39  ? 137 LYS A CD  1 
ATOM 1096 C CE  . LYS A 1 137 ? -10.905 -7.027  -12.499 1.00 52.01  ? 137 LYS A CE  1 
ATOM 1097 N NZ  . LYS A 1 137 ? -10.143 -7.990  -11.639 1.00 59.02  ? 137 LYS A NZ  1 
ATOM 1098 N N   . GLY A 1 138 ? -5.933  -6.086  -14.739 1.00 35.17  ? 138 GLY A N   1 
ATOM 1099 C CA  . GLY A 1 138 ? -5.722  -7.249  -15.607 1.00 34.09  ? 138 GLY A CA  1 
ATOM 1100 C C   . GLY A 1 138 ? -4.736  -7.019  -16.729 1.00 40.53  ? 138 GLY A C   1 
ATOM 1101 O O   . GLY A 1 138 ? -4.720  -7.749  -17.713 1.00 42.63  ? 138 GLY A O   1 
ATOM 1102 N N   . LYS A 1 139 ? -3.891  -5.999  -16.584 1.00 45.47  ? 139 LYS A N   1 
ATOM 1103 C CA  . LYS A 1 139 ? -2.899  -5.641  -17.598 1.00 38.63  ? 139 LYS A CA  1 
ATOM 1104 C C   . LYS A 1 139 ? -1.492  -6.119  -17.182 1.00 37.00  ? 139 LYS A C   1 
ATOM 1105 O O   . LYS A 1 139 ? -0.527  -5.868  -17.895 1.00 34.71  ? 139 LYS A O   1 
ATOM 1106 C CB  . LYS A 1 139 ? -2.872  -4.126  -17.757 1.00 40.98  ? 139 LYS A CB  1 
ATOM 1107 C CG  . LYS A 1 139 ? -4.178  -3.451  -18.131 1.00 44.09  ? 139 LYS A CG  1 
ATOM 1108 C CD  . LYS A 1 139 ? -4.656  -3.819  -19.531 1.00 50.26  ? 139 LYS A CD  1 
ATOM 1109 C CE  . LYS A 1 139 ? -5.949  -3.071  -19.861 1.00 52.38  ? 139 LYS A CE  1 
ATOM 1110 N NZ  . LYS A 1 139 ? -6.287  -3.144  -21.311 1.00 47.24  ? 139 LYS A NZ  1 
ATOM 1111 N N   . GLY A 1 140 ? -1.368  -6.752  -16.011 1.00 36.49  ? 140 GLY A N   1 
ATOM 1112 C CA  . GLY A 1 140 ? -0.101  -7.329  -15.549 1.00 34.88  ? 140 GLY A CA  1 
ATOM 1113 C C   . GLY A 1 140 ? 0.348   -6.919  -14.149 1.00 31.45  ? 140 GLY A C   1 
ATOM 1114 O O   . GLY A 1 140 ? 1.184   -7.577  -13.562 1.00 29.66  ? 140 GLY A O   1 
ATOM 1115 N N   . TRP A 1 141 ? -0.203  -5.841  -13.611 1.00 32.63  ? 141 TRP A N   1 
ATOM 1116 C CA  . TRP A 1 141 ? 0.226   -5.376  -12.296 1.00 35.75  ? 141 TRP A CA  1 
ATOM 1117 C C   . TRP A 1 141 ? -0.011  -6.388  -11.202 1.00 35.77  ? 141 TRP A C   1 
ATOM 1118 O O   . TRP A 1 141 ? 0.817   -6.540  -10.296 1.00 33.78  ? 141 TRP A O   1 
ATOM 1119 C CB  . TRP A 1 141 ? -0.451  -4.058  -11.911 1.00 39.66  ? 141 TRP A CB  1 
ATOM 1120 C CG  . TRP A 1 141 ? 0.150   -2.825  -12.626 1.00 41.49  ? 141 TRP A CG  1 
ATOM 1121 C CD1 . TRP A 1 141 ? -0.530  -1.862  -13.339 1.00 36.37  ? 141 TRP A CD1 1 
ATOM 1122 C CD2 . TRP A 1 141 ? 1.536   -2.409  -12.634 1.00 43.75  ? 141 TRP A CD2 1 
ATOM 1123 N NE1 . TRP A 1 141 ? 0.334   -0.895  -13.782 1.00 34.64  ? 141 TRP A NE1 1 
ATOM 1124 C CE2 . TRP A 1 141 ? 1.606   -1.211  -13.377 1.00 40.81  ? 141 TRP A CE2 1 
ATOM 1125 C CE3 . TRP A 1 141 ? 2.729   -2.935  -12.084 1.00 47.59  ? 141 TRP A CE3 1 
ATOM 1126 C CZ2 . TRP A 1 141 ? 2.811   -0.519  -13.570 1.00 40.55  ? 141 TRP A CZ2 1 
ATOM 1127 C CZ3 . TRP A 1 141 ? 3.925   -2.250  -12.309 1.00 47.07  ? 141 TRP A CZ3 1 
ATOM 1128 C CH2 . TRP A 1 141 ? 3.949   -1.064  -13.063 1.00 41.91  ? 141 TRP A CH2 1 
ATOM 1129 N N   . GLU A 1 142 ? -1.134  -7.087  -11.306 1.00 36.22  ? 142 GLU A N   1 
ATOM 1130 C CA  . GLU A 1 142 ? -1.535  -8.022  -10.277 1.00 38.11  ? 142 GLU A CA  1 
ATOM 1131 C C   . GLU A 1 142 ? -0.658  -9.247  -10.227 1.00 40.27  ? 142 GLU A C   1 
ATOM 1132 O O   . GLU A 1 142 ? -0.564  -9.913  -9.194  1.00 43.30  ? 142 GLU A O   1 
ATOM 1133 C CB  . GLU A 1 142 ? -2.986  -8.398  -10.469 1.00 34.55  ? 142 GLU A CB  1 
ATOM 1134 C CG  . GLU A 1 142 ? -3.877  -7.283  -10.002 1.00 36.46  ? 142 GLU A CG  1 
ATOM 1135 C CD  . GLU A 1 142 ? -4.755  -6.738  -11.101 1.00 39.69  ? 142 GLU A CD  1 
ATOM 1136 O OE1 . GLU A 1 142 ? -4.503  -6.992  -12.290 1.00 38.49  ? 142 GLU A OE1 1 
ATOM 1137 O OE2 . GLU A 1 142 ? -5.704  -6.026  -10.756 1.00 44.80  ? 142 GLU A OE2 1 
ATOM 1138 N N   . ARG A 1 143 ? -0.051  -9.581  -11.348 1.00 38.80  ? 143 ARG A N   1 
ATOM 1139 C CA  . ARG A 1 143 ? 0.902   -10.607 -11.270 1.00 37.22  ? 143 ARG A CA  1 
ATOM 1140 C C   . ARG A 1 143 ? 2.147   -10.114 -10.535 1.00 35.23  ? 143 ARG A C   1 
ATOM 1141 O O   . ARG A 1 143 ? 2.624   -10.855 -9.693  1.00 39.04  ? 143 ARG A O   1 
ATOM 1142 C CB  . ARG A 1 143 ? 1.195   -11.189 -12.619 1.00 38.69  ? 143 ARG A CB  1 
ATOM 1143 C CG  . ARG A 1 143 ? 1.770   -12.559 -12.468 1.00 46.70  ? 143 ARG A CG  1 
ATOM 1144 C CD  . ARG A 1 143 ? 1.594   -13.351 -13.730 1.00 54.99  ? 143 ARG A CD  1 
ATOM 1145 N NE  . ARG A 1 143 ? 2.862   -14.005 -13.994 1.00 58.14  ? 143 ARG A NE  1 
ATOM 1146 C CZ  . ARG A 1 143 ? 3.266   -14.358 -15.202 1.00 61.96  ? 143 ARG A CZ  1 
ATOM 1147 N NH1 . ARG A 1 143 ? 2.479   -14.135 -16.245 1.00 62.92  ? 143 ARG A NH1 1 
ATOM 1148 N NH2 . ARG A 1 143 ? 4.452   -14.925 -15.365 1.00 63.06  ? 143 ARG A NH2 1 
ATOM 1149 N N   . LEU A 1 144 ? 2.669   -8.914  -10.841 1.00 28.63  ? 144 LEU A N   1 
ATOM 1150 C CA  . LEU A 1 144 ? 3.836   -8.397  -10.144 1.00 27.13  ? 144 LEU A CA  1 
ATOM 1151 C C   . LEU A 1 144 ? 3.610   -8.217  -8.639  1.00 29.81  ? 144 LEU A C   1 
ATOM 1152 O O   . LEU A 1 144 ? 4.459   -8.583  -7.817  1.00 32.71  ? 144 LEU A O   1 
ATOM 1153 C CB  . LEU A 1 144 ? 4.305   -7.077  -10.748 1.00 26.24  ? 144 LEU A CB  1 
ATOM 1154 C CG  . LEU A 1 144 ? 5.527   -6.424  -10.069 1.00 24.87  ? 144 LEU A CG  1 
ATOM 1155 C CD1 . LEU A 1 144 ? 6.757   -7.290  -10.247 1.00 23.60  ? 144 LEU A CD1 1 
ATOM 1156 C CD2 . LEU A 1 144 ? 5.840   -5.012  -10.565 1.00 25.11  ? 144 LEU A CD2 1 
ATOM 1157 N N   . THR A 1 145 ? 2.476   -7.643  -8.249  1.00 28.88  ? 145 THR A N   1 
ATOM 1158 C CA  . THR A 1 145 ? 2.248   -7.367  -6.826  1.00 24.04  ? 145 THR A CA  1 
ATOM 1159 C C   . THR A 1 145 ? 2.012   -8.656  -6.033  1.00 25.87  ? 145 THR A C   1 
ATOM 1160 O O   . THR A 1 145 ? 2.369   -8.746  -4.852  1.00 30.26  ? 145 THR A O   1 
ATOM 1161 C CB  . THR A 1 145 ? 1.145   -6.302  -6.625  1.00 24.52  ? 145 THR A CB  1 
ATOM 1162 O OG1 . THR A 1 145 ? -0.075  -6.733  -7.249  1.00 25.77  ? 145 THR A OG1 1 
ATOM 1163 C CG2 . THR A 1 145 ? 1.576   -4.962  -7.251  1.00 24.38  ? 145 THR A CG2 1 
ATOM 1164 N N   . ASP A 1 146 ? 1.447   -9.686  -6.670  1.00 28.06  ? 146 ASP A N   1 
ATOM 1165 C CA  . ASP A 1 146 ? 1.421   -11.018 -6.051  1.00 30.12  ? 146 ASP A CA  1 
ATOM 1166 C C   . ASP A 1 146 ? 2.864   -11.509 -5.733  1.00 29.17  ? 146 ASP A C   1 
ATOM 1167 O O   . ASP A 1 146 ? 3.114   -12.135 -4.713  1.00 29.04  ? 146 ASP A O   1 
ATOM 1168 C CB  . ASP A 1 146 ? 0.749   -12.018 -6.963  1.00 35.39  ? 146 ASP A CB  1 
ATOM 1169 C CG  . ASP A 1 146 ? -0.797  -12.017 -6.853  1.00 40.80  ? 146 ASP A CG  1 
ATOM 1170 O OD1 . ASP A 1 146 ? -1.369  -11.318 -6.006  1.00 38.12  ? 146 ASP A OD1 1 
ATOM 1171 O OD2 . ASP A 1 146 ? -1.452  -12.734 -7.659  1.00 47.27  ? 146 ASP A OD2 1 
ATOM 1172 N N   . ARG A 1 147 ? 3.798   -11.209 -6.626  1.00 28.11  ? 147 ARG A N   1 
ATOM 1173 C CA  . ARG A 1 147 ? 5.189   -11.553 -6.441  1.00 31.12  ? 147 ARG A CA  1 
ATOM 1174 C C   . ARG A 1 147 ? 5.798   -10.807 -5.302  1.00 30.79  ? 147 ARG A C   1 
ATOM 1175 O O   . ARG A 1 147 ? 6.581   -11.378 -4.547  1.00 30.32  ? 147 ARG A O   1 
ATOM 1176 C CB  . ARG A 1 147 ? 6.018   -11.225 -7.675  1.00 37.02  ? 147 ARG A CB  1 
ATOM 1177 C CG  . ARG A 1 147 ? 6.358   -12.432 -8.513  1.00 41.72  ? 147 ARG A CG  1 
ATOM 1178 C CD  . ARG A 1 147 ? 6.972   -13.545 -7.703  1.00 45.20  ? 147 ARG A CD  1 
ATOM 1179 N NE  . ARG A 1 147 ? 8.373   -13.296 -7.435  1.00 47.37  ? 147 ARG A NE  1 
ATOM 1180 C CZ  . ARG A 1 147 ? 9.202   -14.248 -7.008  1.00 50.62  ? 147 ARG A CZ  1 
ATOM 1181 N NH1 . ARG A 1 147 ? 8.747   -15.495 -6.759  1.00 43.77  ? 147 ARG A NH1 1 
ATOM 1182 N NH2 . ARG A 1 147 ? 10.481  -13.948 -6.805  1.00 44.49  ? 147 ARG A NH2 1 
ATOM 1183 N N   . ILE A 1 148 ? 5.460   -9.519  -5.196  1.00 27.66  ? 148 ILE A N   1 
ATOM 1184 C CA  . ILE A 1 148 ? 5.925   -8.724  -4.060  1.00 28.03  ? 148 ILE A CA  1 
ATOM 1185 C C   . ILE A 1 148 ? 5.468   -9.343  -2.725  1.00 30.12  ? 148 ILE A C   1 
ATOM 1186 O O   . ILE A 1 148 ? 6.232   -9.468  -1.757  1.00 31.09  ? 148 ILE A O   1 
ATOM 1187 C CB  . ILE A 1 148 ? 5.500   -7.254  -4.185  1.00 26.34  ? 148 ILE A CB  1 
ATOM 1188 C CG1 . ILE A 1 148 ? 6.158   -6.633  -5.433  1.00 25.33  ? 148 ILE A CG1 1 
ATOM 1189 C CG2 . ILE A 1 148 ? 5.876   -6.472  -2.932  1.00 23.21  ? 148 ILE A CG2 1 
ATOM 1190 C CD1 . ILE A 1 148 ? 5.655   -5.268  -5.825  1.00 22.28  ? 148 ILE A CD1 1 
ATOM 1191 N N   . ILE A 1 149 ? 4.219   -9.764  -2.693  1.00 31.15  ? 149 ILE A N   1 
ATOM 1192 C CA  . ILE A 1 149 ? 3.708   -10.486 -1.527  1.00 35.66  ? 149 ILE A CA  1 
ATOM 1193 C C   . ILE A 1 149 ? 4.475   -11.800 -1.300  1.00 39.30  ? 149 ILE A C   1 
ATOM 1194 O O   . ILE A 1 149 ? 4.854   -12.102 -0.162  1.00 49.20  ? 149 ILE A O   1 
ATOM 1195 C CB  . ILE A 1 149 ? 2.176   -10.674 -1.632  1.00 37.49  ? 149 ILE A CB  1 
ATOM 1196 C CG1 . ILE A 1 149 ? 1.464   -9.299  -1.570  1.00 35.09  ? 149 ILE A CG1 1 
ATOM 1197 C CG2 . ILE A 1 149 ? 1.654   -11.620 -0.564  1.00 35.38  ? 149 ILE A CG2 1 
ATOM 1198 C CD1 . ILE A 1 149 ? 0.034   -9.318  -2.053  1.00 30.87  ? 149 ILE A CD1 1 
ATOM 1199 N N   . ASP A 1 150 ? 4.736   -12.562 -2.367  1.00 38.35  ? 150 ASP A N   1 
ATOM 1200 C CA  . ASP A 1 150 ? 5.498   -13.825 -2.250  1.00 37.12  ? 150 ASP A CA  1 
ATOM 1201 C C   . ASP A 1 150 ? 6.859   -13.600 -1.591  1.00 39.30  ? 150 ASP A C   1 
ATOM 1202 O O   . ASP A 1 150 ? 7.258   -14.346 -0.676  1.00 37.42  ? 150 ASP A O   1 
ATOM 1203 C CB  . ASP A 1 150 ? 5.755   -14.443 -3.616  1.00 40.28  ? 150 ASP A CB  1 
ATOM 1204 C CG  . ASP A 1 150 ? 4.476   -14.971 -4.301  1.00 45.47  ? 150 ASP A CG  1 
ATOM 1205 O OD1 . ASP A 1 150 ? 3.430   -15.230 -3.628  1.00 48.08  ? 150 ASP A OD1 1 
ATOM 1206 O OD2 . ASP A 1 150 ? 4.524   -15.150 -5.542  1.00 40.30  ? 150 ASP A OD2 1 
ATOM 1207 N N   . VAL A 1 151 ? 7.585   -12.569 -2.048  1.00 39.69  ? 151 VAL A N   1 
ATOM 1208 C CA  . VAL A 1 151 ? 8.946   -12.381 -1.515  1.00 36.61  ? 151 VAL A CA  1 
ATOM 1209 C C   . VAL A 1 151 ? 8.919   -11.896 -0.061  1.00 33.90  ? 151 VAL A C   1 
ATOM 1210 O O   . VAL A 1 151 ? 9.784   -12.269 0.733   1.00 34.80  ? 151 VAL A O   1 
ATOM 1211 C CB  . VAL A 1 151 ? 9.876   -11.517 -2.397  1.00 36.30  ? 151 VAL A CB  1 
ATOM 1212 C CG1 . VAL A 1 151 ? 9.929   -12.077 -3.791  1.00 36.07  ? 151 VAL A CG1 1 
ATOM 1213 C CG2 . VAL A 1 151 ? 9.431   -10.063 -2.443  1.00 37.91  ? 151 VAL A CG2 1 
ATOM 1214 N N   . LEU A 1 152 ? 7.902   -11.120 0.291   1.00 29.38  ? 152 LEU A N   1 
ATOM 1215 C CA  . LEU A 1 152 ? 7.694   -10.748 1.707   1.00 26.97  ? 152 LEU A CA  1 
ATOM 1216 C C   . LEU A 1 152 ? 7.329   -11.965 2.533   1.00 25.81  ? 152 LEU A C   1 
ATOM 1217 O O   . LEU A 1 152 ? 7.843   -12.091 3.635   1.00 29.10  ? 152 LEU A O   1 
ATOM 1218 C CB  . LEU A 1 152 ? 6.623   -9.648  1.862   1.00 23.47  ? 152 LEU A CB  1 
ATOM 1219 C CG  . LEU A 1 152 ? 7.112   -8.280  1.366   1.00 22.77  ? 152 LEU A CG  1 
ATOM 1220 C CD1 . LEU A 1 152 ? 5.939   -7.332  1.206   1.00 24.18  ? 152 LEU A CD1 1 
ATOM 1221 C CD2 . LEU A 1 152 ? 8.205   -7.641  2.233   1.00 22.89  ? 152 LEU A CD2 1 
ATOM 1222 N N   . SER A 1 153 ? 6.471   -12.851 2.021   1.00 23.74  ? 153 SER A N   1 
ATOM 1223 C CA  . SER A 1 153 ? 6.121   -14.078 2.750   1.00 25.81  ? 153 SER A CA  1 
ATOM 1224 C C   . SER A 1 153 ? 7.365   -14.919 3.000   1.00 30.20  ? 153 SER A C   1 
ATOM 1225 O O   . SER A 1 153 ? 7.520   -15.524 4.079   1.00 29.98  ? 153 SER A O   1 
ATOM 1226 C CB  . SER A 1 153 ? 5.094   -14.934 1.989   1.00 26.13  ? 153 SER A CB  1 
ATOM 1227 O OG  . SER A 1 153 ? 4.692   -16.065 2.747   1.00 21.74  ? 153 SER A OG  1 
ATOM 1228 N N   . GLU A 1 154 ? 8.271   -14.937 2.010   1.00 33.25  ? 154 GLU A N   1 
ATOM 1229 C CA  . GLU A 1 154 ? 9.485   -15.736 2.123   1.00 34.39  ? 154 GLU A CA  1 
ATOM 1230 C C   . GLU A 1 154 ? 10.533  -15.117 3.066   1.00 37.44  ? 154 GLU A C   1 
ATOM 1231 O O   . GLU A 1 154 ? 11.475  -15.798 3.484   1.00 42.55  ? 154 GLU A O   1 
ATOM 1232 C CB  . GLU A 1 154 ? 10.057  -16.002 0.748   1.00 36.17  ? 154 GLU A CB  1 
ATOM 1233 C CG  . GLU A 1 154 ? 9.162   -16.898 -0.088  1.00 44.54  ? 154 GLU A CG  1 
ATOM 1234 C CD  . GLU A 1 154 ? 9.396   -16.753 -1.607  1.00 51.42  ? 154 GLU A CD  1 
ATOM 1235 O OE1 . GLU A 1 154 ? 10.413  -16.121 -2.019  1.00 49.84  ? 154 GLU A OE1 1 
ATOM 1236 O OE2 . GLU A 1 154 ? 8.566   -17.281 -2.407  1.00 46.08  ? 154 GLU A OE2 1 
ATOM 1237 N N   . ARG A 1 155 ? 10.365  -13.843 3.421   1.00 34.15  ? 155 ARG A N   1 
ATOM 1238 C CA  . ARG A 1 155 ? 11.315  -13.177 4.286   1.00 34.19  ? 155 ARG A CA  1 
ATOM 1239 C C   . ARG A 1 155 ? 11.319  -13.805 5.661   1.00 38.31  ? 155 ARG A C   1 
ATOM 1240 O O   . ARG A 1 155 ? 10.273  -14.176 6.231   1.00 43.43  ? 155 ARG A O   1 
ATOM 1241 C CB  . ARG A 1 155 ? 10.998  -11.690 4.415   1.00 32.70  ? 155 ARG A CB  1 
ATOM 1242 C CG  . ARG A 1 155 ? 12.152  -10.821 4.868   1.00 29.44  ? 155 ARG A CG  1 
ATOM 1243 C CD  . ARG A 1 155 ? 11.719  -9.395  5.026   1.00 26.74  ? 155 ARG A CD  1 
ATOM 1244 N NE  . ARG A 1 155 ? 10.957  -9.210  6.262   1.00 28.36  ? 155 ARG A NE  1 
ATOM 1245 C CZ  . ARG A 1 155 ? 10.621  -8.022  6.769   1.00 27.75  ? 155 ARG A CZ  1 
ATOM 1246 N NH1 . ARG A 1 155 ? 11.042  -6.924  6.164   1.00 22.62  ? 155 ARG A NH1 1 
ATOM 1247 N NH2 . ARG A 1 155 ? 9.906   -7.939  7.916   1.00 25.58  ? 155 ARG A NH2 1 
ATOM 1248 N N   . GLU A 1 156 ? 12.529  -13.937 6.182   1.00 45.08  ? 156 GLU A N   1 
ATOM 1249 C CA  . GLU A 1 156 ? 12.798  -14.531 7.466   1.00 48.94  ? 156 GLU A CA  1 
ATOM 1250 C C   . GLU A 1 156 ? 12.147  -13.751 8.603   1.00 43.31  ? 156 GLU A C   1 
ATOM 1251 O O   . GLU A 1 156 ? 11.420  -14.282 9.416   1.00 42.24  ? 156 GLU A O   1 
ATOM 1252 C CB  . GLU A 1 156 ? 14.324  -14.631 7.637   1.00 52.96  ? 156 GLU A CB  1 
ATOM 1253 C CG  . GLU A 1 156 ? 14.777  -15.532 8.781   1.00 64.19  ? 156 GLU A CG  1 
ATOM 1254 C CD  . GLU A 1 156 ? 14.814  -17.009 8.411   1.00 70.61  ? 156 GLU A CD  1 
ATOM 1255 O OE1 . GLU A 1 156 ? 13.942  -17.461 7.615   1.00 66.93  ? 156 GLU A OE1 1 
ATOM 1256 O OE2 . GLU A 1 156 ? 15.719  -17.726 8.936   1.00 74.95  ? 156 GLU A OE2 1 
ATOM 1257 N N   . ARG A 1 157 ? 12.418  -12.459 8.646   1.00 47.89  ? 157 ARG A N   1 
ATOM 1258 C CA  . ARG A 1 157 ? 11.872  -11.589 9.680   1.00 45.26  ? 157 ARG A CA  1 
ATOM 1259 C C   . ARG A 1 157 ? 10.382  -11.356 9.421   1.00 44.92  ? 157 ARG A C   1 
ATOM 1260 O O   . ARG A 1 157 ? 9.972   -10.966 8.313   1.00 46.87  ? 157 ARG A O   1 
ATOM 1261 C CB  . ARG A 1 157 ? 12.636  -10.275 9.672   1.00 47.04  ? 157 ARG A CB  1 
ATOM 1262 C CG  . ARG A 1 157 ? 14.133  -10.417 10.093  1.00 57.23  ? 157 ARG A CG  1 
ATOM 1263 C CD  . ARG A 1 157 ? 14.939  -9.106  10.016  1.00 58.46  ? 157 ARG A CD  1 
ATOM 1264 N NE  . ARG A 1 157 ? 14.266  -8.000  10.739  1.00 65.34  ? 157 ARG A NE  1 
ATOM 1265 C CZ  . ARG A 1 157 ? 13.628  -6.976  10.161  1.00 63.34  ? 157 ARG A CZ  1 
ATOM 1266 N NH1 . ARG A 1 157 ? 13.595  -6.895  8.852   1.00 58.86  ? 157 ARG A NH1 1 
ATOM 1267 N NH2 . ARG A 1 157 ? 13.033  -6.024  10.870  1.00 62.78  ? 157 ARG A NH2 1 
ATOM 1268 N N   . PRO A 1 158 ? 9.558   -11.539 10.446  1.00 40.02  ? 158 PRO A N   1 
ATOM 1269 C CA  . PRO A 1 158 ? 8.102   -11.460 10.301  1.00 34.46  ? 158 PRO A CA  1 
ATOM 1270 C C   . PRO A 1 158 ? 7.497   -10.109 9.910   1.00 31.63  ? 158 PRO A C   1 
ATOM 1271 O O   . PRO A 1 158 ? 7.861   -9.046  10.415  1.00 35.47  ? 158 PRO A O   1 
ATOM 1272 C CB  . PRO A 1 158 ? 7.615   -11.765 11.691  1.00 35.19  ? 158 PRO A CB  1 
ATOM 1273 C CG  . PRO A 1 158 ? 8.835   -12.222 12.439  1.00 37.52  ? 158 PRO A CG  1 
ATOM 1274 C CD  . PRO A 1 158 ? 9.946   -11.477 11.856  1.00 37.94  ? 158 PRO A CD  1 
ATOM 1275 N N   . VAL A 1 159 ? 6.516   -10.175 9.040   1.00 25.48  ? 159 VAL A N   1 
ATOM 1276 C CA  . VAL A 1 159 ? 5.852   -9.004  8.508   1.00 21.50  ? 159 VAL A CA  1 
ATOM 1277 C C   . VAL A 1 159 ? 4.437   -9.004  9.067   1.00 22.10  ? 159 VAL A C   1 
ATOM 1278 O O   . VAL A 1 159 ? 3.827   -10.089 9.279   1.00 23.31  ? 159 VAL A O   1 
ATOM 1279 C CB  . VAL A 1 159 ? 5.785   -9.098  6.955   1.00 22.38  ? 159 VAL A CB  1 
ATOM 1280 C CG1 . VAL A 1 159 ? 4.985   -7.973  6.326   1.00 26.56  ? 159 VAL A CG1 1 
ATOM 1281 C CG2 . VAL A 1 159 ? 7.154   -9.086  6.330   1.00 23.14  ? 159 VAL A CG2 1 
ATOM 1282 N N   . ILE A 1 160 ? 3.871   -7.809  9.291   1.00 20.26  ? 160 ILE A N   1 
ATOM 1283 C CA  . ILE A 1 160 ? 2.488   -7.704  9.752   1.00 19.03  ? 160 ILE A CA  1 
ATOM 1284 C C   . ILE A 1 160 ? 1.671   -7.206  8.598   1.00 18.40  ? 160 ILE A C   1 
ATOM 1285 O O   . ILE A 1 160 ? 1.902   -6.094  8.116   1.00 19.82  ? 160 ILE A O   1 
ATOM 1286 C CB  . ILE A 1 160 ? 2.344   -6.727  10.971  1.00 19.16  ? 160 ILE A CB  1 
ATOM 1287 C CG1 . ILE A 1 160 ? 3.160   -7.229  12.170  1.00 18.88  ? 160 ILE A CG1 1 
ATOM 1288 C CG2 . ILE A 1 160 ? 0.875   -6.508  11.357  1.00 16.62  ? 160 ILE A CG2 1 
ATOM 1289 C CD1 . ILE A 1 160 ? 3.696   -6.070  13.003  1.00 18.73  ? 160 ILE A CD1 1 
ATOM 1290 N N   . PHE A 1 161 ? 0.711   -8.016  8.150   1.00 18.94  ? 161 PHE A N   1 
ATOM 1291 C CA  . PHE A 1 161 ? -0.116  -7.666  6.999   1.00 20.05  ? 161 PHE A CA  1 
ATOM 1292 C C   . PHE A 1 161 ? -1.474  -7.174  7.456   1.00 21.17  ? 161 PHE A C   1 
ATOM 1293 O O   . PHE A 1 161 ? -2.166  -7.879  8.183   1.00 22.25  ? 161 PHE A O   1 
ATOM 1294 C CB  . PHE A 1 161 ? -0.308  -8.861  6.088   1.00 19.22  ? 161 PHE A CB  1 
ATOM 1295 C CG  . PHE A 1 161 ? 0.922   -9.305  5.339   1.00 19.28  ? 161 PHE A CG  1 
ATOM 1296 C CD1 . PHE A 1 161 ? 1.764   -10.259 5.920   1.00 19.48  ? 161 PHE A CD1 1 
ATOM 1297 C CD2 . PHE A 1 161 ? 1.190   -8.861  4.022   1.00 17.75  ? 161 PHE A CD2 1 
ATOM 1298 C CE1 . PHE A 1 161 ? 2.874   -10.745 5.213   1.00 17.85  ? 161 PHE A CE1 1 
ATOM 1299 C CE2 . PHE A 1 161 ? 2.299   -9.336  3.342   1.00 17.05  ? 161 PHE A CE2 1 
ATOM 1300 C CZ  . PHE A 1 161 ? 3.140   -10.276 3.936   1.00 17.28  ? 161 PHE A CZ  1 
ATOM 1301 N N   . ILE A 1 162 ? -1.835  -5.970  7.015   1.00 23.74  ? 162 ILE A N   1 
ATOM 1302 C CA  . ILE A 1 162 ? -3.133  -5.378  7.273   1.00 23.52  ? 162 ILE A CA  1 
ATOM 1303 C C   . ILE A 1 162 ? -3.934  -5.522  5.965   1.00 25.19  ? 162 ILE A C   1 
ATOM 1304 O O   . ILE A 1 162 ? -3.566  -4.978  4.909   1.00 24.70  ? 162 ILE A O   1 
ATOM 1305 C CB  . ILE A 1 162 ? -3.007  -3.914  7.711   1.00 23.05  ? 162 ILE A CB  1 
ATOM 1306 C CG1 . ILE A 1 162 ? -2.318  -3.825  9.081   1.00 24.76  ? 162 ILE A CG1 1 
ATOM 1307 C CG2 . ILE A 1 162 ? -4.388  -3.322  7.844   1.00 25.18  ? 162 ILE A CG2 1 
ATOM 1308 C CD1 . ILE A 1 162 ? -2.129  -2.459  9.718   1.00 23.17  ? 162 ILE A CD1 1 
ATOM 1309 N N   . LEU A 1 163 ? -5.024  -6.291  6.052   1.00 26.53  ? 163 LEU A N   1 
ATOM 1310 C CA  . LEU A 1 163 ? -5.818  -6.700  4.897   1.00 23.33  ? 163 LEU A CA  1 
ATOM 1311 C C   . LEU A 1 163 ? -7.257  -6.204  5.090   1.00 23.39  ? 163 LEU A C   1 
ATOM 1312 O O   . LEU A 1 163 ? -8.077  -6.858  5.722   1.00 25.33  ? 163 LEU A O   1 
ATOM 1313 C CB  . LEU A 1 163 ? -5.757  -8.232  4.750   1.00 23.76  ? 163 LEU A CB  1 
ATOM 1314 C CG  . LEU A 1 163 ? -4.344  -8.867  4.672   1.00 23.28  ? 163 LEU A CG  1 
ATOM 1315 C CD1 . LEU A 1 163 ? -4.400  -10.379 4.555   1.00 21.05  ? 163 LEU A CD1 1 
ATOM 1316 C CD2 . LEU A 1 163 ? -3.532  -8.298  3.506   1.00 26.00  ? 163 LEU A CD2 1 
ATOM 1317 N N   . TRP A 1 164 ? -7.553  -5.044  4.526   1.00 24.32  ? 164 TRP A N   1 
ATOM 1318 C CA  . TRP A 1 164 ? -8.837  -4.384  4.642   1.00 23.84  ? 164 TRP A CA  1 
ATOM 1319 C C   . TRP A 1 164 ? -9.656  -4.715  3.399   1.00 28.78  ? 164 TRP A C   1 
ATOM 1320 O O   . TRP A 1 164 ? -9.272  -4.382  2.259   1.00 28.82  ? 164 TRP A O   1 
ATOM 1321 C CB  . TRP A 1 164 ? -8.649  -2.874  4.719   1.00 22.15  ? 164 TRP A CB  1 
ATOM 1322 C CG  . TRP A 1 164 ? -8.013  -2.360  5.978   1.00 23.30  ? 164 TRP A CG  1 
ATOM 1323 C CD1 . TRP A 1 164 ? -8.118  -2.906  7.280   1.00 24.96  ? 164 TRP A CD1 1 
ATOM 1324 C CD2 . TRP A 1 164 ? -7.227  -1.161  6.128   1.00 23.55  ? 164 TRP A CD2 1 
ATOM 1325 N NE1 . TRP A 1 164 ? -7.411  -2.128  8.185   1.00 24.75  ? 164 TRP A NE1 1 
ATOM 1326 C CE2 . TRP A 1 164 ? -6.885  -1.043  7.517   1.00 25.21  ? 164 TRP A CE2 1 
ATOM 1327 C CE3 . TRP A 1 164 ? -6.745  -0.191  5.234   1.00 24.42  ? 164 TRP A CE3 1 
ATOM 1328 C CZ2 . TRP A 1 164 ? -6.086  0.005   8.009   1.00 25.68  ? 164 TRP A CZ2 1 
ATOM 1329 C CZ3 . TRP A 1 164 ? -5.987  0.894   5.762   1.00 24.62  ? 164 TRP A CZ3 1 
ATOM 1330 C CH2 . TRP A 1 164 ? -5.663  0.960   7.125   1.00 24.27  ? 164 TRP A CH2 1 
ATOM 1331 N N   . GLY A 1 165 ? -10.802 -5.356  3.626   1.00 34.14  ? 165 GLY A N   1 
ATOM 1332 C CA  . GLY A 1 165 ? -11.719 -5.664  2.540   1.00 38.59  ? 165 GLY A CA  1 
ATOM 1333 C C   . GLY A 1 165 ? -11.476 -7.044  1.929   1.00 43.81  ? 165 GLY A C   1 
ATOM 1334 O O   . GLY A 1 165 ? -10.462 -7.719  2.223   1.00 54.90  ? 165 GLY A O   1 
ATOM 1335 N N   . ARG A 1 166 ? -12.382 -7.454  1.043   1.00 44.08  ? 166 ARG A N   1 
ATOM 1336 C CA  . ARG A 1 166 ? -12.374 -8.819  0.502   1.00 46.41  ? 166 ARG A CA  1 
ATOM 1337 C C   . ARG A 1 166 ? -11.211 -9.091  -0.445  1.00 43.83  ? 166 ARG A C   1 
ATOM 1338 O O   . ARG A 1 166 ? -10.625 -10.178 -0.400  1.00 45.18  ? 166 ARG A O   1 
ATOM 1339 C CB  . ARG A 1 166 ? -13.686 -9.181  -0.204  1.00 55.76  ? 166 ARG A CB  1 
ATOM 1340 C CG  . ARG A 1 166 ? -14.977 -8.946  0.579   1.00 64.56  ? 166 ARG A CG  1 
ATOM 1341 C CD  . ARG A 1 166 ? -16.216 -9.282  -0.242  1.00 74.05  ? 166 ARG A CD  1 
ATOM 1342 N NE  . ARG A 1 166 ? -16.361 -8.514  -1.494  1.00 79.33  ? 166 ARG A NE  1 
ATOM 1343 C CZ  . ARG A 1 166 ? -16.807 -7.254  -1.578  1.00 80.71  ? 166 ARG A CZ  1 
ATOM 1344 N NH1 . ARG A 1 166 ? -17.128 -6.579  -0.484  1.00 74.91  ? 166 ARG A NH1 1 
ATOM 1345 N NH2 . ARG A 1 166 ? -16.918 -6.655  -2.765  1.00 82.14  ? 166 ARG A NH2 1 
ATOM 1346 N N   . HIS A 1 167 ? -10.850 -8.134  -1.282  1.00 42.03  ? 167 HIS A N   1 
ATOM 1347 C CA  . HIS A 1 167 ? -9.770  -8.408  -2.208  1.00 48.72  ? 167 HIS A CA  1 
ATOM 1348 C C   . HIS A 1 167 ? -8.459  -8.572  -1.518  1.00 48.66  ? 167 HIS A C   1 
ATOM 1349 O O   . HIS A 1 167 ? -7.705  -9.441  -1.866  1.00 54.12  ? 167 HIS A O   1 
ATOM 1350 C CB  . HIS A 1 167 ? -9.648  -7.339  -3.266  1.00 49.61  ? 167 HIS A CB  1 
ATOM 1351 C CG  . HIS A 1 167 ? -10.847 -7.258  -4.156  1.00 56.44  ? 167 HIS A CG  1 
ATOM 1352 N ND1 . HIS A 1 167 ? -12.079 -6.832  -3.701  1.00 59.45  ? 167 HIS A ND1 1 
ATOM 1353 C CD2 . HIS A 1 167 ? -11.010 -7.539  -5.472  1.00 57.79  ? 167 HIS A CD2 1 
ATOM 1354 C CE1 . HIS A 1 167 ? -12.951 -6.859  -4.693  1.00 58.92  ? 167 HIS A CE1 1 
ATOM 1355 N NE2 . HIS A 1 167 ? -12.327 -7.283  -5.779  1.00 62.22  ? 167 HIS A NE2 1 
ATOM 1356 N N   . ALA A 1 168 ? -8.173  -7.725  -0.545  1.00 44.58  ? 168 ALA A N   1 
ATOM 1357 C CA  . ALA A 1 168 ? -6.942  -7.863  0.198   1.00 39.14  ? 168 ALA A CA  1 
ATOM 1358 C C   . ALA A 1 168 ? -6.915  -9.183  0.970   1.00 38.34  ? 168 ALA A C   1 
ATOM 1359 O O   . ALA A 1 168 ? -5.888  -9.826  1.072   1.00 37.14  ? 168 ALA A O   1 
ATOM 1360 C CB  . ALA A 1 168 ? -6.784  -6.680  1.116   1.00 42.05  ? 168 ALA A CB  1 
ATOM 1361 N N   . GLN A 1 169 ? -8.049  -9.596  1.518   1.00 37.46  ? 169 GLN A N   1 
ATOM 1362 C CA  . GLN A 1 169 ? -8.117  -10.858 2.263   1.00 38.30  ? 169 GLN A CA  1 
ATOM 1363 C C   . GLN A 1 169 ? -7.866  -12.115 1.419   1.00 38.03  ? 169 GLN A C   1 
ATOM 1364 O O   . GLN A 1 169 ? -7.407  -13.143 1.931   1.00 36.13  ? 169 GLN A O   1 
ATOM 1365 C CB  . GLN A 1 169 ? -9.429  -10.932 3.036   1.00 41.94  ? 169 GLN A CB  1 
ATOM 1366 C CG  . GLN A 1 169 ? -9.378  -10.036 4.254   1.00 45.73  ? 169 GLN A CG  1 
ATOM 1367 C CD  . GLN A 1 169 ? -10.719 -9.831  4.918   1.00 46.67  ? 169 GLN A CD  1 
ATOM 1368 O OE1 . GLN A 1 169 ? -10.970 -8.770  5.460   1.00 53.36  ? 169 GLN A OE1 1 
ATOM 1369 N NE2 . GLN A 1 169 ? -11.566 -10.831 4.902   1.00 42.85  ? 169 GLN A NE2 1 
ATOM 1370 N N   . MET A 1 170 ? -8.131  -12.015 0.116   1.00 46.16  ? 170 MET A N   1 
ATOM 1371 C CA  . MET A 1 170 ? -7.841  -13.112 -0.810  1.00 48.23  ? 170 MET A CA  1 
ATOM 1372 C C   . MET A 1 170 ? -6.344  -13.437 -0.843  1.00 45.97  ? 170 MET A C   1 
ATOM 1373 O O   . MET A 1 170 ? -5.979  -14.555 -1.182  1.00 47.37  ? 170 MET A O   1 
ATOM 1374 C CB  . MET A 1 170 ? -8.323  -12.788 -2.229  1.00 55.53  ? 170 MET A CB  1 
ATOM 1375 C CG  . MET A 1 170 ? -9.828  -12.715 -2.444  1.00 63.90  ? 170 MET A CG  1 
ATOM 1376 S SD  . MET A 1 170 ? -10.170 -12.510 -4.224  1.00 84.58  ? 170 MET A SD  1 
ATOM 1377 C CE  . MET A 1 170 ? -9.914  -14.159 -4.913  1.00 73.70  ? 170 MET A CE  1 
ATOM 1378 N N   . LYS A 1 171 ? -5.491  -12.481 -0.464  1.00 43.97  ? 171 LYS A N   1 
ATOM 1379 C CA  . LYS A 1 171 ? -4.031  -12.666 -0.471  1.00 42.95  ? 171 LYS A CA  1 
ATOM 1380 C C   . LYS A 1 171 ? -3.508  -13.542 0.666   1.00 41.75  ? 171 LYS A C   1 
ATOM 1381 O O   . LYS A 1 171 ? -2.337  -13.925 0.662   1.00 39.01  ? 171 LYS A O   1 
ATOM 1382 C CB  . LYS A 1 171 ? -3.285  -11.307 -0.478  1.00 41.62  ? 171 LYS A CB  1 
ATOM 1383 C CG  . LYS A 1 171 ? -3.645  -10.431 -1.670  1.00 44.24  ? 171 LYS A CG  1 
ATOM 1384 C CD  . LYS A 1 171 ? -3.508  -11.150 -2.995  1.00 40.93  ? 171 LYS A CD  1 
ATOM 1385 C CE  . LYS A 1 171 ? -4.277  -10.451 -4.091  1.00 43.31  ? 171 LYS A CE  1 
ATOM 1386 N NZ  . LYS A 1 171 ? -4.208  -11.256 -5.330  1.00 49.10  ? 171 LYS A NZ  1 
ATOM 1387 N N   . LYS A 1 172 ? -4.368  -13.838 1.635   1.00 42.96  ? 172 LYS A N   1 
ATOM 1388 C CA  . LYS A 1 172 ? -3.974  -14.646 2.778   1.00 49.58  ? 172 LYS A CA  1 
ATOM 1389 C C   . LYS A 1 172 ? -3.367  -16.003 2.326   1.00 57.65  ? 172 LYS A C   1 
ATOM 1390 O O   . LYS A 1 172 ? -2.399  -16.488 2.909   1.00 57.96  ? 172 LYS A O   1 
ATOM 1391 C CB  . LYS A 1 172 ? -5.164  -14.830 3.687   1.00 48.69  ? 172 LYS A CB  1 
ATOM 1392 C CG  . LYS A 1 172 ? -4.814  -15.120 5.136   1.00 51.08  ? 172 LYS A CG  1 
ATOM 1393 C CD  . LYS A 1 172 ? -5.978  -14.748 6.056   1.00 51.56  ? 172 LYS A CD  1 
ATOM 1394 C CE  . LYS A 1 172 ? -7.331  -14.825 5.362   1.00 52.27  ? 172 LYS A CE  1 
ATOM 1395 N NZ  . LYS A 1 172 ? -8.432  -14.782 6.365   1.00 56.91  ? 172 LYS A NZ  1 
ATOM 1396 N N   . GLU A 1 173 ? -3.908  -16.579 1.252   1.00 61.53  ? 173 GLU A N   1 
ATOM 1397 C CA  . GLU A 1 173 ? -3.392  -17.842 0.698   1.00 59.87  ? 173 GLU A CA  1 
ATOM 1398 C C   . GLU A 1 173 ? -1.908  -17.782 0.274   1.00 53.94  ? 173 GLU A C   1 
ATOM 1399 O O   . GLU A 1 173 ? -1.261  -18.815 0.192   1.00 51.18  ? 173 GLU A O   1 
ATOM 1400 C CB  . GLU A 1 173 ? -4.247  -18.297 -0.501  1.00 72.03  ? 173 GLU A CB  1 
ATOM 1401 C CG  . GLU A 1 173 ? -4.230  -17.315 -1.681  1.00 88.18  ? 173 GLU A CG  1 
ATOM 1402 C CD  . GLU A 1 173 ? -4.542  -17.928 -3.046  1.00 97.16  ? 173 GLU A CD  1 
ATOM 1403 O OE1 . GLU A 1 173 ? -4.752  -19.162 -3.108  1.00 103.24 ? 173 GLU A OE1 1 
ATOM 1404 O OE2 . GLU A 1 173 ? -4.542  -17.194 -4.067  1.00 88.23  ? 173 GLU A OE2 1 
ATOM 1405 N N   . ARG A 1 174 ? -1.387  -16.584 0.000   1.00 45.49  ? 174 ARG A N   1 
ATOM 1406 C CA  . ARG A 1 174 ? -0.006  -16.429 -0.454  1.00 40.11  ? 174 ARG A CA  1 
ATOM 1407 C C   . ARG A 1 174 ? 0.952   -16.292 0.713   1.00 42.93  ? 174 ARG A C   1 
ATOM 1408 O O   . ARG A 1 174 ? 2.199   -16.272 0.538   1.00 48.46  ? 174 ARG A O   1 
ATOM 1409 C CB  . ARG A 1 174 ? 0.156   -15.216 -1.404  1.00 42.01  ? 174 ARG A CB  1 
ATOM 1410 C CG  . ARG A 1 174 ? -0.756  -15.222 -2.640  1.00 43.11  ? 174 ARG A CG  1 
ATOM 1411 C CD  . ARG A 1 174 ? -0.322  -14.221 -3.707  1.00 46.95  ? 174 ARG A CD  1 
ATOM 1412 N NE  . ARG A 1 174 ? 0.817   -14.743 -4.465  1.00 53.52  ? 174 ARG A NE  1 
ATOM 1413 C CZ  . ARG A 1 174 ? 0.710   -15.535 -5.525  1.00 60.29  ? 174 ARG A CZ  1 
ATOM 1414 N NH1 . ARG A 1 174 ? -0.489  -15.901 -5.973  1.00 63.76  ? 174 ARG A NH1 1 
ATOM 1415 N NH2 . ARG A 1 174 ? 1.804   -15.961 -6.148  1.00 63.91  ? 174 ARG A NH2 1 
ATOM 1416 N N   . ILE A 1 175 ? 0.403   -16.227 1.920   1.00 39.74  ? 175 ILE A N   1 
ATOM 1417 C CA  . ILE A 1 175 ? 1.215   -15.785 2.992   1.00 34.29  ? 175 ILE A CA  1 
ATOM 1418 C C   . ILE A 1 175 ? 1.436   -16.880 3.916   1.00 30.73  ? 175 ILE A C   1 
ATOM 1419 O O   . ILE A 1 175 ? 0.548   -17.658 4.131   1.00 33.12  ? 175 ILE A O   1 
ATOM 1420 C CB  . ILE A 1 175 ? 0.503   -14.724 3.722   1.00 36.64  ? 175 ILE A CB  1 
ATOM 1421 C CG1 . ILE A 1 175 ? 0.887   -13.431 3.081   1.00 38.05  ? 175 ILE A CG1 1 
ATOM 1422 C CG2 . ILE A 1 175 ? 0.975   -14.674 5.140   1.00 41.29  ? 175 ILE A CG2 1 
ATOM 1423 C CD1 . ILE A 1 175 ? -0.331  -12.572 2.874   1.00 39.09  ? 175 ILE A CD1 1 
ATOM 1424 N N   . ASP A 1 176 ? 2.628   -16.942 4.463   1.00 29.27  ? 176 ASP A N   1 
ATOM 1425 C CA  . ASP A 1 176 ? 2.948   -17.981 5.436   1.00 28.81  ? 176 ASP A CA  1 
ATOM 1426 C C   . ASP A 1 176 ? 2.613   -17.517 6.867   1.00 27.92  ? 176 ASP A C   1 
ATOM 1427 O O   . ASP A 1 176 ? 3.402   -16.820 7.513   1.00 29.82  ? 176 ASP A O   1 
ATOM 1428 C CB  . ASP A 1 176 ? 4.418   -18.377 5.297   1.00 32.84  ? 176 ASP A CB  1 
ATOM 1429 C CG  . ASP A 1 176 ? 4.862   -19.454 6.316   1.00 39.43  ? 176 ASP A CG  1 
ATOM 1430 O OD1 . ASP A 1 176 ? 4.022   -19.972 7.137   1.00 33.44  ? 176 ASP A OD1 1 
ATOM 1431 O OD2 . ASP A 1 176 ? 6.062   -19.801 6.265   1.00 45.66  ? 176 ASP A OD2 1 
ATOM 1432 N N   . THR A 1 177 ? 1.453   -17.908 7.363   1.00 28.05  ? 177 THR A N   1 
ATOM 1433 C CA  . THR A 1 177 ? 0.996   -17.480 8.676   1.00 32.97  ? 177 THR A CA  1 
ATOM 1434 C C   . THR A 1 177 ? 1.649   -18.190 9.864   1.00 33.08  ? 177 THR A C   1 
ATOM 1435 O O   . THR A 1 177 ? 1.312   -17.932 11.001  1.00 33.16  ? 177 THR A O   1 
ATOM 1436 C CB  . THR A 1 177 ? -0.544  -17.562 8.781   1.00 37.91  ? 177 THR A CB  1 
ATOM 1437 O OG1 . THR A 1 177 ? -0.987  -18.898 8.472   1.00 40.58  ? 177 THR A OG1 1 
ATOM 1438 C CG2 . THR A 1 177 ? -1.209  -16.564 7.820   1.00 37.80  ? 177 THR A CG2 1 
ATOM 1439 N N   . SER A 1 178 ? 2.593   -19.086 9.610   1.00 35.63  ? 178 SER A N   1 
ATOM 1440 C CA  . SER A 1 178 ? 3.400   -19.637 10.707  1.00 34.77  ? 178 SER A CA  1 
ATOM 1441 C C   . SER A 1 178 ? 4.440   -18.604 11.161  1.00 36.03  ? 178 SER A C   1 
ATOM 1442 O O   . SER A 1 178 ? 4.963   -18.709 12.271  1.00 39.90  ? 178 SER A O   1 
ATOM 1443 C CB  . SER A 1 178 ? 4.087   -20.952 10.330  1.00 33.43  ? 178 SER A CB  1 
ATOM 1444 O OG  . SER A 1 178 ? 5.212   -20.704 9.494   1.00 41.51  ? 178 SER A OG  1 
ATOM 1445 N N   . LYS A 1 179 ? 4.721   -17.609 10.318  1.00 35.75  ? 179 LYS A N   1 
ATOM 1446 C CA  . LYS A 1 179 ? 5.722   -16.573 10.621  1.00 41.43  ? 179 LYS A CA  1 
ATOM 1447 C C   . LYS A 1 179 ? 5.072   -15.186 10.720  1.00 41.76  ? 179 LYS A C   1 
ATOM 1448 O O   . LYS A 1 179 ? 5.369   -14.438 11.626  1.00 41.08  ? 179 LYS A O   1 
ATOM 1449 C CB  . LYS A 1 179 ? 6.794   -16.482 9.536   1.00 46.83  ? 179 LYS A CB  1 
ATOM 1450 C CG  . LYS A 1 179 ? 7.752   -17.651 9.415   1.00 56.66  ? 179 LYS A CG  1 
ATOM 1451 C CD  . LYS A 1 179 ? 8.855   -17.259 8.388   1.00 56.54  ? 179 LYS A CD  1 
ATOM 1452 C CE  . LYS A 1 179 ? 8.348   -17.462 6.958   1.00 62.86  ? 179 LYS A CE  1 
ATOM 1453 N NZ  . LYS A 1 179 ? 9.227   -16.998 5.846   1.00 59.37  ? 179 LYS A NZ  1 
ATOM 1454 N N   . HIS A 1 180 ? 4.171   -14.885 9.795   1.00 38.34  ? 180 HIS A N   1 
ATOM 1455 C CA  . HIS A 1 180 ? 3.686   -13.544 9.637   1.00 39.79  ? 180 HIS A CA  1 
ATOM 1456 C C   . HIS A 1 180 ? 2.348   -13.347 10.352  1.00 42.97  ? 180 HIS A C   1 
ATOM 1457 O O   . HIS A 1 180 ? 1.652   -14.306 10.681  1.00 47.04  ? 180 HIS A O   1 
ATOM 1458 C CB  . HIS A 1 180 ? 3.600   -13.216 8.144   1.00 40.74  ? 180 HIS A CB  1 
ATOM 1459 C CG  . HIS A 1 180 ? 4.897   -13.414 7.426   1.00 38.45  ? 180 HIS A CG  1 
ATOM 1460 N ND1 . HIS A 1 180 ? 6.012   -12.688 7.754   1.00 37.42  ? 180 HIS A ND1 1 
ATOM 1461 C CD2 . HIS A 1 180 ? 5.292   -14.283 6.457   1.00 39.68  ? 180 HIS A CD2 1 
ATOM 1462 C CE1 . HIS A 1 180 ? 7.030   -13.059 6.995   1.00 35.99  ? 180 HIS A CE1 1 
ATOM 1463 N NE2 . HIS A 1 180 ? 6.626   -14.032 6.206   1.00 38.83  ? 180 HIS A NE2 1 
ATOM 1464 N N   . PHE A 1 181 ? 2.009   -12.094 10.618  1.00 38.48  ? 181 PHE A N   1 
ATOM 1465 C CA  . PHE A 1 181 ? 0.815   -11.776 11.379  1.00 40.16  ? 181 PHE A CA  1 
ATOM 1466 C C   . PHE A 1 181 ? -0.232  -11.118 10.487  1.00 38.21  ? 181 PHE A C   1 
ATOM 1467 O O   . PHE A 1 181 ? 0.129   -10.363 9.567   1.00 43.52  ? 181 PHE A O   1 
ATOM 1468 C CB  . PHE A 1 181 ? 1.170   -10.859 12.538  1.00 46.44  ? 181 PHE A CB  1 
ATOM 1469 C CG  . PHE A 1 181 ? 2.154   -11.458 13.501  1.00 51.40  ? 181 PHE A CG  1 
ATOM 1470 C CD1 . PHE A 1 181 ? 1.719   -12.360 14.461  1.00 55.06  ? 181 PHE A CD1 1 
ATOM 1471 C CD2 . PHE A 1 181 ? 3.522   -11.129 13.446  1.00 51.35  ? 181 PHE A CD2 1 
ATOM 1472 C CE1 . PHE A 1 181 ? 2.622   -12.938 15.348  1.00 54.03  ? 181 PHE A CE1 1 
ATOM 1473 C CE2 . PHE A 1 181 ? 4.426   -11.692 14.339  1.00 49.63  ? 181 PHE A CE2 1 
ATOM 1474 C CZ  . PHE A 1 181 ? 3.969   -12.597 15.296  1.00 50.57  ? 181 PHE A CZ  1 
ATOM 1475 N N   . ILE A 1 182 ? -1.502  -11.458 10.716  1.00 33.41  ? 182 ILE A N   1 
ATOM 1476 C CA  . ILE A 1 182 ? -2.603  -10.956 9.884   1.00 31.57  ? 182 ILE A CA  1 
ATOM 1477 C C   . ILE A 1 182 ? -3.603  -10.162 10.723  1.00 29.27  ? 182 ILE A C   1 
ATOM 1478 O O   . ILE A 1 182 ? -4.092  -10.655 11.740  1.00 27.19  ? 182 ILE A O   1 
ATOM 1479 C CB  . ILE A 1 182 ? -3.372  -12.106 9.185   1.00 31.85  ? 182 ILE A CB  1 
ATOM 1480 C CG1 . ILE A 1 182 ? -2.425  -13.000 8.353   1.00 28.33  ? 182 ILE A CG1 1 
ATOM 1481 C CG2 . ILE A 1 182 ? -4.526  -11.565 8.336   1.00 31.05  ? 182 ILE A CG2 1 
ATOM 1482 C CD1 . ILE A 1 182 ? -1.711  -12.274 7.243   1.00 25.63  ? 182 ILE A CD1 1 
ATOM 1483 N N   . ILE A 1 183 ? -3.859  -8.928  10.301  1.00 26.71  ? 183 ILE A N   1 
ATOM 1484 C CA  . ILE A 1 183 ? -4.872  -8.087  10.871  1.00 27.42  ? 183 ILE A CA  1 
ATOM 1485 C C   . ILE A 1 183 ? -5.810  -7.839  9.689   1.00 29.06  ? 183 ILE A C   1 
ATOM 1486 O O   . ILE A 1 183 ? -5.423  -7.235  8.687   1.00 25.90  ? 183 ILE A O   1 
ATOM 1487 C CB  . ILE A 1 183 ? -4.297  -6.744  11.396  1.00 27.99  ? 183 ILE A CB  1 
ATOM 1488 C CG1 . ILE A 1 183 ? -3.304  -7.018  12.539  1.00 24.82  ? 183 ILE A CG1 1 
ATOM 1489 C CG2 . ILE A 1 183 ? -5.439  -5.787  11.775  1.00 24.97  ? 183 ILE A CG2 1 
ATOM 1490 C CD1 . ILE A 1 183 ? -2.526  -5.818  13.060  1.00 25.86  ? 183 ILE A CD1 1 
ATOM 1491 N N   . GLU A 1 184 ? -7.043  -8.314  9.808   1.00 32.40  ? 184 GLU A N   1 
ATOM 1492 C CA  . GLU A 1 184 ? -8.016  -8.168  8.736   1.00 34.80  ? 184 GLU A CA  1 
ATOM 1493 C C   . GLU A 1 184 ? -9.350  -7.649  9.233   1.00 34.02  ? 184 GLU A C   1 
ATOM 1494 O O   . GLU A 1 184 ? -9.759  -7.895  10.387  1.00 41.97  ? 184 GLU A O   1 
ATOM 1495 C CB  . GLU A 1 184 ? -8.207  -9.499  8.042   1.00 38.62  ? 184 GLU A CB  1 
ATOM 1496 C CG  . GLU A 1 184 ? -8.778  -10.591 8.926   1.00 39.68  ? 184 GLU A CG  1 
ATOM 1497 C CD  . GLU A 1 184 ? -8.696  -11.978 8.273   1.00 45.52  ? 184 GLU A CD  1 
ATOM 1498 O OE1 . GLU A 1 184 ? -8.746  -12.068 7.006   1.00 47.32  ? 184 GLU A OE1 1 
ATOM 1499 O OE2 . GLU A 1 184 ? -8.589  -12.979 9.034   1.00 46.41  ? 184 GLU A OE2 1 
ATOM 1500 N N   . SER A 1 185 ? -10.008 -6.884  8.381   1.00 28.30  ? 185 SER A N   1 
ATOM 1501 C CA  . SER A 1 185 ? -11.330 -6.357  8.723   1.00 29.35  ? 185 SER A CA  1 
ATOM 1502 C C   . SER A 1 185 ? -12.057 -5.963  7.454   1.00 29.59  ? 185 SER A C   1 
ATOM 1503 O O   . SER A 1 185 ? -11.517 -6.067  6.354   1.00 27.67  ? 185 SER A O   1 
ATOM 1504 C CB  . SER A 1 185 ? -11.246 -5.159  9.665   1.00 26.41  ? 185 SER A CB  1 
ATOM 1505 O OG  . SER A 1 185 ? -10.721 -4.053  8.959   1.00 24.79  ? 185 SER A OG  1 
ATOM 1506 N N   . THR A 1 186 ? -13.296 -5.506  7.597   1.00 31.80  ? 186 THR A N   1 
ATOM 1507 C CA  . THR A 1 186 ? -13.971 -4.884  6.455   1.00 30.94  ? 186 THR A CA  1 
ATOM 1508 C C   . THR A 1 186 ? -13.187 -3.632  6.020   1.00 29.77  ? 186 THR A C   1 
ATOM 1509 O O   . THR A 1 186 ? -12.309 -3.112  6.728   1.00 26.96  ? 186 THR A O   1 
ATOM 1510 C CB  . THR A 1 186 ? -15.418 -4.480  6.790   1.00 29.83  ? 186 THR A CB  1 
ATOM 1511 O OG1 . THR A 1 186 ? -15.426 -3.480  7.833   1.00 31.36  ? 186 THR A OG1 1 
ATOM 1512 C CG2 . THR A 1 186 ? -16.196 -5.677  7.191   1.00 30.10  ? 186 THR A CG2 1 
ATOM 1513 N N   . HIS A 1 187 ? -13.513 -3.162  4.845   1.00 30.40  ? 187 HIS A N   1 
ATOM 1514 C CA  . HIS A 1 187 ? -12.793 -2.025  4.258   1.00 30.47  ? 187 HIS A CA  1 
ATOM 1515 C C   . HIS A 1 187 ? -13.247 -0.694  4.901   1.00 27.81  ? 187 HIS A C   1 
ATOM 1516 O O   . HIS A 1 187 ? -14.390 -0.570  5.352   1.00 28.57  ? 187 HIS A O   1 
ATOM 1517 C CB  . HIS A 1 187 ? -13.076 -2.013  2.756   1.00 29.69  ? 187 HIS A CB  1 
ATOM 1518 C CG  . HIS A 1 187 ? -12.147 -1.149  1.976   1.00 26.60  ? 187 HIS A CG  1 
ATOM 1519 N ND1 . HIS A 1 187 ? -12.353 0.206   1.791   1.00 27.40  ? 187 HIS A ND1 1 
ATOM 1520 C CD2 . HIS A 1 187 ? -11.019 -1.456  1.293   1.00 26.14  ? 187 HIS A CD2 1 
ATOM 1521 C CE1 . HIS A 1 187 ? -11.367 0.704   1.067   1.00 25.61  ? 187 HIS A CE1 1 
ATOM 1522 N NE2 . HIS A 1 187 ? -10.556 -0.288  0.737   1.00 24.41  ? 187 HIS A NE2 1 
ATOM 1523 N N   . PRO A 1 188 ? -12.338 0.274   4.970   1.00 26.06  ? 188 PRO A N   1 
ATOM 1524 C CA  . PRO A 1 188 ? -12.601 1.587   5.594   1.00 25.39  ? 188 PRO A CA  1 
ATOM 1525 C C   . PRO A 1 188 ? -13.476 2.496   4.742   1.00 24.42  ? 188 PRO A C   1 
ATOM 1526 O O   . PRO A 1 188 ? -13.948 3.520   5.192   1.00 21.32  ? 188 PRO A O   1 
ATOM 1527 C CB  . PRO A 1 188 ? -11.207 2.191   5.770   1.00 22.23  ? 188 PRO A CB  1 
ATOM 1528 C CG  . PRO A 1 188 ? -10.319 1.018   5.858   1.00 24.91  ? 188 PRO A CG  1 
ATOM 1529 C CD  . PRO A 1 188 ? -10.913 -0.048  4.977   1.00 25.18  ? 188 PRO A CD  1 
ATOM 1530 N N   . SER A 1 189 ? -13.681 2.101   3.500   1.00 29.98  ? 189 SER A N   1 
ATOM 1531 C CA  . SER A 1 189 ? -14.517 2.850   2.569   1.00 31.67  ? 189 SER A CA  1 
ATOM 1532 C C   . SER A 1 189 ? -15.862 3.140   3.223   1.00 32.56  ? 189 SER A C   1 
ATOM 1533 O O   . SER A 1 189 ? -16.377 2.343   3.986   1.00 31.91  ? 189 SER A O   1 
ATOM 1534 C CB  . SER A 1 189 ? -14.747 2.002   1.357   1.00 31.89  ? 189 SER A CB  1 
ATOM 1535 O OG  . SER A 1 189 ? -15.160 2.796   0.309   1.00 35.16  ? 189 SER A OG  1 
ATOM 1536 N N   . PRO A 1 190 ? -16.447 4.287   2.914   1.00 34.10  ? 190 PRO A N   1 
ATOM 1537 C CA  . PRO A 1 190 ? -17.697 4.589   3.609   1.00 30.56  ? 190 PRO A CA  1 
ATOM 1538 C C   . PRO A 1 190 ? -18.694 3.493   3.315   1.00 32.03  ? 190 PRO A C   1 
ATOM 1539 O O   . PRO A 1 190 ? -19.628 3.302   4.083   1.00 32.03  ? 190 PRO A O   1 
ATOM 1540 C CB  . PRO A 1 190 ? -18.142 5.881   2.971   1.00 26.82  ? 190 PRO A CB  1 
ATOM 1541 C CG  . PRO A 1 190 ? -16.897 6.488   2.545   1.00 29.22  ? 190 PRO A CG  1 
ATOM 1542 C CD  . PRO A 1 190 ? -16.027 5.388   2.041   1.00 31.05  ? 190 PRO A CD  1 
ATOM 1543 N N   . PHE A 1 191 ? -18.469 2.745   2.242   1.00 34.68  ? 191 PHE A N   1 
ATOM 1544 C CA  . PHE A 1 191 ? -19.303 1.592   1.942   1.00 36.96  ? 191 PHE A CA  1 
ATOM 1545 C C   . PHE A 1 191 ? -19.269 0.507   2.982   1.00 31.55  ? 191 PHE A C   1 
ATOM 1546 O O   . PHE A 1 191 ? -20.298 -0.016  3.325   1.00 32.54  ? 191 PHE A O   1 
ATOM 1547 C CB  . PHE A 1 191 ? -18.828 0.870   0.683   1.00 37.92  ? 191 PHE A CB  1 
ATOM 1548 C CG  . PHE A 1 191 ? -18.836 1.697   -0.538  1.00 41.29  ? 191 PHE A CG  1 
ATOM 1549 C CD1 . PHE A 1 191 ? -19.986 2.340   -0.952  1.00 48.29  ? 191 PHE A CD1 1 
ATOM 1550 C CD2 . PHE A 1 191 ? -17.710 1.780   -1.325  1.00 44.17  ? 191 PHE A CD2 1 
ATOM 1551 C CE1 . PHE A 1 191 ? -20.014 3.083   -2.134  1.00 51.93  ? 191 PHE A CE1 1 
ATOM 1552 C CE2 . PHE A 1 191 ? -17.712 2.526   -2.503  1.00 51.09  ? 191 PHE A CE2 1 
ATOM 1553 C CZ  . PHE A 1 191 ? -18.869 3.183   -2.916  1.00 51.43  ? 191 PHE A CZ  1 
ATOM 1554 N N   . SER A 1 192 ? -18.075 0.100   3.387   1.00 28.98  ? 192 SER A N   1 
ATOM 1555 C CA  . SER A 1 192 ? -17.901 -1.088  4.213   1.00 28.29  ? 192 SER A CA  1 
ATOM 1556 C C   . SER A 1 192 ? -17.389 -0.784  5.582   1.00 27.13  ? 192 SER A C   1 
ATOM 1557 O O   . SER A 1 192 ? -16.955 -1.671  6.245   1.00 29.40  ? 192 SER A O   1 
ATOM 1558 C CB  . SER A 1 192 ? -16.858 -2.006  3.590   1.00 27.78  ? 192 SER A CB  1 
ATOM 1559 O OG  . SER A 1 192 ? -16.023 -1.319  2.673   1.00 29.32  ? 192 SER A OG  1 
ATOM 1560 N N   . ALA A 1 193 ? -17.332 0.467   5.956   1.00 25.44  ? 193 ALA A N   1 
ATOM 1561 C CA  . ALA A 1 193 ? -16.564 0.802   7.114   1.00 26.16  ? 193 ALA A CA  1 
ATOM 1562 C C   . ALA A 1 193 ? -17.255 0.401   8.407   1.00 32.68  ? 193 ALA A C   1 
ATOM 1563 O O   . ALA A 1 193 ? -16.641 0.073   9.398   1.00 32.05  ? 193 ALA A O   1 
ATOM 1564 C CB  . ALA A 1 193 ? -16.350 2.270   7.103   1.00 23.70  ? 193 ALA A CB  1 
ATOM 1565 N N   . ARG A 1 194 ? -18.571 0.496   8.417   1.00 36.70  ? 194 ARG A N   1 
ATOM 1566 C CA  . ARG A 1 194 ? -19.257 0.494   9.682   1.00 30.97  ? 194 ARG A CA  1 
ATOM 1567 C C   . ARG A 1 194 ? -19.506 -0.954  9.949   1.00 29.29  ? 194 ARG A C   1 
ATOM 1568 O O   . ARG A 1 194 ? -20.181 -1.272  10.893  1.00 33.62  ? 194 ARG A O   1 
ATOM 1569 C CB  . ARG A 1 194 ? -20.577 1.268   9.581   1.00 36.67  ? 194 ARG A CB  1 
ATOM 1570 C CG  . ARG A 1 194 ? -20.484 2.796   9.483   1.00 38.40  ? 194 ARG A CG  1 
ATOM 1571 C CD  . ARG A 1 194 ? -21.553 3.356   8.557   1.00 47.55  ? 194 ARG A CD  1 
ATOM 1572 N NE  . ARG A 1 194 ? -21.347 2.965   7.145   1.00 57.08  ? 194 ARG A NE  1 
ATOM 1573 C CZ  . ARG A 1 194 ? -22.058 2.022   6.527   1.00 60.73  ? 194 ARG A CZ  1 
ATOM 1574 N NH1 . ARG A 1 194 ? -23.001 1.373   7.189   1.00 61.85  ? 194 ARG A NH1 1 
ATOM 1575 N NH2 . ARG A 1 194 ? -21.830 1.708   5.250   1.00 66.31  ? 194 ARG A NH2 1 
ATOM 1576 N N   . ASN A 1 195 ? -18.961 -1.825  9.106   1.00 25.79  ? 195 ASN A N   1 
ATOM 1577 C CA  . ASN A 1 195 ? -19.193 -3.260  9.184   1.00 23.87  ? 195 ASN A CA  1 
ATOM 1578 C C   . ASN A 1 195 ? -18.019 -4.048  9.598   1.00 23.89  ? 195 ASN A C   1 
ATOM 1579 O O   . ASN A 1 195 ? -17.999 -5.275  9.410   1.00 22.83  ? 195 ASN A O   1 
ATOM 1580 C CB  . ASN A 1 195 ? -19.494 -3.831  7.811   1.00 22.64  ? 195 ASN A CB  1 
ATOM 1581 C CG  . ASN A 1 195 ? -20.820 -3.411  7.297   1.00 20.89  ? 195 ASN A CG  1 
ATOM 1582 O OD1 . ASN A 1 195 ? -21.232 -3.911  6.298   1.00 20.63  ? 195 ASN A OD1 1 
ATOM 1583 N ND2 . ASN A 1 195 ? -21.475 -2.460  7.951   1.00 21.20  ? 195 ASN A ND2 1 
ATOM 1584 N N   . GLY A 1 196 ? -17.003 -3.391  10.107  1.00 25.03  ? 196 GLY A N   1 
ATOM 1585 C CA  . GLY A 1 196 ? -15.919 -4.192  10.655  1.00 27.23  ? 196 GLY A CA  1 
ATOM 1586 C C   . GLY A 1 196 ? -14.619 -3.469  10.808  1.00 30.72  ? 196 GLY A C   1 
ATOM 1587 O O   . GLY A 1 196 ? -13.805 -3.888  11.593  1.00 34.81  ? 196 GLY A O   1 
ATOM 1588 N N   . PHE A 1 197 ? -14.396 -2.397  10.067  1.00 29.39  ? 197 PHE A N   1 
ATOM 1589 C CA  . PHE A 1 197 ? -13.241 -1.567  10.312  1.00 27.06  ? 197 PHE A CA  1 
ATOM 1590 C C   . PHE A 1 197 ? -13.251 -0.776  11.628  1.00 29.15  ? 197 PHE A C   1 
ATOM 1591 O O   . PHE A 1 197 ? -12.277 -0.791  12.377  1.00 34.08  ? 197 PHE A O   1 
ATOM 1592 C CB  . PHE A 1 197 ? -13.110 -0.633  9.156   1.00 25.88  ? 197 PHE A CB  1 
ATOM 1593 C CG  . PHE A 1 197 ? -11.922 0.169   9.187   1.00 23.14  ? 197 PHE A CG  1 
ATOM 1594 C CD1 . PHE A 1 197 ? -10.714 -0.422  9.111   1.00 22.90  ? 197 PHE A CD1 1 
ATOM 1595 C CD2 . PHE A 1 197 ? -12.026 1.527   9.262   1.00 22.41  ? 197 PHE A CD2 1 
ATOM 1596 C CE1 . PHE A 1 197 ? -9.593  0.357   9.120   1.00 23.98  ? 197 PHE A CE1 1 
ATOM 1597 C CE2 . PHE A 1 197 ? -10.916 2.309   9.313   1.00 21.28  ? 197 PHE A CE2 1 
ATOM 1598 C CZ  . PHE A 1 197 ? -9.697  1.730   9.240   1.00 21.28  ? 197 PHE A CZ  1 
ATOM 1599 N N   . PHE A 1 198 ? -14.332 -0.074  11.931  1.00 28.53  ? 198 PHE A N   1 
ATOM 1600 C CA  . PHE A 1 198 ? -14.372 0.728   13.145  1.00 29.42  ? 198 PHE A CA  1 
ATOM 1601 C C   . PHE A 1 198 ? -14.366 -0.165  14.385  1.00 30.40  ? 198 PHE A C   1 
ATOM 1602 O O   . PHE A 1 198 ? -15.142 -1.127  14.478  1.00 34.75  ? 198 PHE A O   1 
ATOM 1603 C CB  . PHE A 1 198 ? -15.596 1.644   13.135  1.00 27.96  ? 198 PHE A CB  1 
ATOM 1604 C CG  . PHE A 1 198 ? -15.480 2.829   12.174  1.00 27.48  ? 198 PHE A CG  1 
ATOM 1605 C CD1 . PHE A 1 198 ? -14.258 3.452   11.948  1.00 26.28  ? 198 PHE A CD1 1 
ATOM 1606 C CD2 . PHE A 1 198 ? -16.612 3.357   11.558  1.00 24.89  ? 198 PHE A CD2 1 
ATOM 1607 C CE1 . PHE A 1 198 ? -14.160 4.556   11.148  1.00 26.81  ? 198 PHE A CE1 1 
ATOM 1608 C CE2 . PHE A 1 198 ? -16.532 4.454   10.753  1.00 23.61  ? 198 PHE A CE2 1 
ATOM 1609 C CZ  . PHE A 1 198 ? -15.317 5.061   10.552  1.00 27.81  ? 198 PHE A CZ  1 
ATOM 1610 N N   . GLY A 1 199 ? -13.464 0.132   15.318  1.00 30.03  ? 199 GLY A N   1 
ATOM 1611 C CA  . GLY A 1 199 ? -13.323 -0.666  16.526  1.00 27.37  ? 199 GLY A CA  1 
ATOM 1612 C C   . GLY A 1 199 ? -12.275 -1.760  16.404  1.00 29.14  ? 199 GLY A C   1 
ATOM 1613 O O   . GLY A 1 199 ? -11.936 -2.403  17.408  1.00 30.93  ? 199 GLY A O   1 
ATOM 1614 N N   . SER A 1 200 ? -11.719 -1.970  15.195  1.00 26.82  ? 200 SER A N   1 
ATOM 1615 C CA  . SER A 1 200 ? -10.811 -3.094  14.990  1.00 23.61  ? 200 SER A CA  1 
ATOM 1616 C C   . SER A 1 200 ? -9.415  -2.820  15.568  1.00 23.79  ? 200 SER A C   1 
ATOM 1617 O O   . SER A 1 200 ? -8.622  -3.781  15.778  1.00 24.27  ? 200 SER A O   1 
ATOM 1618 C CB  . SER A 1 200 ? -10.766 -3.498  13.516  1.00 23.31  ? 200 SER A CB  1 
ATOM 1619 O OG  . SER A 1 200 ? -10.129 -2.509  12.707  1.00 27.77  ? 200 SER A OG  1 
ATOM 1620 N N   . ARG A 1 201 ? -9.099  -1.543  15.762  1.00 21.60  ? 201 ARG A N   1 
ATOM 1621 C CA  . ARG A 1 201 ? -7.855  -1.152  16.372  1.00 23.14  ? 201 ARG A CA  1 
ATOM 1622 C C   . ARG A 1 201 ? -6.654  -1.738  15.723  1.00 23.29  ? 201 ARG A C   1 
ATOM 1623 O O   . ARG A 1 201 ? -5.867  -2.375  16.416  1.00 22.66  ? 201 ARG A O   1 
ATOM 1624 C CB  . ARG A 1 201 ? -7.835  -1.618  17.804  1.00 25.16  ? 201 ARG A CB  1 
ATOM 1625 C CG  . ARG A 1 201 ? -8.634  -0.721  18.726  1.00 26.94  ? 201 ARG A CG  1 
ATOM 1626 C CD  . ARG A 1 201 ? -9.105  -1.478  19.953  1.00 31.45  ? 201 ARG A CD  1 
ATOM 1627 N NE  . ARG A 1 201 ? -8.141  -1.227  21.002  1.00 31.67  ? 201 ARG A NE  1 
ATOM 1628 C CZ  . ARG A 1 201 ? -8.094  -0.058  21.607  1.00 35.90  ? 201 ARG A CZ  1 
ATOM 1629 N NH1 . ARG A 1 201 ? -9.000  0.857   21.269  1.00 36.74  ? 201 ARG A NH1 1 
ATOM 1630 N NH2 . ARG A 1 201 ? -7.187  0.189   22.545  1.00 37.70  ? 201 ARG A NH2 1 
ATOM 1631 N N   . PRO A 1 202 ? -6.504  -1.514  14.408  1.00 22.55  ? 202 PRO A N   1 
ATOM 1632 C CA  . PRO A 1 202 ? -5.439  -2.108  13.588  1.00 22.17  ? 202 PRO A CA  1 
ATOM 1633 C C   . PRO A 1 202 ? -4.061  -1.574  13.896  1.00 24.95  ? 202 PRO A C   1 
ATOM 1634 O O   . PRO A 1 202 ? -3.134  -2.338  13.800  1.00 26.09  ? 202 PRO A O   1 
ATOM 1635 C CB  . PRO A 1 202 ? -5.793  -1.690  12.190  1.00 21.60  ? 202 PRO A CB  1 
ATOM 1636 C CG  . PRO A 1 202 ? -7.162  -1.095  12.290  1.00 22.32  ? 202 PRO A CG  1 
ATOM 1637 C CD  . PRO A 1 202 ? -7.313  -0.552  13.662  1.00 21.57  ? 202 PRO A CD  1 
ATOM 1638 N N   . PHE A 1 203 ? -3.912  -0.296  14.207  1.00 26.18  ? 203 PHE A N   1 
ATOM 1639 C CA  . PHE A 1 203 ? -2.639  0.270   14.682  1.00 28.07  ? 203 PHE A CA  1 
ATOM 1640 C C   . PHE A 1 203 ? -2.169  -0.171  16.096  1.00 33.79  ? 203 PHE A C   1 
ATOM 1641 O O   . PHE A 1 203 ? -1.008  -0.477  16.324  1.00 35.37  ? 203 PHE A O   1 
ATOM 1642 C CB  . PHE A 1 203 ? -2.878  1.748   14.673  1.00 25.42  ? 203 PHE A CB  1 
ATOM 1643 C CG  . PHE A 1 203 ? -3.760  2.157   13.566  1.00 24.60  ? 203 PHE A CG  1 
ATOM 1644 C CD1 . PHE A 1 203 ? -3.267  2.141   12.259  1.00 28.12  ? 203 PHE A CD1 1 
ATOM 1645 C CD2 . PHE A 1 203 ? -5.062  2.494   13.785  1.00 23.67  ? 203 PHE A CD2 1 
ATOM 1646 C CE1 . PHE A 1 203 ? -4.064  2.499   11.172  1.00 27.39  ? 203 PHE A CE1 1 
ATOM 1647 C CE2 . PHE A 1 203 ? -5.876  2.862   12.732  1.00 26.23  ? 203 PHE A CE2 1 
ATOM 1648 C CZ  . PHE A 1 203 ? -5.383  2.870   11.415  1.00 27.16  ? 203 PHE A CZ  1 
ATOM 1649 N N   . SER A 1 204 ? -3.066  -0.218  17.055  1.00 35.26  ? 204 SER A N   1 
ATOM 1650 C CA  . SER A 1 204 ? -2.670  -0.633  18.344  1.00 34.34  ? 204 SER A CA  1 
ATOM 1651 C C   . SER A 1 204 ? -2.205  -2.080  18.226  1.00 34.42  ? 204 SER A C   1 
ATOM 1652 O O   . SER A 1 204 ? -1.304  -2.497  18.907  1.00 40.11  ? 204 SER A O   1 
ATOM 1653 C CB  . SER A 1 204 ? -3.900  -0.602  19.191  1.00 34.29  ? 204 SER A CB  1 
ATOM 1654 O OG  . SER A 1 204 ? -4.835  -1.498  18.627  1.00 42.20  ? 204 SER A OG  1 
ATOM 1655 N N   . ARG A 1 205 ? -2.879  -2.848  17.400  1.00 29.83  ? 205 ARG A N   1 
ATOM 1656 C CA  . ARG A 1 205 ? -2.609  -4.248  17.304  1.00 30.87  ? 205 ARG A CA  1 
ATOM 1657 C C   . ARG A 1 205 ? -1.319  -4.575  16.571  1.00 33.93  ? 205 ARG A C   1 
ATOM 1658 O O   . ARG A 1 205 ? -0.758  -5.624  16.807  1.00 35.09  ? 205 ARG A O   1 
ATOM 1659 C CB  . ARG A 1 205 ? -3.748  -4.913  16.570  1.00 30.06  ? 205 ARG A CB  1 
ATOM 1660 C CG  . ARG A 1 205 ? -5.069  -4.724  17.268  1.00 28.20  ? 205 ARG A CG  1 
ATOM 1661 C CD  . ARG A 1 205 ? -5.828  -6.030  17.247  1.00 29.59  ? 205 ARG A CD  1 
ATOM 1662 N NE  . ARG A 1 205 ? -6.722  -6.100  16.085  1.00 30.19  ? 205 ARG A NE  1 
ATOM 1663 C CZ  . ARG A 1 205 ? -6.782  -7.137  15.247  1.00 28.98  ? 205 ARG A CZ  1 
ATOM 1664 N NH1 . ARG A 1 205 ? -6.035  -8.222  15.436  1.00 28.31  ? 205 ARG A NH1 1 
ATOM 1665 N NH2 . ARG A 1 205 ? -7.635  -7.109  14.258  1.00 29.72  ? 205 ARG A NH2 1 
ATOM 1666 N N   . ALA A 1 206 ? -0.912  -3.742  15.620  1.00 32.38  ? 206 ALA A N   1 
ATOM 1667 C CA  . ALA A 1 206 ? 0.363   -3.909  14.980  1.00 32.37  ? 206 ALA A CA  1 
ATOM 1668 C C   . ALA A 1 206 ? 1.467   -3.567  15.946  1.00 33.30  ? 206 ALA A C   1 
ATOM 1669 O O   . ALA A 1 206 ? 2.451   -4.243  16.002  1.00 32.40  ? 206 ALA A O   1 
ATOM 1670 C CB  . ALA A 1 206 ? 0.471   -3.001  13.783  1.00 33.95  ? 206 ALA A CB  1 
ATOM 1671 N N   . ASN A 1 207 ? 1.329   -2.499  16.706  1.00 30.60  ? 207 ASN A N   1 
ATOM 1672 C CA  . ASN A 1 207 ? 2.450   -2.163  17.517  1.00 30.73  ? 207 ASN A CA  1 
ATOM 1673 C C   . ASN A 1 207 ? 2.683   -3.291  18.483  1.00 34.25  ? 207 ASN A C   1 
ATOM 1674 O O   . ASN A 1 207 ? 3.789   -3.552  18.868  1.00 36.88  ? 207 ASN A O   1 
ATOM 1675 C CB  . ASN A 1 207 ? 2.198   -0.891  18.272  1.00 29.08  ? 207 ASN A CB  1 
ATOM 1676 C CG  . ASN A 1 207 ? 2.617   0.326   17.490  1.00 27.99  ? 207 ASN A CG  1 
ATOM 1677 O OD1 . ASN A 1 207 ? 3.415   0.204   16.574  1.00 27.15  ? 207 ASN A OD1 1 
ATOM 1678 N ND2 . ASN A 1 207 ? 2.109   1.510   17.855  1.00 24.88  ? 207 ASN A ND2 1 
ATOM 1679 N N   . ALA A 1 208 ? 1.624   -3.987  18.858  1.00 34.43  ? 208 ALA A N   1 
ATOM 1680 C CA  . ALA A 1 208 ? 1.730   -5.068  19.813  1.00 31.58  ? 208 ALA A CA  1 
ATOM 1681 C C   . ALA A 1 208 ? 2.518   -6.202  19.248  1.00 32.51  ? 208 ALA A C   1 
ATOM 1682 O O   . ALA A 1 208 ? 3.165   -6.906  19.974  1.00 33.37  ? 208 ALA A O   1 
ATOM 1683 C CB  . ALA A 1 208 ? 0.360   -5.576  20.107  1.00 29.46  ? 208 ALA A CB  1 
ATOM 1684 N N   . TYR A 1 209 ? 2.351   -6.430  17.952  1.00 30.62  ? 209 TYR A N   1 
ATOM 1685 C CA  . TYR A 1 209 ? 3.083   -7.454  17.259  1.00 31.03  ? 209 TYR A CA  1 
ATOM 1686 C C   . TYR A 1 209 ? 4.544   -7.103  17.114  1.00 31.98  ? 209 TYR A C   1 
ATOM 1687 O O   . TYR A 1 209 ? 5.371   -7.955  17.121  1.00 35.29  ? 209 TYR A O   1 
ATOM 1688 C CB  . TYR A 1 209 ? 2.453   -7.706  15.918  1.00 28.19  ? 209 TYR A CB  1 
ATOM 1689 C CG  . TYR A 1 209 ? 1.192   -8.512  16.031  1.00 29.71  ? 209 TYR A CG  1 
ATOM 1690 C CD1 . TYR A 1 209 ? 1.115   -9.626  16.880  1.00 31.66  ? 209 TYR A CD1 1 
ATOM 1691 C CD2 . TYR A 1 209 ? 0.080   -8.174  15.315  1.00 27.28  ? 209 TYR A CD2 1 
ATOM 1692 C CE1 . TYR A 1 209 ? -0.031  -10.381 16.976  1.00 27.81  ? 209 TYR A CE1 1 
ATOM 1693 C CE2 . TYR A 1 209 ? -1.069  -8.911  15.424  1.00 26.01  ? 209 TYR A CE2 1 
ATOM 1694 C CZ  . TYR A 1 209 ? -1.112  -9.994  16.227  1.00 26.64  ? 209 TYR A CZ  1 
ATOM 1695 O OH  . TYR A 1 209 ? -2.297  -10.626 16.229  1.00 26.58  ? 209 TYR A OH  1 
ATOM 1696 N N   . LEU A 1 210 ? 4.833   -5.819  17.016  1.00 35.34  ? 210 LEU A N   1 
ATOM 1697 C CA  . LEU A 1 210 ? 6.165   -5.273  17.130  1.00 35.84  ? 210 LEU A CA  1 
ATOM 1698 C C   . LEU A 1 210 ? 6.754   -5.330  18.552  1.00 41.44  ? 210 LEU A C   1 
ATOM 1699 O O   . LEU A 1 210 ? 7.937   -5.614  18.690  1.00 38.59  ? 210 LEU A O   1 
ATOM 1700 C CB  . LEU A 1 210 ? 6.153   -3.845  16.597  1.00 35.00  ? 210 LEU A CB  1 
ATOM 1701 C CG  . LEU A 1 210 ? 5.879   -3.851  15.078  1.00 33.92  ? 210 LEU A CG  1 
ATOM 1702 C CD1 . LEU A 1 210 ? 5.684   -2.499  14.414  1.00 35.34  ? 210 LEU A CD1 1 
ATOM 1703 C CD2 . LEU A 1 210 ? 7.006   -4.506  14.352  1.00 30.79  ? 210 LEU A CD2 1 
ATOM 1704 N N   . GLU A 1 211 ? 5.941   -5.087  19.592  1.00 44.11  ? 211 GLU A N   1 
ATOM 1705 C CA  . GLU A 1 211 ? 6.373   -5.082  20.991  1.00 42.70  ? 211 GLU A CA  1 
ATOM 1706 C C   . GLU A 1 211 ? 6.896   -6.458  21.284  1.00 44.82  ? 211 GLU A C   1 
ATOM 1707 O O   . GLU A 1 211 ? 7.856   -6.623  22.008  1.00 47.67  ? 211 GLU A O   1 
ATOM 1708 C CB  . GLU A 1 211 ? 5.161   -4.811  21.866  1.00 45.15  ? 211 GLU A CB  1 
ATOM 1709 C CG  . GLU A 1 211 ? 5.014   -5.541  23.237  1.00 53.70  ? 211 GLU A CG  1 
ATOM 1710 C CD  . GLU A 1 211 ? 3.521   -5.873  23.655  1.00 61.30  ? 211 GLU A CD  1 
ATOM 1711 O OE1 . GLU A 1 211 ? 2.666   -4.939  23.801  1.00 53.19  ? 211 GLU A OE1 1 
ATOM 1712 O OE2 . GLU A 1 211 ? 3.190   -7.092  23.838  1.00 56.79  ? 211 GLU A OE2 1 
ATOM 1713 N N   . LYS A 1 212 ? 6.212   -7.428  20.698  1.00 42.39  ? 212 LYS A N   1 
ATOM 1714 C CA  . LYS A 1 212 ? 6.436   -8.839  20.851  1.00 42.72  ? 212 LYS A CA  1 
ATOM 1715 C C   . LYS A 1 212 ? 7.672   -9.433  20.171  1.00 44.09  ? 212 LYS A C   1 
ATOM 1716 O O   . LYS A 1 212 ? 8.144   -10.495 20.581  1.00 42.54  ? 212 LYS A O   1 
ATOM 1717 C CB  . LYS A 1 212 ? 5.242   -9.523  20.240  1.00 44.88  ? 212 LYS A CB  1 
ATOM 1718 C CG  . LYS A 1 212 ? 4.984   -10.894 20.799  1.00 45.65  ? 212 LYS A CG  1 
ATOM 1719 C CD  . LYS A 1 212 ? 3.550   -11.290 20.551  1.00 50.71  ? 212 LYS A CD  1 
ATOM 1720 C CE  . LYS A 1 212 ? 3.228   -11.229 19.070  1.00 51.50  ? 212 LYS A CE  1 
ATOM 1721 N NZ  . LYS A 1 212 ? 1.817   -11.595 18.736  1.00 52.59  ? 212 LYS A NZ  1 
ATOM 1722 N N   . MET A 1 213 ? 8.132   -8.799  19.095  1.00 42.05  ? 213 MET A N   1 
ATOM 1723 C CA  . MET A 1 213 ? 9.309   -9.240  18.346  1.00 43.42  ? 213 MET A CA  1 
ATOM 1724 C C   . MET A 1 213 ? 10.581  -8.424  18.675  1.00 45.63  ? 213 MET A C   1 
ATOM 1725 O O   . MET A 1 213 ? 11.633  -8.615  18.080  1.00 56.98  ? 213 MET A O   1 
ATOM 1726 C CB  . MET A 1 213 ? 9.033   -9.118  16.859  1.00 44.07  ? 213 MET A CB  1 
ATOM 1727 C CG  . MET A 1 213 ? 7.865   -9.924  16.377  1.00 47.01  ? 213 MET A CG  1 
ATOM 1728 S SD  . MET A 1 213 ? 7.889   -9.898  14.580  1.00 54.80  ? 213 MET A SD  1 
ATOM 1729 C CE  . MET A 1 213 ? 7.347   -8.261  14.218  1.00 44.53  ? 213 MET A CE  1 
ATOM 1730 N N   . GLY A 1 214 ? 10.478  -7.509  19.615  1.00 40.66  ? 214 GLY A N   1 
ATOM 1731 C CA  . GLY A 1 214 ? 11.600  -6.691  20.011  1.00 40.71  ? 214 GLY A CA  1 
ATOM 1732 C C   . GLY A 1 214 ? 11.851  -5.533  19.082  1.00 39.17  ? 214 GLY A C   1 
ATOM 1733 O O   . GLY A 1 214 ? 12.932  -4.980  19.111  1.00 39.21  ? 214 GLY A O   1 
ATOM 1734 N N   . GLU A 1 215 ? 10.853  -5.168  18.276  1.00 37.97  ? 215 GLU A N   1 
ATOM 1735 C CA  . GLU A 1 215 ? 10.970  -4.072  17.313  1.00 37.72  ? 215 GLU A CA  1 
ATOM 1736 C C   . GLU A 1 215 ? 10.335  -2.796  17.828  1.00 35.05  ? 215 GLU A C   1 
ATOM 1737 O O   . GLU A 1 215 ? 9.379   -2.844  18.615  1.00 40.40  ? 215 GLU A O   1 
ATOM 1738 C CB  . GLU A 1 215 ? 10.320  -4.451  15.982  1.00 40.20  ? 215 GLU A CB  1 
ATOM 1739 C CG  . GLU A 1 215 ? 10.912  -5.661  15.276  1.00 46.75  ? 215 GLU A CG  1 
ATOM 1740 C CD  . GLU A 1 215 ? 12.267  -5.377  14.639  1.00 54.32  ? 215 GLU A CD  1 
ATOM 1741 O OE1 . GLU A 1 215 ? 12.629  -4.190  14.409  1.00 57.98  ? 215 GLU A OE1 1 
ATOM 1742 O OE2 . GLU A 1 215 ? 12.984  -6.356  14.336  1.00 59.15  ? 215 GLU A OE2 1 
ATOM 1743 N N   . ALA A 1 216 ? 10.846  -1.654  17.360  1.00 30.03  ? 216 ALA A N   1 
ATOM 1744 C CA  . ALA A 1 216 ? 10.269  -0.358  17.667  1.00 26.10  ? 216 ALA A CA  1 
ATOM 1745 C C   . ALA A 1 216 ? 8.897   -0.213  17.026  1.00 26.58  ? 216 ALA A C   1 
ATOM 1746 O O   . ALA A 1 216 ? 8.664   -0.624  15.901  1.00 22.62  ? 216 ALA A O   1 
ATOM 1747 C CB  . ALA A 1 216 ? 11.182  0.739   17.179  1.00 27.09  ? 216 ALA A CB  1 
ATOM 1748 N N   . PRO A 1 217 ? 7.953   0.362   17.759  1.00 29.18  ? 217 PRO A N   1 
ATOM 1749 C CA  . PRO A 1 217 ? 6.618   0.548   17.194  1.00 27.48  ? 217 PRO A CA  1 
ATOM 1750 C C   . PRO A 1 217 ? 6.581   1.670   16.180  1.00 26.99  ? 217 PRO A C   1 
ATOM 1751 O O   . PRO A 1 217 ? 7.513   2.464   16.105  1.00 26.21  ? 217 PRO A O   1 
ATOM 1752 C CB  . PRO A 1 217 ? 5.792   0.943   18.435  1.00 26.83  ? 217 PRO A CB  1 
ATOM 1753 C CG  . PRO A 1 217 ? 6.794   1.454   19.434  1.00 25.42  ? 217 PRO A CG  1 
ATOM 1754 C CD  . PRO A 1 217 ? 7.955   0.520   19.227  1.00 27.62  ? 217 PRO A CD  1 
ATOM 1755 N N   . ILE A 1 218 ? 5.502   1.752   15.423  1.00 27.99  ? 218 ILE A N   1 
ATOM 1756 C CA  . ILE A 1 218 ? 5.300   2.880   14.507  1.00 31.40  ? 218 ILE A CA  1 
ATOM 1757 C C   . ILE A 1 218 ? 4.722   4.069   15.315  1.00 34.28  ? 218 ILE A C   1 
ATOM 1758 O O   . ILE A 1 218 ? 3.838   3.883   16.162  1.00 31.64  ? 218 ILE A O   1 
ATOM 1759 C CB  . ILE A 1 218 ? 4.307   2.484   13.393  1.00 29.77  ? 218 ILE A CB  1 
ATOM 1760 C CG1 . ILE A 1 218 ? 4.707   1.183   12.709  1.00 30.43  ? 218 ILE A CG1 1 
ATOM 1761 C CG2 . ILE A 1 218 ? 4.129   3.558   12.370  1.00 30.54  ? 218 ILE A CG2 1 
ATOM 1762 C CD1 . ILE A 1 218 ? 6.065   1.132   12.041  1.00 34.04  ? 218 ILE A CD1 1 
ATOM 1763 N N   . ASP A 1 219 ? 5.225   5.274   15.060  1.00 37.38  ? 219 ASP A N   1 
ATOM 1764 C CA  . ASP A 1 219 ? 4.527   6.508   15.443  1.00 44.54  ? 219 ASP A CA  1 
ATOM 1765 C C   . ASP A 1 219 ? 3.498   6.793   14.344  1.00 48.59  ? 219 ASP A C   1 
ATOM 1766 O O   . ASP A 1 219 ? 3.840   7.310   13.266  1.00 51.81  ? 219 ASP A O   1 
ATOM 1767 C CB  . ASP A 1 219 ? 5.503   7.681   15.566  1.00 44.25  ? 219 ASP A CB  1 
ATOM 1768 C CG  . ASP A 1 219 ? 4.815   8.998   15.875  1.00 50.00  ? 219 ASP A CG  1 
ATOM 1769 O OD1 . ASP A 1 219 ? 3.572   9.037   16.097  1.00 53.52  ? 219 ASP A OD1 1 
ATOM 1770 O OD2 . ASP A 1 219 ? 5.514   10.037  15.876  1.00 59.96  ? 219 ASP A OD2 1 
ATOM 1771 N N   . TRP A 1 220 ? 2.253   6.435   14.637  1.00 41.68  ? 220 TRP A N   1 
ATOM 1772 C CA  . TRP A 1 220 ? 1.208   6.327   13.661  1.00 34.80  ? 220 TRP A CA  1 
ATOM 1773 C C   . TRP A 1 220 ? 0.533   7.656   13.527  1.00 34.99  ? 220 TRP A C   1 
ATOM 1774 O O   . TRP A 1 220 ? -0.492  7.775   12.892  1.00 38.55  ? 220 TRP A O   1 
ATOM 1775 C CB  . TRP A 1 220 ? 0.156   5.367   14.173  1.00 33.51  ? 220 TRP A CB  1 
ATOM 1776 C CG  . TRP A 1 220 ? 0.378   3.933   13.944  1.00 33.03  ? 220 TRP A CG  1 
ATOM 1777 C CD1 . TRP A 1 220 ? 0.499   2.987   14.879  1.00 33.52  ? 220 TRP A CD1 1 
ATOM 1778 C CD2 . TRP A 1 220 ? 0.401   3.256   12.695  1.00 35.76  ? 220 TRP A CD2 1 
ATOM 1779 N NE1 . TRP A 1 220 ? 0.644   1.760   14.302  1.00 33.13  ? 220 TRP A NE1 1 
ATOM 1780 C CE2 . TRP A 1 220 ? 0.590   1.895   12.962  1.00 33.09  ? 220 TRP A CE2 1 
ATOM 1781 C CE3 . TRP A 1 220 ? 0.318   3.676   11.377  1.00 38.88  ? 220 TRP A CE3 1 
ATOM 1782 C CZ2 . TRP A 1 220 ? 0.681   0.955   11.993  1.00 35.72  ? 220 TRP A CZ2 1 
ATOM 1783 C CZ3 . TRP A 1 220 ? 0.425   2.734   10.384  1.00 42.08  ? 220 TRP A CZ3 1 
ATOM 1784 C CH2 . TRP A 1 220 ? 0.598   1.377   10.702  1.00 41.71  ? 220 TRP A CH2 1 
ATOM 1785 N N   . CYS A 1 221 ? 1.064   8.660   14.173  1.00 35.54  ? 221 CYS A N   1 
ATOM 1786 C CA  . CYS A 1 221 ? 0.404   9.938   14.223  1.00 38.33  ? 221 CYS A CA  1 
ATOM 1787 C C   . CYS A 1 221 ? 1.045   10.758  13.204  1.00 38.00  ? 221 CYS A C   1 
ATOM 1788 O O   . CYS A 1 221 ? 2.259   10.804  13.178  1.00 41.37  ? 221 CYS A O   1 
ATOM 1789 C CB  . CYS A 1 221 ? 0.745   10.620  15.539  1.00 42.37  ? 221 CYS A CB  1 
ATOM 1790 S SG  . CYS A 1 221 ? -0.381  10.193  16.899  1.00 50.28  ? 221 CYS A SG  1 
ATOM 1791 N N   . ILE A 1 222 ? 0.280   11.458  12.386  1.00 36.69  ? 222 ILE A N   1 
ATOM 1792 C CA  . ILE A 1 222 ? 0.914   12.435  11.506  1.00 37.51  ? 222 ILE A CA  1 
ATOM 1793 C C   . ILE A 1 222 ? 0.770   13.846  12.033  1.00 40.08  ? 222 ILE A C   1 
ATOM 1794 O O   . ILE A 1 222 ? -0.244  14.199  12.678  1.00 38.90  ? 222 ILE A O   1 
ATOM 1795 C CB  . ILE A 1 222 ? 0.419   12.417  10.044  1.00 36.03  ? 222 ILE A CB  1 
ATOM 1796 C CG1 . ILE A 1 222 ? -0.177  11.086  9.646   1.00 34.93  ? 222 ILE A CG1 1 
ATOM 1797 C CG2 . ILE A 1 222 ? 1.634   12.462  9.169   1.00 36.53  ? 222 ILE A CG2 1 
ATOM 1798 C CD1 . ILE A 1 222 ? 0.913   10.194  9.134   1.00 30.12  ? 222 ILE A CD1 1 
ATOM 1799 N N   . LYS A 1 223 ? 1.779   14.654  11.726  1.00 41.73  ? 223 LYS A N   1 
ATOM 1800 C CA  . LYS A 1 223 ? 1.842   16.033  12.215  1.00 45.58  ? 223 LYS A CA  1 
ATOM 1801 C C   . LYS A 1 223 ? 1.433   16.951  11.121  1.00 43.80  ? 223 LYS A C   1 
ATOM 1802 O O   . LYS A 1 223 ? 1.759   16.701  9.960   1.00 44.56  ? 223 LYS A O   1 
ATOM 1803 C CB  . LYS A 1 223 ? 3.268   16.398  12.624  1.00 47.68  ? 223 LYS A CB  1 
ATOM 1804 C CG  . LYS A 1 223 ? 4.033   15.237  13.162  1.00 50.49  ? 223 LYS A CG  1 
ATOM 1805 C CD  . LYS A 1 223 ? 3.404   14.816  14.487  1.00 56.59  ? 223 LYS A CD  1 
ATOM 1806 C CE  . LYS A 1 223 ? 4.474   14.199  15.343  1.00 58.25  ? 223 LYS A CE  1 
ATOM 1807 N NZ  . LYS A 1 223 ? 5.548   15.218  15.442  1.00 54.43  ? 223 LYS A NZ  1 
ATOM 1808 N N   . ASP A 1 224 ? 0.759   18.027  11.492  1.00 43.28  ? 224 ASP A N   1 
ATOM 1809 C CA  . ASP A 1 224 ? 0.244   18.937  10.498  1.00 48.62  ? 224 ASP A CA  1 
ATOM 1810 C C   . ASP A 1 224 ? 1.404   19.503  9.718   1.00 50.94  ? 224 ASP A C   1 
ATOM 1811 O O   . ASP A 1 224 ? 2.517   19.620  10.235  1.00 53.92  ? 224 ASP A O   1 
ATOM 1812 C CB  . ASP A 1 224 ? -0.461  20.100  11.177  1.00 49.99  ? 224 ASP A CB  1 
ATOM 1813 C CG  . ASP A 1 224 ? -1.432  19.653  12.237  1.00 50.29  ? 224 ASP A CG  1 
ATOM 1814 O OD1 . ASP A 1 224 ? -1.611  18.429  12.422  1.00 55.30  ? 224 ASP A OD1 1 
ATOM 1815 O OD2 . ASP A 1 224 ? -2.035  20.535  12.877  1.00 47.49  ? 224 ASP A OD2 1 
ATOM 1816 N N   . LEU A 1 225 ? 1.132   19.892  8.489   1.00 52.70  ? 225 LEU A N   1 
ATOM 1817 C CA  . LEU A 1 225 ? 1.979   20.868  7.809   1.00 59.42  ? 225 LEU A CA  1 
ATOM 1818 C C   . LEU A 1 225 ? 2.195   22.104  8.680   1.00 62.96  ? 225 LEU A C   1 
ATOM 1819 O O   . LEU A 1 225 ? 1.381   23.036  8.666   1.00 58.54  ? 225 LEU A O   1 
ATOM 1820 C CB  . LEU A 1 225 ? 1.308   21.315  6.545   1.00 57.33  ? 225 LEU A CB  1 
ATOM 1821 C CG  . LEU A 1 225 ? 1.113   20.091  5.725   1.00 55.59  ? 225 LEU A CG  1 
ATOM 1822 C CD1 . LEU A 1 225 ? 0.982   20.588  4.320   1.00 55.19  ? 225 LEU A CD1 1 
ATOM 1823 C CD2 . LEU A 1 225 ? 2.369   19.264  5.937   1.00 58.32  ? 225 LEU A CD2 1 
# 
